data_3H1G
# 
_entry.id   3H1G 
# 
_audit_conform.dict_name       mmcif_pdbx.dic 
_audit_conform.dict_version    5.380 
_audit_conform.dict_location   http://mmcif.pdb.org/dictionaries/ascii/mmcif_pdbx.dic 
# 
loop_
_database_2.database_id 
_database_2.database_code 
_database_2.pdbx_database_accession 
_database_2.pdbx_DOI 
PDB   3H1G         pdb_00003h1g 10.2210/pdb3h1g/pdb 
RCSB  RCSB052571   ?            ?                   
WWPDB D_1000052571 ?            ?                   
# 
loop_
_pdbx_database_related.db_name 
_pdbx_database_related.db_id 
_pdbx_database_related.details 
_pdbx_database_related.content_type 
PDB 3GWG . unspecified 
PDB 3H1E . unspecified 
PDB 3H1F . unspecified 
# 
_pdbx_database_status.status_code                     REL 
_pdbx_database_status.entry_id                        3H1G 
_pdbx_database_status.recvd_initial_deposition_date   2009-04-12 
_pdbx_database_status.deposit_site                    RCSB 
_pdbx_database_status.process_site                    PDBJ 
_pdbx_database_status.status_code_sf                  REL 
_pdbx_database_status.status_code_mr                  ? 
_pdbx_database_status.SG_entry                        ? 
_pdbx_database_status.pdb_format_compatible           Y 
_pdbx_database_status.status_code_cs                  ? 
_pdbx_database_status.status_code_nmr_data            ? 
_pdbx_database_status.methods_development_category    ? 
# 
loop_
_audit_author.name 
_audit_author.pdbx_ordinal 
'Lam, K.H.'  1 
'Ling, T.K.' 2 
'Au, S.W.'   3 
# 
_citation.id                        primary 
_citation.title                     'Crystal structure of activated CheY1 from Helicobacter pylori.' 
_citation.journal_abbrev            J.Bacteriol. 
_citation.journal_volume            192 
_citation.page_first                2324 
_citation.page_last                 2334 
_citation.year                      2010 
_citation.journal_id_ASTM           JOBAAY 
_citation.country                   US 
_citation.journal_id_ISSN           0021-9193 
_citation.journal_id_CSD            0767 
_citation.book_publisher            ? 
_citation.pdbx_database_id_PubMed   20207758 
_citation.pdbx_database_id_DOI      10.1128/JB.00603-09 
# 
loop_
_citation_author.citation_id 
_citation_author.name 
_citation_author.ordinal 
_citation_author.identifier_ORCID 
primary 'Lam, K.H.'  1 ? 
primary 'Ling, T.K.' 2 ? 
primary 'Au, S.W.'   3 ? 
# 
_cell.entry_id           3H1G 
_cell.length_a           70.409 
_cell.length_b           38.062 
_cell.length_c           39.020 
_cell.angle_alpha        90.00 
_cell.angle_beta         107.58 
_cell.angle_gamma        90.00 
_cell.Z_PDB              4 
_cell.pdbx_unique_axis   ? 
_cell.length_a_esd       ? 
_cell.length_b_esd       ? 
_cell.length_c_esd       ? 
_cell.angle_alpha_esd    ? 
_cell.angle_beta_esd     ? 
_cell.angle_gamma_esd    ? 
# 
_symmetry.entry_id                         3H1G 
_symmetry.space_group_name_H-M             'C 1 2 1' 
_symmetry.pdbx_full_space_group_name_H-M   ? 
_symmetry.cell_setting                     ? 
_symmetry.Int_Tables_number                5 
_symmetry.space_group_name_Hall            ? 
# 
loop_
_entity.id 
_entity.type 
_entity.src_method 
_entity.pdbx_description 
_entity.formula_weight 
_entity.pdbx_number_of_molecules 
_entity.pdbx_ec 
_entity.pdbx_mutation 
_entity.pdbx_fragment 
_entity.details 
1 polymer     man 'Chemotaxis protein cheY homolog' 14314.566 1   ? T84A ? ? 
2 non-polymer syn 'SULFATE ION'                     96.063    2   ? ?    ? ? 
3 non-polymer syn 'MAGNESIUM ION'                   24.305    2   ? ?    ? ? 
4 water       nat water                             18.015    131 ? ?    ? ? 
# 
_entity_name_com.entity_id   1 
_entity_name_com.name        'chemotaxis protein chey1' 
# 
_entity_poly.entity_id                      1 
_entity_poly.type                           'polypeptide(L)' 
_entity_poly.nstd_linkage                   no 
_entity_poly.nstd_monomer                   no 
_entity_poly.pdbx_seq_one_letter_code       
;GPLGSMKLLVVDDSSTMRRIIKNTLSRLGYEDVLEAEHGVEAWEKLDANADTKVLITDWNMPEMNGLDLVKKVRSDSRFK
EIPIIMITAEGGKAEVITALKAGVNNYIVKPFTPQVLKEKLEVVLGTND
;
_entity_poly.pdbx_seq_one_letter_code_can   
;GPLGSMKLLVVDDSSTMRRIIKNTLSRLGYEDVLEAEHGVEAWEKLDANADTKVLITDWNMPEMNGLDLVKKVRSDSRFK
EIPIIMITAEGGKAEVITALKAGVNNYIVKPFTPQVLKEKLEVVLGTND
;
_entity_poly.pdbx_strand_id                 A 
_entity_poly.pdbx_target_identifier         ? 
# 
loop_
_entity_poly_seq.entity_id 
_entity_poly_seq.num 
_entity_poly_seq.mon_id 
_entity_poly_seq.hetero 
1 1   GLY n 
1 2   PRO n 
1 3   LEU n 
1 4   GLY n 
1 5   SER n 
1 6   MET n 
1 7   LYS n 
1 8   LEU n 
1 9   LEU n 
1 10  VAL n 
1 11  VAL n 
1 12  ASP n 
1 13  ASP n 
1 14  SER n 
1 15  SER n 
1 16  THR n 
1 17  MET n 
1 18  ARG n 
1 19  ARG n 
1 20  ILE n 
1 21  ILE n 
1 22  LYS n 
1 23  ASN n 
1 24  THR n 
1 25  LEU n 
1 26  SER n 
1 27  ARG n 
1 28  LEU n 
1 29  GLY n 
1 30  TYR n 
1 31  GLU n 
1 32  ASP n 
1 33  VAL n 
1 34  LEU n 
1 35  GLU n 
1 36  ALA n 
1 37  GLU n 
1 38  HIS n 
1 39  GLY n 
1 40  VAL n 
1 41  GLU n 
1 42  ALA n 
1 43  TRP n 
1 44  GLU n 
1 45  LYS n 
1 46  LEU n 
1 47  ASP n 
1 48  ALA n 
1 49  ASN n 
1 50  ALA n 
1 51  ASP n 
1 52  THR n 
1 53  LYS n 
1 54  VAL n 
1 55  LEU n 
1 56  ILE n 
1 57  THR n 
1 58  ASP n 
1 59  TRP n 
1 60  ASN n 
1 61  MET n 
1 62  PRO n 
1 63  GLU n 
1 64  MET n 
1 65  ASN n 
1 66  GLY n 
1 67  LEU n 
1 68  ASP n 
1 69  LEU n 
1 70  VAL n 
1 71  LYS n 
1 72  LYS n 
1 73  VAL n 
1 74  ARG n 
1 75  SER n 
1 76  ASP n 
1 77  SER n 
1 78  ARG n 
1 79  PHE n 
1 80  LYS n 
1 81  GLU n 
1 82  ILE n 
1 83  PRO n 
1 84  ILE n 
1 85  ILE n 
1 86  MET n 
1 87  ILE n 
1 88  THR n 
1 89  ALA n 
1 90  GLU n 
1 91  GLY n 
1 92  GLY n 
1 93  LYS n 
1 94  ALA n 
1 95  GLU n 
1 96  VAL n 
1 97  ILE n 
1 98  THR n 
1 99  ALA n 
1 100 LEU n 
1 101 LYS n 
1 102 ALA n 
1 103 GLY n 
1 104 VAL n 
1 105 ASN n 
1 106 ASN n 
1 107 TYR n 
1 108 ILE n 
1 109 VAL n 
1 110 LYS n 
1 111 PRO n 
1 112 PHE n 
1 113 THR n 
1 114 PRO n 
1 115 GLN n 
1 116 VAL n 
1 117 LEU n 
1 118 LYS n 
1 119 GLU n 
1 120 LYS n 
1 121 LEU n 
1 122 GLU n 
1 123 VAL n 
1 124 VAL n 
1 125 LEU n 
1 126 GLY n 
1 127 THR n 
1 128 ASN n 
1 129 ASP n 
# 
_entity_src_gen.entity_id                          1 
_entity_src_gen.pdbx_src_id                        1 
_entity_src_gen.pdbx_alt_source_flag               sample 
_entity_src_gen.pdbx_seq_type                      ? 
_entity_src_gen.pdbx_beg_seq_num                   ? 
_entity_src_gen.pdbx_end_seq_num                   ? 
_entity_src_gen.gene_src_common_name               ? 
_entity_src_gen.gene_src_genus                     ? 
_entity_src_gen.pdbx_gene_src_gene                 cheY 
_entity_src_gen.gene_src_species                   ? 
_entity_src_gen.gene_src_strain                    26695 
_entity_src_gen.gene_src_tissue                    ? 
_entity_src_gen.gene_src_tissue_fraction           ? 
_entity_src_gen.gene_src_details                   ? 
_entity_src_gen.pdbx_gene_src_fragment             ? 
_entity_src_gen.pdbx_gene_src_scientific_name      'Helicobacter pylori' 
_entity_src_gen.pdbx_gene_src_ncbi_taxonomy_id     85962 
_entity_src_gen.pdbx_gene_src_variant              ? 
_entity_src_gen.pdbx_gene_src_cell_line            ? 
_entity_src_gen.pdbx_gene_src_atcc                 ? 
_entity_src_gen.pdbx_gene_src_organ                ? 
_entity_src_gen.pdbx_gene_src_organelle            ? 
_entity_src_gen.pdbx_gene_src_cell                 ? 
_entity_src_gen.pdbx_gene_src_cellular_location    ? 
_entity_src_gen.host_org_common_name               ? 
_entity_src_gen.pdbx_host_org_scientific_name      'Escherichia coli' 
_entity_src_gen.pdbx_host_org_ncbi_taxonomy_id     562 
_entity_src_gen.host_org_genus                     ? 
_entity_src_gen.pdbx_host_org_gene                 ? 
_entity_src_gen.pdbx_host_org_organ                ? 
_entity_src_gen.host_org_species                   ? 
_entity_src_gen.pdbx_host_org_tissue               ? 
_entity_src_gen.pdbx_host_org_tissue_fraction      ? 
_entity_src_gen.pdbx_host_org_strain               BL21 
_entity_src_gen.pdbx_host_org_variant              ? 
_entity_src_gen.pdbx_host_org_cell_line            ? 
_entity_src_gen.pdbx_host_org_atcc                 ? 
_entity_src_gen.pdbx_host_org_culture_collection   ? 
_entity_src_gen.pdbx_host_org_cell                 ? 
_entity_src_gen.pdbx_host_org_organelle            ? 
_entity_src_gen.pdbx_host_org_cellular_location    ? 
_entity_src_gen.pdbx_host_org_vector_type          plasmid 
_entity_src_gen.pdbx_host_org_vector               ? 
_entity_src_gen.host_org_details                   ? 
_entity_src_gen.expression_system_id               ? 
_entity_src_gen.plasmid_name                       pgex-6p-2 
_entity_src_gen.plasmid_details                    ? 
_entity_src_gen.pdbx_description                   ? 
# 
_struct_ref.id                         1 
_struct_ref.db_name                    UNP 
_struct_ref.db_code                    CHEY_HELPY 
_struct_ref.pdbx_db_accession          P71403 
_struct_ref.entity_id                  1 
_struct_ref.pdbx_seq_one_letter_code   
;MKLLVVDDSSTMRRIIKNTLSRLGYEDVLEAEHGVEAWEKLDANADTKVLITDWNMPEMNGLDLVKKVRSDSRFKEIPII
MITTEGGKAEVITALKAGVNNYIVKPFTPQVLKEKLEVVLGTND
;
_struct_ref.pdbx_align_begin           1 
_struct_ref.pdbx_db_isoform            ? 
# 
_struct_ref_seq.align_id                      1 
_struct_ref_seq.ref_id                        1 
_struct_ref_seq.pdbx_PDB_id_code              3H1G 
_struct_ref_seq.pdbx_strand_id                A 
_struct_ref_seq.seq_align_beg                 6 
_struct_ref_seq.pdbx_seq_align_beg_ins_code   ? 
_struct_ref_seq.seq_align_end                 129 
_struct_ref_seq.pdbx_seq_align_end_ins_code   ? 
_struct_ref_seq.pdbx_db_accession             P71403 
_struct_ref_seq.db_align_beg                  1 
_struct_ref_seq.pdbx_db_align_beg_ins_code    ? 
_struct_ref_seq.db_align_end                  124 
_struct_ref_seq.pdbx_db_align_end_ins_code    ? 
_struct_ref_seq.pdbx_auth_seq_align_beg       1 
_struct_ref_seq.pdbx_auth_seq_align_end       124 
# 
loop_
_struct_ref_seq_dif.align_id 
_struct_ref_seq_dif.pdbx_pdb_id_code 
_struct_ref_seq_dif.mon_id 
_struct_ref_seq_dif.pdbx_pdb_strand_id 
_struct_ref_seq_dif.seq_num 
_struct_ref_seq_dif.pdbx_pdb_ins_code 
_struct_ref_seq_dif.pdbx_seq_db_name 
_struct_ref_seq_dif.pdbx_seq_db_accession_code 
_struct_ref_seq_dif.db_mon_id 
_struct_ref_seq_dif.pdbx_seq_db_seq_num 
_struct_ref_seq_dif.details 
_struct_ref_seq_dif.pdbx_auth_seq_num 
_struct_ref_seq_dif.pdbx_ordinal 
1 3H1G GLY A 1  ? UNP P71403 ?   ?  'expression tag'      -4 1 
1 3H1G PRO A 2  ? UNP P71403 ?   ?  'expression tag'      -3 2 
1 3H1G LEU A 3  ? UNP P71403 ?   ?  'expression tag'      -2 3 
1 3H1G GLY A 4  ? UNP P71403 ?   ?  'expression tag'      -1 4 
1 3H1G SER A 5  ? UNP P71403 ?   ?  'expression tag'      0  5 
1 3H1G ALA A 89 ? UNP P71403 THR 84 'engineered mutation' 84 6 
# 
loop_
_chem_comp.id 
_chem_comp.type 
_chem_comp.mon_nstd_flag 
_chem_comp.name 
_chem_comp.pdbx_synonyms 
_chem_comp.formula 
_chem_comp.formula_weight 
ALA 'L-peptide linking' y ALANINE         ? 'C3 H7 N O2'     89.093  
ARG 'L-peptide linking' y ARGININE        ? 'C6 H15 N4 O2 1' 175.209 
ASN 'L-peptide linking' y ASPARAGINE      ? 'C4 H8 N2 O3'    132.118 
ASP 'L-peptide linking' y 'ASPARTIC ACID' ? 'C4 H7 N O4'     133.103 
GLN 'L-peptide linking' y GLUTAMINE       ? 'C5 H10 N2 O3'   146.144 
GLU 'L-peptide linking' y 'GLUTAMIC ACID' ? 'C5 H9 N O4'     147.129 
GLY 'peptide linking'   y GLYCINE         ? 'C2 H5 N O2'     75.067  
HIS 'L-peptide linking' y HISTIDINE       ? 'C6 H10 N3 O2 1' 156.162 
HOH non-polymer         . WATER           ? 'H2 O'           18.015  
ILE 'L-peptide linking' y ISOLEUCINE      ? 'C6 H13 N O2'    131.173 
LEU 'L-peptide linking' y LEUCINE         ? 'C6 H13 N O2'    131.173 
LYS 'L-peptide linking' y LYSINE          ? 'C6 H15 N2 O2 1' 147.195 
MET 'L-peptide linking' y METHIONINE      ? 'C5 H11 N O2 S'  149.211 
MG  non-polymer         . 'MAGNESIUM ION' ? 'Mg 2'           24.305  
PHE 'L-peptide linking' y PHENYLALANINE   ? 'C9 H11 N O2'    165.189 
PRO 'L-peptide linking' y PROLINE         ? 'C5 H9 N O2'     115.130 
SER 'L-peptide linking' y SERINE          ? 'C3 H7 N O3'     105.093 
SO4 non-polymer         . 'SULFATE ION'   ? 'O4 S -2'        96.063  
THR 'L-peptide linking' y THREONINE       ? 'C4 H9 N O3'     119.119 
TRP 'L-peptide linking' y TRYPTOPHAN      ? 'C11 H12 N2 O2'  204.225 
TYR 'L-peptide linking' y TYROSINE        ? 'C9 H11 N O3'    181.189 
VAL 'L-peptide linking' y VALINE          ? 'C5 H11 N O2'    117.146 
# 
_exptl.entry_id          3H1G 
_exptl.method            'X-RAY DIFFRACTION' 
_exptl.crystals_number   1 
# 
_exptl_crystal.id                    1 
_exptl_crystal.density_meas          ? 
_exptl_crystal.density_Matthews      1.792501 
_exptl_crystal.density_percent_sol   31.380779 
_exptl_crystal.description           ? 
_exptl_crystal.F_000                 ? 
_exptl_crystal.preparation           ? 
# 
_exptl_crystal_grow.crystal_id      1 
_exptl_crystal_grow.method          'VAPOR DIFFUSION, HANGING DROP' 
_exptl_crystal_grow.temp            289 
_exptl_crystal_grow.temp_details    ? 
_exptl_crystal_grow.pH              5.0 
_exptl_crystal_grow.pdbx_details    
;0.1M sodium acetate, 35% mpeg2000, 0.05M ammonium sulfate, 1mM Magnesium chloride, pH 5.0, VAPOR DIFFUSION, HANGING DROP, temperature 289K
;
_exptl_crystal_grow.pdbx_pH_range   . 
# 
_diffrn.id                     1 
_diffrn.ambient_temp           100 
_diffrn.ambient_temp_details   ? 
_diffrn.crystal_id             1 
# 
_diffrn_detector.diffrn_id              1 
_diffrn_detector.detector               'IMAGE PLATE' 
_diffrn_detector.type                   'RIGAKU RAXIS IV++' 
_diffrn_detector.pdbx_collection_date   2008-04-07 
_diffrn_detector.details                mirrors 
# 
_diffrn_radiation.diffrn_id                        1 
_diffrn_radiation.wavelength_id                    1 
_diffrn_radiation.pdbx_monochromatic_or_laue_m_l   M 
_diffrn_radiation.monochromator                    varimax 
_diffrn_radiation.pdbx_diffrn_protocol             'SINGLE WAVELENGTH' 
_diffrn_radiation.pdbx_scattering_type             x-ray 
# 
_diffrn_radiation_wavelength.id           1 
_diffrn_radiation_wavelength.wavelength   1.54 
_diffrn_radiation_wavelength.wt           1.0 
# 
_diffrn_source.diffrn_id                   1 
_diffrn_source.source                      'ROTATING ANODE' 
_diffrn_source.type                        'RIGAKU MICROMAX-007' 
_diffrn_source.pdbx_synchrotron_site       ? 
_diffrn_source.pdbx_synchrotron_beamline   ? 
_diffrn_source.pdbx_wavelength             ? 
_diffrn_source.pdbx_wavelength_list        1.54 
# 
_reflns.entry_id                     3H1G 
_reflns.observed_criterion_sigma_I   1.0 
_reflns.observed_criterion_sigma_F   1.0 
_reflns.d_resolution_low             23.08 
_reflns.d_resolution_high            1.7 
_reflns.number_obs                   10972 
_reflns.number_all                   ? 
_reflns.percent_possible_obs         99.9 
_reflns.pdbx_Rmerge_I_obs            0.033 
_reflns.pdbx_Rsym_value              ? 
_reflns.pdbx_netI_over_sigmaI        14.2 
_reflns.B_iso_Wilson_estimate        ? 
_reflns.pdbx_redundancy              3.48 
_reflns.R_free_details               ? 
_reflns.limit_h_max                  ? 
_reflns.limit_h_min                  ? 
_reflns.limit_k_max                  ? 
_reflns.limit_k_min                  ? 
_reflns.limit_l_max                  ? 
_reflns.limit_l_min                  ? 
_reflns.observed_criterion_F_max     ? 
_reflns.observed_criterion_F_min     ? 
_reflns.pdbx_chi_squared             ? 
_reflns.pdbx_scaling_rejects         ? 
_reflns.pdbx_diffrn_id               1 
_reflns.pdbx_ordinal                 1 
# 
_reflns_shell.d_res_high             1.7 
_reflns_shell.d_res_low              1.76 
_reflns_shell.percent_possible_all   ? 
_reflns_shell.Rmerge_I_obs           0.199 
_reflns_shell.pdbx_Rsym_value        ? 
_reflns_shell.meanI_over_sigI_obs    5.2 
_reflns_shell.pdbx_redundancy        3.34 
_reflns_shell.percent_possible_obs   ? 
_reflns_shell.number_unique_all      ? 
_reflns_shell.number_measured_all    ? 
_reflns_shell.number_measured_obs    ? 
_reflns_shell.number_unique_obs      ? 
_reflns_shell.pdbx_chi_squared       ? 
_reflns_shell.pdbx_diffrn_id         ? 
_reflns_shell.pdbx_ordinal           1 
# 
_refine.entry_id                                 3H1G 
_refine.ls_number_reflns_obs                     10437 
_refine.ls_number_reflns_all                     ? 
_refine.pdbx_ls_sigma_I                          ? 
_refine.pdbx_ls_sigma_F                          ? 
_refine.pdbx_data_cutoff_high_absF               ? 
_refine.pdbx_data_cutoff_low_absF                ? 
_refine.pdbx_data_cutoff_high_rms_absF           ? 
_refine.ls_d_res_low                             17.39 
_refine.ls_d_res_high                            1.70 
_refine.ls_percent_reflns_obs                    99.81 
_refine.ls_R_factor_obs                          0.17495 
_refine.ls_R_factor_all                          ? 
_refine.ls_R_factor_R_work                       0.17351 
_refine.ls_R_factor_R_free                       0.20281 
_refine.ls_R_factor_R_free_error                 ? 
_refine.ls_R_factor_R_free_error_details         ? 
_refine.ls_percent_reflns_R_free                 4.8 
_refine.ls_number_reflns_R_free                  527 
_refine.ls_number_parameters                     ? 
_refine.ls_number_restraints                     ? 
_refine.occupancy_min                            ? 
_refine.occupancy_max                            ? 
_refine.correlation_coeff_Fo_to_Fc               0.949 
_refine.correlation_coeff_Fo_to_Fc_free          0.937 
_refine.B_iso_mean                               9.239 
_refine.aniso_B[1][1]                            -0.10 
_refine.aniso_B[2][2]                            0.01 
_refine.aniso_B[3][3]                            0.00 
_refine.aniso_B[1][2]                            0.00 
_refine.aniso_B[1][3]                            -0.13 
_refine.aniso_B[2][3]                            0.00 
_refine.solvent_model_details                    MASK 
_refine.solvent_model_param_ksol                 ? 
_refine.solvent_model_param_bsol                 ? 
_refine.pdbx_solvent_vdw_probe_radii             1.20 
_refine.pdbx_solvent_ion_probe_radii             0.80 
_refine.pdbx_solvent_shrinkage_radii             0.80 
_refine.pdbx_ls_cross_valid_method               THROUGHOUT 
_refine.details                                  'HYDROGENS HAVE BEEN ADDED IN THE RIDING POSITIONS' 
_refine.pdbx_starting_model                      3GWG 
_refine.pdbx_method_to_determine_struct          'MOLECULAR REPLACEMENT' 
_refine.pdbx_isotropic_thermal_model             ? 
_refine.pdbx_stereochemistry_target_values       'MAXIMUM LIKELIHOOD WITH PHASES' 
_refine.pdbx_stereochem_target_val_spec_case     ? 
_refine.pdbx_R_Free_selection_details            RANDOM 
_refine.pdbx_overall_ESU_R                       0.129 
_refine.pdbx_overall_ESU_R_Free                  0.114 
_refine.overall_SU_ML                            0.077 
_refine.overall_SU_B                             2.401 
_refine.ls_redundancy_reflns_obs                 ? 
_refine.B_iso_min                                ? 
_refine.B_iso_max                                ? 
_refine.overall_SU_R_Cruickshank_DPI             ? 
_refine.overall_SU_R_free                        ? 
_refine.ls_wR_factor_R_free                      ? 
_refine.ls_wR_factor_R_work                      ? 
_refine.overall_FOM_free_R_set                   ? 
_refine.overall_FOM_work_R_set                   ? 
_refine.pdbx_refine_id                           'X-RAY DIFFRACTION' 
_refine.pdbx_overall_phase_error                 ? 
_refine.pdbx_diffrn_id                           1 
_refine.pdbx_TLS_residual_ADP_flag               ? 
_refine.pdbx_overall_SU_R_free_Cruickshank_DPI   ? 
_refine.pdbx_overall_SU_R_Blow_DPI               ? 
_refine.pdbx_overall_SU_R_free_Blow_DPI          ? 
# 
_refine_hist.pdbx_refine_id                   'X-RAY DIFFRACTION' 
_refine_hist.cycle_id                         LAST 
_refine_hist.pdbx_number_atoms_protein        964 
_refine_hist.pdbx_number_atoms_nucleic_acid   0 
_refine_hist.pdbx_number_atoms_ligand         12 
_refine_hist.number_atoms_solvent             131 
_refine_hist.number_atoms_total               1107 
_refine_hist.d_res_high                       1.70 
_refine_hist.d_res_low                        17.39 
# 
loop_
_refine_ls_restr.type 
_refine_ls_restr.dev_ideal 
_refine_ls_restr.dev_ideal_target 
_refine_ls_restr.weight 
_refine_ls_restr.number 
_refine_ls_restr.pdbx_refine_id 
_refine_ls_restr.pdbx_restraint_function 
r_bond_refined_d       0.014  0.022  ? 984  'X-RAY DIFFRACTION' ? 
r_angle_refined_deg    1.418  1.995  ? 1330 'X-RAY DIFFRACTION' ? 
r_dihedral_angle_1_deg 5.187  5.000  ? 122  'X-RAY DIFFRACTION' ? 
r_dihedral_angle_2_deg 40.419 25.641 ? 39   'X-RAY DIFFRACTION' ? 
r_dihedral_angle_3_deg 11.189 15.000 ? 194  'X-RAY DIFFRACTION' ? 
r_dihedral_angle_4_deg 20.374 15.000 ? 5    'X-RAY DIFFRACTION' ? 
r_chiral_restr         0.091  0.200  ? 159  'X-RAY DIFFRACTION' ? 
r_gen_planes_refined   0.007  0.021  ? 693  'X-RAY DIFFRACTION' ? 
r_mcbond_it            0.680  1.500  ? 611  'X-RAY DIFFRACTION' ? 
r_mcangle_it           1.187  2.000  ? 994  'X-RAY DIFFRACTION' ? 
r_scbond_it            2.258  3.000  ? 373  'X-RAY DIFFRACTION' ? 
r_scangle_it           3.675  4.500  ? 336  'X-RAY DIFFRACTION' ? 
# 
_refine_ls_shell.pdbx_total_number_of_bins_used   20 
_refine_ls_shell.d_res_high                       1.700 
_refine_ls_shell.d_res_low                        1.744 
_refine_ls_shell.number_reflns_R_work             767 
_refine_ls_shell.R_factor_R_work                  0.333 
_refine_ls_shell.percent_reflns_obs               100.00 
_refine_ls_shell.R_factor_R_free                  0.419 
_refine_ls_shell.R_factor_R_free_error            ? 
_refine_ls_shell.percent_reflns_R_free            ? 
_refine_ls_shell.number_reflns_R_free             36 
_refine_ls_shell.number_reflns_all                ? 
_refine_ls_shell.R_factor_all                     ? 
_refine_ls_shell.number_reflns_obs                ? 
_refine_ls_shell.redundancy_reflns_obs            ? 
_refine_ls_shell.pdbx_refine_id                   'X-RAY DIFFRACTION' 
# 
_struct.entry_id                  3H1G 
_struct.title                     'Crystal structure of Chey mutant T84A of helicobacter pylori' 
_struct.pdbx_model_details        ? 
_struct.pdbx_CASP_flag            ? 
_struct.pdbx_model_type_details   ? 
# 
_struct_keywords.entry_id        3H1G 
_struct_keywords.pdbx_keywords   'SIGNALING PROTEIN' 
_struct_keywords.text            
;chemotaxis, sulfate-bound chey, Cytoplasm, Flagellar rotation, Magnesium, Metal-binding, Phosphoprotein, Two-component regulatory system, SIGNALING PROTEIN
;
# 
loop_
_struct_asym.id 
_struct_asym.pdbx_blank_PDB_chainid_flag 
_struct_asym.pdbx_modified 
_struct_asym.entity_id 
_struct_asym.details 
A N N 1 ? 
B N N 2 ? 
C N N 2 ? 
D N N 3 ? 
E N N 3 ? 
F N N 4 ? 
# 
_struct_biol.id        1 
_struct_biol.details   ? 
# 
loop_
_struct_conf.conf_type_id 
_struct_conf.id 
_struct_conf.pdbx_PDB_helix_id 
_struct_conf.beg_label_comp_id 
_struct_conf.beg_label_asym_id 
_struct_conf.beg_label_seq_id 
_struct_conf.pdbx_beg_PDB_ins_code 
_struct_conf.end_label_comp_id 
_struct_conf.end_label_asym_id 
_struct_conf.end_label_seq_id 
_struct_conf.pdbx_end_PDB_ins_code 
_struct_conf.beg_auth_comp_id 
_struct_conf.beg_auth_asym_id 
_struct_conf.beg_auth_seq_id 
_struct_conf.end_auth_comp_id 
_struct_conf.end_auth_asym_id 
_struct_conf.end_auth_seq_id 
_struct_conf.pdbx_PDB_helix_class 
_struct_conf.details 
_struct_conf.pdbx_PDB_helix_length 
HELX_P HELX_P1 1 SER A 14  ? LEU A 28  ? SER A 9   LEU A 23  1 ? 15 
HELX_P HELX_P2 2 HIS A 38  ? ASN A 49  ? HIS A 33  ASN A 44  1 ? 12 
HELX_P HELX_P3 3 ASN A 65  ? SER A 75  ? ASN A 60  SER A 70  1 ? 11 
HELX_P HELX_P4 4 GLY A 92  ? GLY A 103 ? GLY A 87  GLY A 98  1 ? 12 
HELX_P HELX_P5 5 THR A 113 ? GLY A 126 ? THR A 108 GLY A 121 1 ? 14 
# 
_struct_conf_type.id          HELX_P 
_struct_conf_type.criteria    ? 
_struct_conf_type.reference   ? 
# 
loop_
_struct_conn.id 
_struct_conn.conn_type_id 
_struct_conn.pdbx_leaving_atom_flag 
_struct_conn.pdbx_PDB_id 
_struct_conn.ptnr1_label_asym_id 
_struct_conn.ptnr1_label_comp_id 
_struct_conn.ptnr1_label_seq_id 
_struct_conn.ptnr1_label_atom_id 
_struct_conn.pdbx_ptnr1_label_alt_id 
_struct_conn.pdbx_ptnr1_PDB_ins_code 
_struct_conn.pdbx_ptnr1_standard_comp_id 
_struct_conn.ptnr1_symmetry 
_struct_conn.ptnr2_label_asym_id 
_struct_conn.ptnr2_label_comp_id 
_struct_conn.ptnr2_label_seq_id 
_struct_conn.ptnr2_label_atom_id 
_struct_conn.pdbx_ptnr2_label_alt_id 
_struct_conn.pdbx_ptnr2_PDB_ins_code 
_struct_conn.ptnr1_auth_asym_id 
_struct_conn.ptnr1_auth_comp_id 
_struct_conn.ptnr1_auth_seq_id 
_struct_conn.ptnr2_auth_asym_id 
_struct_conn.ptnr2_auth_comp_id 
_struct_conn.ptnr2_auth_seq_id 
_struct_conn.ptnr2_symmetry 
_struct_conn.pdbx_ptnr3_label_atom_id 
_struct_conn.pdbx_ptnr3_label_seq_id 
_struct_conn.pdbx_ptnr3_label_comp_id 
_struct_conn.pdbx_ptnr3_label_asym_id 
_struct_conn.pdbx_ptnr3_label_alt_id 
_struct_conn.pdbx_ptnr3_PDB_ins_code 
_struct_conn.details 
_struct_conn.pdbx_dist_value 
_struct_conn.pdbx_value_order 
_struct_conn.pdbx_role 
metalc1 metalc ? ? A ASP 13 OD1 ? ? ? 1_555 E MG  . MG ? ? A ASP 8   A MG  128 1_555 ? ? ? ? ? ? ? 2.450 ? ? 
metalc2 metalc ? ? A ASP 58 OD2 ? ? ? 1_555 E MG  . MG ? ? A ASP 53  A MG  128 1_555 ? ? ? ? ? ? ? 2.401 ? ? 
metalc3 metalc ? ? A ASN 60 O   ? ? ? 1_555 E MG  . MG ? ? A ASN 55  A MG  128 1_555 ? ? ? ? ? ? ? 2.253 ? ? 
metalc4 metalc ? ? C SO4 .  O3  ? ? ? 1_555 E MG  . MG ? ? A SO4 126 A MG  128 1_555 ? ? ? ? ? ? ? 2.293 ? ? 
metalc5 metalc ? ? E MG  .  MG  ? ? ? 1_555 F HOH . O  ? ? A MG  128 A HOH 143 1_555 ? ? ? ? ? ? ? 2.422 ? ? 
metalc6 metalc ? ? E MG  .  MG  ? ? ? 1_555 F HOH . O  ? ? A MG  128 A HOH 305 1_555 ? ? ? ? ? ? ? 2.561 ? ? 
# 
_struct_conn_type.id          metalc 
_struct_conn_type.criteria    ? 
_struct_conn_type.reference   ? 
# 
_struct_mon_prot_cis.pdbx_id                1 
_struct_mon_prot_cis.label_comp_id          LYS 
_struct_mon_prot_cis.label_seq_id           110 
_struct_mon_prot_cis.label_asym_id          A 
_struct_mon_prot_cis.label_alt_id           . 
_struct_mon_prot_cis.pdbx_PDB_ins_code      ? 
_struct_mon_prot_cis.auth_comp_id           LYS 
_struct_mon_prot_cis.auth_seq_id            105 
_struct_mon_prot_cis.auth_asym_id           A 
_struct_mon_prot_cis.pdbx_label_comp_id_2   PRO 
_struct_mon_prot_cis.pdbx_label_seq_id_2    111 
_struct_mon_prot_cis.pdbx_label_asym_id_2   A 
_struct_mon_prot_cis.pdbx_PDB_ins_code_2    ? 
_struct_mon_prot_cis.pdbx_auth_comp_id_2    PRO 
_struct_mon_prot_cis.pdbx_auth_seq_id_2     106 
_struct_mon_prot_cis.pdbx_auth_asym_id_2    A 
_struct_mon_prot_cis.pdbx_PDB_model_num     1 
_struct_mon_prot_cis.pdbx_omega_angle       -1.26 
# 
_struct_sheet.id               A 
_struct_sheet.type             ? 
_struct_sheet.number_strands   5 
_struct_sheet.details          ? 
# 
loop_
_struct_sheet_order.sheet_id 
_struct_sheet_order.range_id_1 
_struct_sheet_order.range_id_2 
_struct_sheet_order.offset 
_struct_sheet_order.sense 
A 1 2 ? parallel 
A 2 3 ? parallel 
A 3 4 ? parallel 
A 4 5 ? parallel 
# 
loop_
_struct_sheet_range.sheet_id 
_struct_sheet_range.id 
_struct_sheet_range.beg_label_comp_id 
_struct_sheet_range.beg_label_asym_id 
_struct_sheet_range.beg_label_seq_id 
_struct_sheet_range.pdbx_beg_PDB_ins_code 
_struct_sheet_range.end_label_comp_id 
_struct_sheet_range.end_label_asym_id 
_struct_sheet_range.end_label_seq_id 
_struct_sheet_range.pdbx_end_PDB_ins_code 
_struct_sheet_range.beg_auth_comp_id 
_struct_sheet_range.beg_auth_asym_id 
_struct_sheet_range.beg_auth_seq_id 
_struct_sheet_range.end_auth_comp_id 
_struct_sheet_range.end_auth_asym_id 
_struct_sheet_range.end_auth_seq_id 
A 1 VAL A 33  ? ALA A 36  ? VAL A 28  ALA A 31  
A 2 LEU A 8   ? VAL A 11  ? LEU A 3   VAL A 6   
A 3 VAL A 54  ? THR A 57  ? VAL A 49  THR A 52  
A 4 ILE A 84  ? THR A 88  ? ILE A 79  THR A 83  
A 5 ASN A 106 ? VAL A 109 ? ASN A 101 VAL A 104 
# 
loop_
_pdbx_struct_sheet_hbond.sheet_id 
_pdbx_struct_sheet_hbond.range_id_1 
_pdbx_struct_sheet_hbond.range_id_2 
_pdbx_struct_sheet_hbond.range_1_label_atom_id 
_pdbx_struct_sheet_hbond.range_1_label_comp_id 
_pdbx_struct_sheet_hbond.range_1_label_asym_id 
_pdbx_struct_sheet_hbond.range_1_label_seq_id 
_pdbx_struct_sheet_hbond.range_1_PDB_ins_code 
_pdbx_struct_sheet_hbond.range_1_auth_atom_id 
_pdbx_struct_sheet_hbond.range_1_auth_comp_id 
_pdbx_struct_sheet_hbond.range_1_auth_asym_id 
_pdbx_struct_sheet_hbond.range_1_auth_seq_id 
_pdbx_struct_sheet_hbond.range_2_label_atom_id 
_pdbx_struct_sheet_hbond.range_2_label_comp_id 
_pdbx_struct_sheet_hbond.range_2_label_asym_id 
_pdbx_struct_sheet_hbond.range_2_label_seq_id 
_pdbx_struct_sheet_hbond.range_2_PDB_ins_code 
_pdbx_struct_sheet_hbond.range_2_auth_atom_id 
_pdbx_struct_sheet_hbond.range_2_auth_comp_id 
_pdbx_struct_sheet_hbond.range_2_auth_asym_id 
_pdbx_struct_sheet_hbond.range_2_auth_seq_id 
A 1 2 O LEU A 34 ? O LEU A 29 N LEU A 8   ? N LEU A 3   
A 2 3 N VAL A 11 ? N VAL A 6  O ILE A 56  ? O ILE A 51  
A 3 4 N LEU A 55 ? N LEU A 50 O ILE A 85  ? O ILE A 80  
A 4 5 N MET A 86 ? N MET A 81 O ILE A 108 ? O ILE A 103 
# 
loop_
_struct_site.id 
_struct_site.pdbx_evidence_code 
_struct_site.pdbx_auth_asym_id 
_struct_site.pdbx_auth_comp_id 
_struct_site.pdbx_auth_seq_id 
_struct_site.pdbx_auth_ins_code 
_struct_site.pdbx_num_residues 
_struct_site.details 
AC1 Software A SO4 125 ? 7 'BINDING SITE FOR RESIDUE SO4 A 125' 
AC2 Software A SO4 126 ? 9 'BINDING SITE FOR RESIDUE SO4 A 126' 
AC3 Software A MG  127 ? 3 'BINDING SITE FOR RESIDUE MG A 127'  
AC4 Software A MG  128 ? 6 'BINDING SITE FOR RESIDUE MG A 128'  
# 
loop_
_struct_site_gen.id 
_struct_site_gen.site_id 
_struct_site_gen.pdbx_num_res 
_struct_site_gen.label_comp_id 
_struct_site_gen.label_asym_id 
_struct_site_gen.label_seq_id 
_struct_site_gen.pdbx_auth_ins_code 
_struct_site_gen.auth_comp_id 
_struct_site_gen.auth_asym_id 
_struct_site_gen.auth_seq_id 
_struct_site_gen.label_atom_id 
_struct_site_gen.label_alt_id 
_struct_site_gen.symmetry 
_struct_site_gen.details 
1  AC1 7 LYS A 7   ? LYS A 2   . ? 4_555 ? 
2  AC1 7 ASP A 51  ? ASP A 46  . ? 4_555 ? 
3  AC1 7 LYS A 53  ? LYS A 48  . ? 4_555 ? 
4  AC1 7 GLY A 92  ? GLY A 87  . ? 4_545 ? 
5  AC1 7 LYS A 93  ? LYS A 88  . ? 4_545 ? 
6  AC1 7 ASN A 105 ? ASN A 100 . ? 1_555 ? 
7  AC1 7 HOH F .   ? HOH A 246 . ? 4_545 ? 
8  AC2 9 LYS A 22  ? LYS A 17  . ? 4_556 ? 
9  AC2 9 ASP A 58  ? ASP A 53  . ? 1_555 ? 
10 AC2 9 TRP A 59  ? TRP A 54  . ? 1_555 ? 
11 AC2 9 ASN A 60  ? ASN A 55  . ? 1_555 ? 
12 AC2 9 THR A 88  ? THR A 83  . ? 1_555 ? 
13 AC2 9 ALA A 89  ? ALA A 84  . ? 1_555 ? 
14 AC2 9 LYS A 110 ? LYS A 105 . ? 1_555 ? 
15 AC2 9 MG  E .   ? MG  A 128 . ? 1_555 ? 
16 AC2 9 HOH F .   ? HOH A 233 . ? 1_555 ? 
17 AC3 3 MET A 17  ? MET A 12  . ? 1_555 ? 
18 AC3 3 GLU A 35  ? GLU A 30  . ? 4_556 ? 
19 AC3 3 LYS A 110 ? LYS A 105 . ? 1_555 ? 
20 AC4 6 ASP A 13  ? ASP A 8   . ? 1_555 ? 
21 AC4 6 ASP A 58  ? ASP A 53  . ? 1_555 ? 
22 AC4 6 ASN A 60  ? ASN A 55  . ? 1_555 ? 
23 AC4 6 SO4 C .   ? SO4 A 126 . ? 1_555 ? 
24 AC4 6 HOH F .   ? HOH A 143 . ? 1_555 ? 
25 AC4 6 HOH F .   ? HOH A 305 . ? 1_555 ? 
# 
_atom_sites.entry_id                    3H1G 
_atom_sites.fract_transf_matrix[1][1]   -0.00543971 
_atom_sites.fract_transf_matrix[1][2]   0.00826605 
_atom_sites.fract_transf_matrix[1][3]   -0.01113809 
_atom_sites.fract_transf_matrix[2][1]   -0.02367557 
_atom_sites.fract_transf_matrix[2][2]   -0.01083122 
_atom_sites.fract_transf_matrix[2][3]   0.00352456 
_atom_sites.fract_transf_matrix[3][1]   -0.00895542 
_atom_sites.fract_transf_matrix[3][2]   0.02302466 
_atom_sites.fract_transf_matrix[3][3]   0.01060005 
_atom_sites.fract_transf_vector[1]      0.272718 
_atom_sites.fract_transf_vector[2]      -0.029621 
_atom_sites.fract_transf_vector[3]      0.272087 
# 
loop_
_atom_type.symbol 
C  
MG 
N  
O  
S  
# 
loop_
_atom_site.group_PDB 
_atom_site.id 
_atom_site.type_symbol 
_atom_site.label_atom_id 
_atom_site.label_alt_id 
_atom_site.label_comp_id 
_atom_site.label_asym_id 
_atom_site.label_entity_id 
_atom_site.label_seq_id 
_atom_site.pdbx_PDB_ins_code 
_atom_site.Cartn_x 
_atom_site.Cartn_y 
_atom_site.Cartn_z 
_atom_site.occupancy 
_atom_site.B_iso_or_equiv 
_atom_site.pdbx_formal_charge 
_atom_site.auth_seq_id 
_atom_site.auth_comp_id 
_atom_site.auth_asym_id 
_atom_site.auth_atom_id 
_atom_site.pdbx_PDB_model_num 
ATOM   1    N  N   . MET A 1 6   ? 15.229  -0.204  1.582   1.00 10.59 ? 1   MET A N   1 
ATOM   2    C  CA  . MET A 1 6   ? 13.768  -0.538  1.456   1.00 8.91  ? 1   MET A CA  1 
ATOM   3    C  C   . MET A 1 6   ? 12.875  0.680   1.718   1.00 8.76  ? 1   MET A C   1 
ATOM   4    O  O   . MET A 1 6   ? 12.280  0.813   2.785   1.00 9.84  ? 1   MET A O   1 
ATOM   5    C  CB  . MET A 1 6   ? 13.385  -1.699  2.381   1.00 9.00  ? 1   MET A CB  1 
ATOM   6    C  CG  . MET A 1 6   ? 14.034  -3.022  1.983   1.00 9.76  ? 1   MET A CG  1 
ATOM   7    S  SD  . MET A 1 6   ? 13.602  -3.486  0.314   1.00 10.49 ? 1   MET A SD  1 
ATOM   8    C  CE  . MET A 1 6   ? 11.898  -4.044  0.564   1.00 9.06  ? 1   MET A CE  1 
ATOM   9    N  N   . LYS A 1 7   ? 12.790  1.565   0.727   1.00 8.05  ? 2   LYS A N   1 
ATOM   10   C  CA  . LYS A 1 7   ? 11.951  2.749   0.777   1.00 8.05  ? 2   LYS A CA  1 
ATOM   11   C  C   . LYS A 1 7   ? 10.476  2.381   0.484   1.00 7.48  ? 2   LYS A C   1 
ATOM   12   O  O   . LYS A 1 7   ? 10.154  1.893   -0.595  1.00 8.68  ? 2   LYS A O   1 
ATOM   13   C  CB  . LYS A 1 7   ? 12.490  3.751   -0.239  1.00 8.30  ? 2   LYS A CB  1 
ATOM   14   C  CG  . LYS A 1 7   ? 13.971  4.026   -0.013  1.00 10.12 ? 2   LYS A CG  1 
ATOM   15   C  CD  . LYS A 1 7   ? 14.628  4.715   -1.222  1.00 12.01 ? 2   LYS A CD  1 
ATOM   16   C  CE  . LYS A 1 7   ? 16.081  4.316   -1.349  1.00 14.51 ? 2   LYS A CE  1 
ATOM   17   N  NZ  . LYS A 1 7   ? 16.748  5.096   -2.417  1.00 13.79 ? 2   LYS A NZ  1 
ATOM   18   N  N   . LEU A 1 8   ? 9.606   2.594   1.467   1.00 7.15  ? 3   LEU A N   1 
ATOM   19   C  CA  . LEU A 1 8   ? 8.199   2.253   1.347   1.00 6.10  ? 3   LEU A CA  1 
ATOM   20   C  C   . LEU A 1 8   ? 7.323   3.500   1.207   1.00 5.89  ? 3   LEU A C   1 
ATOM   21   O  O   . LEU A 1 8   ? 7.640   4.562   1.788   1.00 4.95  ? 3   LEU A O   1 
ATOM   22   C  CB  . LEU A 1 8   ? 7.749   1.448   2.581   1.00 6.39  ? 3   LEU A CB  1 
ATOM   23   C  CG  . LEU A 1 8   ? 8.606   0.274   3.081   1.00 10.09 ? 3   LEU A CG  1 
ATOM   24   C  CD1 . LEU A 1 8   ? 7.803   -0.627  4.051   1.00 11.46 ? 3   LEU A CD1 1 
ATOM   25   C  CD2 . LEU A 1 8   ? 9.173   -0.552  1.965   1.00 9.00  ? 3   LEU A CD2 1 
ATOM   26   N  N   . LEU A 1 9   ? 6.218   3.387   0.456   1.00 4.43  ? 4   LEU A N   1 
ATOM   27   C  CA  . LEU A 1 9   ? 5.250   4.477   0.407   1.00 4.78  ? 4   LEU A CA  1 
ATOM   28   C  C   . LEU A 1 9   ? 3.921   3.922   0.897   1.00 5.43  ? 4   LEU A C   1 
ATOM   29   O  O   . LEU A 1 9   ? 3.467   2.909   0.373   1.00 5.35  ? 4   LEU A O   1 
ATOM   30   C  CB  . LEU A 1 9   ? 5.098   4.972   -1.045  1.00 5.92  ? 4   LEU A CB  1 
ATOM   31   C  CG  . LEU A 1 9   ? 4.027   6.048   -1.323  1.00 4.41  ? 4   LEU A CG  1 
ATOM   32   C  CD1 . LEU A 1 9   ? 4.189   7.319   -0.486  1.00 9.13  ? 4   LEU A CD1 1 
ATOM   33   C  CD2 . LEU A 1 9   ? 4.019   6.354   -2.869  1.00 4.95  ? 4   LEU A CD2 1 
ATOM   34   N  N   . VAL A 1 10  ? 3.331   4.584   1.886   1.00 5.44  ? 5   VAL A N   1 
ATOM   35   C  CA  . VAL A 1 10  ? 2.091   4.123   2.511   1.00 4.46  ? 5   VAL A CA  1 
ATOM   36   C  C   . VAL A 1 10  ? 1.002   5.150   2.223   1.00 4.21  ? 5   VAL A C   1 
ATOM   37   O  O   . VAL A 1 10  ? 1.149   6.319   2.607   1.00 4.19  ? 5   VAL A O   1 
ATOM   38   C  CB  . VAL A 1 10  ? 2.282   3.981   4.031   1.00 4.67  ? 5   VAL A CB  1 
ATOM   39   C  CG1 . VAL A 1 10  ? 0.964   3.655   4.728   1.00 4.52  ? 5   VAL A CG1 1 
ATOM   40   C  CG2 . VAL A 1 10  ? 3.316   2.894   4.330   1.00 5.26  ? 5   VAL A CG2 1 
ATOM   41   N  N   . VAL A 1 11  ? -0.097  4.700   1.592   1.00 3.78  ? 6   VAL A N   1 
ATOM   42   C  CA  . VAL A 1 11  ? -1.149  5.608   1.141   1.00 3.46  ? 6   VAL A CA  1 
ATOM   43   C  C   . VAL A 1 11  ? -2.458  5.239   1.785   1.00 4.26  ? 6   VAL A C   1 
ATOM   44   O  O   . VAL A 1 11  ? -2.990  4.129   1.541   1.00 5.98  ? 6   VAL A O   1 
ATOM   45   C  CB  . VAL A 1 11  ? -1.321  5.576   -0.416  1.00 3.67  ? 6   VAL A CB  1 
ATOM   46   C  CG1 . VAL A 1 11  ? -2.180  6.800   -0.843  1.00 3.69  ? 6   VAL A CG1 1 
ATOM   47   C  CG2 . VAL A 1 11  ? 0.046   5.618   -1.096  1.00 5.99  ? 6   VAL A CG2 1 
ATOM   48   N  N   . ASP A 1 12  ? -2.991  6.149   2.591   1.00 4.92  ? 7   ASP A N   1 
ATOM   49   C  CA  . ASP A 1 12  ? -4.284  5.917   3.242   1.00 4.67  ? 7   ASP A CA  1 
ATOM   50   C  C   . ASP A 1 12  ? -4.857  7.259   3.674   1.00 4.70  ? 7   ASP A C   1 
ATOM   51   O  O   . ASP A 1 12  ? -4.147  8.107   4.177   1.00 5.11  ? 7   ASP A O   1 
ATOM   52   C  CB  . ASP A 1 12  ? -4.147  4.957   4.433   1.00 3.53  ? 7   ASP A CB  1 
ATOM   53   C  CG  . ASP A 1 12  ? -5.462  4.319   4.830   1.00 5.27  ? 7   ASP A CG  1 
ATOM   54   O  OD1 . ASP A 1 12  ? -6.394  5.067   5.172   1.00 8.11  ? 7   ASP A OD1 1 
ATOM   55   O  OD2 . ASP A 1 12  ? -5.562  3.073   4.822   1.00 6.45  ? 7   ASP A OD2 1 
ATOM   56   N  N   . ASP A 1 13  ? -6.139  7.450   3.436   1.00 5.72  ? 8   ASP A N   1 
ATOM   57   C  CA  . ASP A 1 13  ? -6.781  8.704   3.820   1.00 5.99  ? 8   ASP A CA  1 
ATOM   58   C  C   . ASP A 1 13  ? -7.208  8.758   5.314   1.00 6.68  ? 8   ASP A C   1 
ATOM   59   O  O   . ASP A 1 13  ? -7.677  9.797   5.812   1.00 7.44  ? 8   ASP A O   1 
ATOM   60   C  CB  . ASP A 1 13  ? -7.892  9.103   2.826   1.00 6.24  ? 8   ASP A CB  1 
ATOM   61   C  CG  . ASP A 1 13  ? -9.082  8.150   2.811   1.00 6.93  ? 8   ASP A CG  1 
ATOM   62   O  OD1 . ASP A 1 13  ? -9.008  7.011   3.330   1.00 7.07  ? 8   ASP A OD1 1 
ATOM   63   O  OD2 . ASP A 1 13  ? -10.123 8.543   2.222   1.00 6.13  ? 8   ASP A OD2 1 
ATOM   64   N  N   . SER A 1 14  ? -6.982  7.656   6.037   1.00 5.72  ? 9   SER A N   1 
ATOM   65   C  CA  . SER A 1 14  ? -7.182  7.646   7.482   1.00 6.12  ? 9   SER A CA  1 
ATOM   66   C  C   . SER A 1 14  ? -5.867  7.958   8.213   1.00 6.73  ? 9   SER A C   1 
ATOM   67   O  O   . SER A 1 14  ? -4.873  7.239   8.039   1.00 5.68  ? 9   SER A O   1 
ATOM   68   C  CB  . SER A 1 14  ? -7.711  6.280   7.944   1.00 6.18  ? 9   SER A CB  1 
ATOM   69   O  OG  . SER A 1 14  ? -7.495  6.134   9.355   1.00 6.48  ? 9   SER A OG  1 
ATOM   70   N  N   . SER A 1 15  ? -5.856  9.002   9.036   1.00 6.69  ? 10  SER A N   1 
ATOM   71   C  CA  . SER A 1 15  ? -4.621  9.372   9.742   1.00 7.54  ? 10  SER A CA  1 
ATOM   72   C  C   . SER A 1 15  ? -4.254  8.315   10.781  1.00 7.25  ? 10  SER A C   1 
ATOM   73   O  O   . SER A 1 15  ? -3.071  7.989   10.959  1.00 7.06  ? 10  SER A O   1 
ATOM   74   C  CB  . SER A 1 15  ? -4.731  10.780  10.373  1.00 8.78  ? 10  SER A CB  1 
ATOM   75   O  OG  . SER A 1 15  ? -5.684  10.771  11.396  1.00 11.10 ? 10  SER A OG  1 
ATOM   76   N  N   . THR A 1 16  ? -5.260  7.755   11.458  1.00 7.18  ? 11  THR A N   1 
ATOM   77   C  CA  . THR A 1 16  ? -4.974  6.729   12.460  1.00 7.87  ? 11  THR A CA  1 
ATOM   78   C  C   . THR A 1 16  ? -4.456  5.453   11.812  1.00 7.57  ? 11  THR A C   1 
ATOM   79   O  O   . THR A 1 16  ? -3.532  4.845   12.330  1.00 8.67  ? 11  THR A O   1 
ATOM   80   C  CB  . THR A 1 16  ? -6.184  6.453   13.378  1.00 8.34  ? 11  THR A CB  1 
ATOM   81   O  OG1 . THR A 1 16  ? -7.283  5.962   12.578  1.00 13.01 ? 11  THR A OG1 1 
ATOM   82   C  CG2 . THR A 1 16  ? -6.582  7.739   14.055  1.00 5.44  ? 11  THR A CG2 1 
ATOM   83   N  N   . MET A 1 17  ? -5.028  5.061   10.674  1.00 5.99  ? 12  MET A N   1 
ATOM   84   C  CA  . MET A 1 17  ? -4.479  3.910   9.919   1.00 6.12  ? 12  MET A CA  1 
ATOM   85   C  C   . MET A 1 17  ? -3.033  4.141   9.480   1.00 6.13  ? 12  MET A C   1 
ATOM   86   O  O   . MET A 1 17  ? -2.197  3.235   9.613   1.00 6.33  ? 12  MET A O   1 
ATOM   87   C  CB  . MET A 1 17  ? -5.349  3.590   8.692   1.00 5.26  ? 12  MET A CB  1 
ATOM   88   C  CG  . MET A 1 17  ? -4.887  2.366   7.895   1.00 6.97  ? 12  MET A CG  1 
ATOM   89   S  SD  . MET A 1 17  ? -4.625  0.879   8.902   1.00 8.83  ? 12  MET A SD  1 
ATOM   90   C  CE  . MET A 1 17  ? -6.349  0.645   9.468   1.00 8.70  ? 12  MET A CE  1 
ATOM   91   N  N   . ARG A 1 18  ? -2.727  5.345   8.964   1.00 5.64  ? 13  ARG A N   1 
ATOM   92   C  CA  . ARG A 1 18  ? -1.340  5.640   8.566   1.00 6.21  ? 13  ARG A CA  1 
ATOM   93   C  C   . ARG A 1 18  ? -0.386  5.446   9.748   1.00 6.83  ? 13  ARG A C   1 
ATOM   94   O  O   . ARG A 1 18  ? 0.692   4.880   9.589   1.00 6.93  ? 13  ARG A O   1 
ATOM   95   C  CB  . ARG A 1 18  ? -1.196  7.058   8.013   1.00 6.35  ? 13  ARG A CB  1 
ATOM   96   C  CG  . ARG A 1 18  ? -1.794  7.258   6.594   1.00 5.76  ? 13  ARG A CG  1 
ATOM   97   C  CD  . ARG A 1 18  ? -1.335  8.586   5.970   1.00 7.48  ? 13  ARG A CD  1 
ATOM   98   N  NE  . ARG A 1 18  ? -1.624  9.754   6.804   1.00 10.04 ? 13  ARG A NE  1 
ATOM   99   C  CZ  . ARG A 1 18  ? -2.793  10.382  6.859   1.00 11.07 ? 13  ARG A CZ  1 
ATOM   100  N  NH1 . ARG A 1 18  ? -3.833  9.983   6.124   1.00 6.80  ? 13  ARG A NH1 1 
ATOM   101  N  NH2 . ARG A 1 18  ? -2.933  11.430  7.653   1.00 14.48 ? 13  ARG A NH2 1 
ATOM   102  N  N   . ARG A 1 19  ? -0.821  5.890   10.929  1.00 7.41  ? 14  ARG A N   1 
ATOM   103  C  CA  . ARG A 1 19  ? -0.051  5.746   12.160  1.00 7.93  ? 14  ARG A CA  1 
ATOM   104  C  C   . ARG A 1 19  ? 0.179   4.284   12.529  1.00 8.05  ? 14  ARG A C   1 
ATOM   105  O  O   . ARG A 1 19  ? 1.318   3.890   12.866  1.00 7.74  ? 14  ARG A O   1 
ATOM   106  C  CB  . ARG A 1 19  ? -0.760  6.446   13.304  1.00 8.35  ? 14  ARG A CB  1 
ATOM   107  C  CG  . ARG A 1 19  ? 0.023   6.393   14.632  1.00 11.00 ? 14  ARG A CG  1 
ATOM   108  C  CD  . ARG A 1 19  ? -0.836  6.875   15.788  1.00 12.58 ? 14  ARG A CD  1 
ATOM   109  N  NE  . ARG A 1 19  ? -0.897  8.326   15.820  1.00 15.95 ? 14  ARG A NE  1 
ATOM   110  C  CZ  . ARG A 1 19  ? -1.976  9.049   16.148  1.00 18.95 ? 14  ARG A CZ  1 
ATOM   111  N  NH1 . ARG A 1 19  ? -3.128  8.452   16.473  1.00 20.18 ? 14  ARG A NH1 1 
ATOM   112  N  NH2 . ARG A 1 19  ? -1.913  10.382  16.134  1.00 16.94 ? 14  ARG A NH2 1 
ATOM   113  N  N   . ILE A 1 20  ? -0.900  3.498   12.504  1.00 6.89  ? 15  ILE A N   1 
ATOM   114  C  CA  . ILE A 1 20  ? -0.824  2.082   12.823  1.00 7.33  ? 15  ILE A CA  1 
ATOM   115  C  C   . ILE A 1 20  ? 0.126   1.370   11.851  1.00 6.77  ? 15  ILE A C   1 
ATOM   116  O  O   . ILE A 1 20  ? 0.957   0.548   12.256  1.00 7.08  ? 15  ILE A O   1 
ATOM   117  C  CB  . ILE A 1 20  ? -2.232  1.418   12.794  1.00 7.67  ? 15  ILE A CB  1 
ATOM   118  C  CG1 . ILE A 1 20  ? -3.103  2.032   13.917  1.00 9.13  ? 15  ILE A CG1 1 
ATOM   119  C  CG2 . ILE A 1 20  ? -2.120  -0.109  12.916  1.00 7.37  ? 15  ILE A CG2 1 
ATOM   120  C  CD1 . ILE A 1 20  ? -4.580  1.586   13.969  1.00 10.69 ? 15  ILE A CD1 1 
ATOM   121  N  N   . ILE A 1 21  ? -0.021  1.653   10.556  1.00 5.85  ? 16  ILE A N   1 
ATOM   122  C  CA  . ILE A 1 21  ? 0.815   0.972   9.571   1.00 4.80  ? 16  ILE A CA  1 
ATOM   123  C  C   . ILE A 1 21  ? 2.256   1.385   9.783   1.00 5.86  ? 16  ILE A C   1 
ATOM   124  O  O   . ILE A 1 21  ? 3.134   0.535   9.802   1.00 5.43  ? 16  ILE A O   1 
ATOM   125  C  CB  . ILE A 1 21  ? 0.389   1.268   8.119   1.00 4.55  ? 16  ILE A CB  1 
ATOM   126  C  CG1 . ILE A 1 21  ? -0.981  0.634   7.847   1.00 3.30  ? 16  ILE A CG1 1 
ATOM   127  C  CG2 . ILE A 1 21  ? 1.390   0.656   7.137   1.00 4.70  ? 16  ILE A CG2 1 
ATOM   128  C  CD1 . ILE A 1 21  ? -1.637  1.143   6.555   1.00 4.96  ? 16  ILE A CD1 1 
ATOM   129  N  N   . LYS A 1 22  ? 2.507   2.685   9.954   1.00 6.28  ? 17  LYS A N   1 
ATOM   130  C  CA  . LYS A 1 22  ? 3.893   3.149   10.081  1.00 6.59  ? 17  LYS A CA  1 
ATOM   131  C  C   . LYS A 1 22  ? 4.547   2.597   11.362  1.00 7.05  ? 17  LYS A C   1 
ATOM   132  O  O   . LYS A 1 22  ? 5.686   2.147   11.317  1.00 7.20  ? 17  LYS A O   1 
ATOM   133  C  CB  . LYS A 1 22  ? 3.960   4.679   9.989   1.00 7.29  ? 17  LYS A CB  1 
ATOM   134  C  CG  . LYS A 1 22  ? 5.342   5.284   10.134  1.00 8.53  ? 17  LYS A CG  1 
ATOM   135  C  CD  . LYS A 1 22  ? 5.295   6.734   9.671   1.00 10.78 ? 17  LYS A CD  1 
ATOM   136  C  CE  . LYS A 1 22  ? 6.068   7.657   10.527  1.00 14.62 ? 17  LYS A CE  1 
ATOM   137  N  NZ  . LYS A 1 22  ? 7.201   7.000   11.222  1.00 17.12 ? 17  LYS A NZ  1 
ATOM   138  N  N   . ASN A 1 23  ? 3.814   2.570   12.473  1.00 7.74  ? 18  ASN A N   1 
ATOM   139  C  CA  . ASN A 1 23  ? 4.329   1.944   13.700  1.00 8.31  ? 18  ASN A CA  1 
ATOM   140  C  C   . ASN A 1 23  ? 4.601   0.441   13.514  1.00 7.28  ? 18  ASN A C   1 
ATOM   141  O  O   . ASN A 1 23  ? 5.590   -0.102  14.021  1.00 7.59  ? 18  ASN A O   1 
ATOM   142  C  CB  . ASN A 1 23  ? 3.350   2.141   14.860  1.00 8.29  ? 18  ASN A CB  1 
ATOM   143  C  CG  . ASN A 1 23  ? 3.832   1.492   16.152  1.00 14.67 ? 18  ASN A CG  1 
ATOM   144  O  OD1 . ASN A 1 23  ? 4.745   2.003   16.790  1.00 20.48 ? 18  ASN A OD1 1 
ATOM   145  N  ND2 . ASN A 1 23  ? 3.227   0.361   16.539  1.00 17.04 ? 18  ASN A ND2 1 
ATOM   146  N  N   . THR A 1 24  ? 3.707   -0.236  12.818  1.00 6.80  ? 19  THR A N   1 
ATOM   147  C  CA  . THR A 1 24  ? 3.882   -1.674  12.599  1.00 7.01  ? 19  THR A CA  1 
ATOM   148  C  C   . THR A 1 24  ? 5.116   -1.931  11.755  1.00 6.62  ? 19  THR A C   1 
ATOM   149  O  O   . THR A 1 24  ? 5.908   -2.813  12.082  1.00 7.64  ? 19  THR A O   1 
ATOM   150  C  CB  . THR A 1 24  ? 2.630   -2.298  11.963  1.00 7.36  ? 19  THR A CB  1 
ATOM   151  O  OG1 . THR A 1 24  ? 1.510   -2.069  12.838  1.00 8.45  ? 19  THR A OG1 1 
ATOM   152  C  CG2 . THR A 1 24  ? 2.812   -3.806  11.752  1.00 7.79  ? 19  THR A CG2 1 
ATOM   153  N  N   . LEU A 1 25  ? 5.311   -1.151  10.691  1.00 5.77  ? 20  LEU A N   1 
ATOM   154  C  CA  . LEU A 1 25  ? 6.503   -1.314  9.849   1.00 7.47  ? 20  LEU A CA  1 
ATOM   155  C  C   . LEU A 1 25  ? 7.785   -1.057  10.663  1.00 8.00  ? 20  LEU A C   1 
ATOM   156  O  O   . LEU A 1 25  ? 8.796   -1.783  10.504  1.00 7.70  ? 20  LEU A O   1 
ATOM   157  C  CB  . LEU A 1 25  ? 6.422   -0.412  8.615   1.00 6.90  ? 20  LEU A CB  1 
ATOM   158  C  CG  . LEU A 1 25  ? 5.378   -0.797  7.546   1.00 5.14  ? 20  LEU A CG  1 
ATOM   159  C  CD1 . LEU A 1 25  ? 5.184   0.366   6.574   1.00 4.85  ? 20  LEU A CD1 1 
ATOM   160  C  CD2 . LEU A 1 25  ? 5.738   -2.061  6.772   1.00 4.63  ? 20  LEU A CD2 1 
ATOM   161  N  N   . SER A 1 26  ? 7.734   -0.055  11.547  1.00 8.44  ? 21  SER A N   1 
ATOM   162  C  CA  . SER A 1 26  ? 8.872   0.233   12.439  1.00 9.28  ? 21  SER A CA  1 
ATOM   163  C  C   . SER A 1 26  ? 9.215   -0.957  13.353  1.00 9.58  ? 21  SER A C   1 
ATOM   164  O  O   . SER A 1 26  ? 10.398  -1.306  13.530  1.00 9.35  ? 21  SER A O   1 
ATOM   165  C  CB  . SER A 1 26  ? 8.591   1.494   13.267  1.00 9.12  ? 21  SER A CB  1 
ATOM   166  O  OG  . SER A 1 26  ? 9.623   1.763   14.215  1.00 12.90 ? 21  SER A OG  1 
ATOM   167  N  N   . ARG A 1 27  ? 8.187   -1.573  13.926  1.00 8.91  ? 22  ARG A N   1 
ATOM   168  C  CA  . ARG A 1 27  ? 8.357   -2.788  14.727  1.00 9.46  ? 22  ARG A CA  1 
ATOM   169  C  C   . ARG A 1 27  ? 9.052   -3.894  13.939  1.00 9.63  ? 22  ARG A C   1 
ATOM   170  O  O   . ARG A 1 27  ? 9.778   -4.699  14.529  1.00 9.86  ? 22  ARG A O   1 
ATOM   171  C  CB  . ARG A 1 27  ? 7.014   -3.324  15.258  1.00 9.83  ? 22  ARG A CB  1 
ATOM   172  C  CG  . ARG A 1 27  ? 6.366   -2.454  16.334  1.00 12.09 ? 22  ARG A CG  1 
ATOM   173  C  CD  . ARG A 1 27  ? 5.042   -3.042  16.798  1.00 16.79 ? 22  ARG A CD  1 
ATOM   174  N  NE  . ARG A 1 27  ? 5.218   -4.203  17.663  1.00 21.69 ? 22  ARG A NE  1 
ATOM   175  C  CZ  . ARG A 1 27  ? 4.254   -5.086  17.936  1.00 25.15 ? 22  ARG A CZ  1 
ATOM   176  N  NH1 . ARG A 1 27  ? 3.035   -4.956  17.397  1.00 25.11 ? 22  ARG A NH1 1 
ATOM   177  N  NH2 . ARG A 1 27  ? 4.510   -6.120  18.734  1.00 25.76 ? 22  ARG A NH2 1 
ATOM   178  N  N   . LEU A 1 28  ? 8.830   -3.943  12.619  1.00 8.69  ? 23  LEU A N   1 
ATOM   179  C  CA  . LEU A 1 28  ? 9.436   -4.966  11.749  1.00 8.72  ? 23  LEU A CA  1 
ATOM   180  C  C   . LEU A 1 28  ? 10.773  -4.509  11.181  1.00 8.76  ? 23  LEU A C   1 
ATOM   181  O  O   . LEU A 1 28  ? 11.384  -5.233  10.389  1.00 7.94  ? 23  LEU A O   1 
ATOM   182  C  CB  . LEU A 1 28  ? 8.518   -5.304  10.571  1.00 7.84  ? 23  LEU A CB  1 
ATOM   183  C  CG  . LEU A 1 28  ? 7.190   -5.915  10.943  1.00 8.22  ? 23  LEU A CG  1 
ATOM   184  C  CD1 . LEU A 1 28  ? 6.358   -6.053  9.657   1.00 9.78  ? 23  LEU A CD1 1 
ATOM   185  C  CD2 . LEU A 1 28  ? 7.388   -7.272  11.614  1.00 9.78  ? 23  LEU A CD2 1 
ATOM   186  N  N   . GLY A 1 29  ? 11.201  -3.309  11.577  1.00 8.39  ? 24  GLY A N   1 
ATOM   187  C  CA  . GLY A 1 29  ? 12.527  -2.784  11.221  1.00 9.06  ? 24  GLY A CA  1 
ATOM   188  C  C   . GLY A 1 29  ? 12.554  -2.025  9.911   1.00 9.28  ? 24  GLY A C   1 
ATOM   189  O  O   . GLY A 1 29  ? 13.621  -1.752  9.361   1.00 10.05 ? 24  GLY A O   1 
ATOM   190  N  N   . TYR A 1 30  ? 11.371  -1.649  9.430   1.00 8.55  ? 25  TYR A N   1 
ATOM   191  C  CA  . TYR A 1 30  ? 11.227  -0.870  8.212   1.00 8.92  ? 25  TYR A CA  1 
ATOM   192  C  C   . TYR A 1 30  ? 11.036  0.588   8.627   1.00 9.65  ? 25  TYR A C   1 
ATOM   193  O  O   . TYR A 1 30  ? 9.938   0.969   9.012   1.00 9.62  ? 25  TYR A O   1 
ATOM   194  C  CB  . TYR A 1 30  ? 10.011  -1.357  7.421   1.00 7.33  ? 25  TYR A CB  1 
ATOM   195  C  CG  . TYR A 1 30  ? 10.274  -2.593  6.584   1.00 8.55  ? 25  TYR A CG  1 
ATOM   196  C  CD1 . TYR A 1 30  ? 9.851   -3.858  7.008   1.00 5.96  ? 25  TYR A CD1 1 
ATOM   197  C  CD2 . TYR A 1 30  ? 10.899  -2.488  5.346   1.00 6.99  ? 25  TYR A CD2 1 
ATOM   198  C  CE1 . TYR A 1 30  ? 10.083  -4.993  6.226   1.00 7.70  ? 25  TYR A CE1 1 
ATOM   199  C  CE2 . TYR A 1 30  ? 11.146  -3.621  4.551   1.00 9.15  ? 25  TYR A CE2 1 
ATOM   200  C  CZ  . TYR A 1 30  ? 10.731  -4.871  4.997   1.00 9.99  ? 25  TYR A CZ  1 
ATOM   201  O  OH  . TYR A 1 30  ? 10.975  -5.996  4.205   1.00 10.63 ? 25  TYR A OH  1 
ATOM   202  N  N   . GLU A 1 31  ? 12.112  1.368   8.549   1.00 10.61 ? 26  GLU A N   1 
ATOM   203  C  CA  . GLU A 1 31  ? 12.159  2.713   9.104   1.00 12.16 ? 26  GLU A CA  1 
ATOM   204  C  C   . GLU A 1 31  ? 12.117  3.794   8.042   1.00 12.02 ? 26  GLU A C   1 
ATOM   205  O  O   . GLU A 1 31  ? 11.974  4.974   8.355   1.00 13.47 ? 26  GLU A O   1 
ATOM   206  C  CB  . GLU A 1 31  ? 13.428  2.897   9.947   1.00 12.08 ? 26  GLU A CB  1 
ATOM   207  C  CG  . GLU A 1 31  ? 13.623  1.884   11.064  1.00 13.84 ? 26  GLU A CG  1 
ATOM   208  C  CD  . GLU A 1 31  ? 12.577  1.965   12.182  1.00 17.68 ? 26  GLU A CD  1 
ATOM   209  O  OE1 . GLU A 1 31  ? 11.733  2.883   12.203  1.00 21.25 ? 26  GLU A OE1 1 
ATOM   210  O  OE2 . GLU A 1 31  ? 12.580  1.081   13.057  1.00 20.20 ? 26  GLU A OE2 1 
ATOM   211  N  N   . ASP A 1 32  ? 12.215  3.412   6.784   1.00 10.99 ? 27  ASP A N   1 
ATOM   212  C  CA  . ASP A 1 32  ? 12.300  4.382   5.699   1.00 10.22 ? 27  ASP A CA  1 
ATOM   213  C  C   . ASP A 1 32  ? 10.935  4.455   4.976   1.00 9.01  ? 27  ASP A C   1 
ATOM   214  O  O   . ASP A 1 32  ? 10.694  3.767   3.971   1.00 7.27  ? 27  ASP A O   1 
ATOM   215  C  CB  . ASP A 1 32  ? 13.436  3.952   4.760   1.00 11.38 ? 27  ASP A CB  1 
ATOM   216  C  CG  . ASP A 1 32  ? 13.939  5.077   3.895   1.00 13.75 ? 27  ASP A CG  1 
ATOM   217  O  OD1 . ASP A 1 32  ? 13.119  5.926   3.521   1.00 16.09 ? 27  ASP A OD1 1 
ATOM   218  O  OD2 . ASP A 1 32  ? 15.145  5.082   3.583   1.00 19.56 ? 27  ASP A OD2 1 
ATOM   219  N  N   . VAL A 1 33  ? 10.030  5.260   5.528   1.00 7.45  ? 28  VAL A N   1 
ATOM   220  C  CA  . VAL A 1 33  ? 8.634   5.231   5.105   1.00 7.32  ? 28  VAL A CA  1 
ATOM   221  C  C   . VAL A 1 33  ? 8.153   6.632   4.780   1.00 7.23  ? 28  VAL A C   1 
ATOM   222  O  O   . VAL A 1 33  ? 8.305   7.553   5.601   1.00 7.33  ? 28  VAL A O   1 
ATOM   223  C  CB  . VAL A 1 33  ? 7.722   4.631   6.195   1.00 8.12  ? 28  VAL A CB  1 
ATOM   224  C  CG1 . VAL A 1 33  ? 6.262   4.687   5.763   1.00 5.92  ? 28  VAL A CG1 1 
ATOM   225  C  CG2 . VAL A 1 33  ? 8.147   3.206   6.550   1.00 7.76  ? 28  VAL A CG2 1 
ATOM   226  N  N   . LEU A 1 34  ? 7.569   6.774   3.588   1.00 6.55  ? 29  LEU A N   1 
ATOM   227  C  CA  . LEU A 1 34  ? 6.936   8.012   3.141   1.00 6.99  ? 29  LEU A CA  1 
ATOM   228  C  C   . LEU A 1 34  ? 5.437   7.732   3.161   1.00 6.83  ? 29  LEU A C   1 
ATOM   229  O  O   . LEU A 1 34  ? 5.017   6.608   2.858   1.00 7.35  ? 29  LEU A O   1 
ATOM   230  C  CB  . LEU A 1 34  ? 7.363   8.332   1.704   1.00 6.48  ? 29  LEU A CB  1 
ATOM   231  C  CG  . LEU A 1 34  ? 7.029   9.666   1.009   1.00 6.01  ? 29  LEU A CG  1 
ATOM   232  C  CD1 . LEU A 1 34  ? 7.566   10.853  1.828   1.00 7.65  ? 29  LEU A CD1 1 
ATOM   233  C  CD2 . LEU A 1 34  ? 7.595   9.720   -0.435  1.00 7.92  ? 29  LEU A CD2 1 
ATOM   234  N  N   . GLU A 1 35  ? 4.642   8.743   3.483   1.00 6.54  ? 30  GLU A N   1 
ATOM   235  C  CA  . GLU A 1 35  ? 3.177   8.597   3.517   1.00 7.63  ? 30  GLU A CA  1 
ATOM   236  C  C   . GLU A 1 35  ? 2.505   9.469   2.461   1.00 7.16  ? 30  GLU A C   1 
ATOM   237  O  O   . GLU A 1 35  ? 3.104   10.446  1.955   1.00 6.53  ? 30  GLU A O   1 
ATOM   238  C  CB  . GLU A 1 35  ? 2.630   8.991   4.891   1.00 8.71  ? 30  GLU A CB  1 
ATOM   239  C  CG  . GLU A 1 35  ? 3.056   8.084   6.031   1.00 10.29 ? 30  GLU A CG  1 
ATOM   240  C  CD  . GLU A 1 35  ? 2.362   8.432   7.353   1.00 12.87 ? 30  GLU A CD  1 
ATOM   241  O  OE1 . GLU A 1 35  ? 1.566   9.422   7.459   1.00 11.30 ? 30  GLU A OE1 1 
ATOM   242  O  OE2 . GLU A 1 35  ? 2.630   7.703   8.315   1.00 12.33 ? 30  GLU A OE2 1 
ATOM   243  N  N   . ALA A 1 36  ? 1.266   9.106   2.122   1.00 6.32  ? 31  ALA A N   1 
ATOM   244  C  CA  . ALA A 1 36  ? 0.390   9.946   1.311   1.00 5.64  ? 31  ALA A CA  1 
ATOM   245  C  C   . ALA A 1 36  ? -1.056  9.762   1.779   1.00 5.64  ? 31  ALA A C   1 
ATOM   246  O  O   . ALA A 1 36  ? -1.426  8.705   2.273   1.00 4.97  ? 31  ALA A O   1 
ATOM   247  C  CB  . ALA A 1 36  ? 0.537   9.641   -0.200  1.00 4.99  ? 31  ALA A CB  1 
ATOM   248  N  N   . GLU A 1 37  ? -1.858  10.803  1.639   1.00 6.08  ? 32  GLU A N   1 
ATOM   249  C  CA  . GLU A 1 37  ? -3.269  10.738  2.040   1.00 7.08  ? 32  GLU A CA  1 
ATOM   250  C  C   . GLU A 1 37  ? -4.194  10.317  0.913   1.00 6.51  ? 32  GLU A C   1 
ATOM   251  O  O   . GLU A 1 37  ? -5.259  9.755   1.161   1.00 7.25  ? 32  GLU A O   1 
ATOM   252  C  CB  . GLU A 1 37  ? -3.773  12.126  2.417   1.00 7.03  ? 32  GLU A CB  1 
ATOM   253  C  CG  . GLU A 1 37  ? -3.263  12.762  3.648   1.00 13.96 ? 32  GLU A CG  1 
ATOM   254  C  CD  . GLU A 1 37  ? -4.034  14.058  3.879   1.00 19.34 ? 32  GLU A CD  1 
ATOM   255  O  OE1 . GLU A 1 37  ? -5.266  13.960  3.967   1.00 19.37 ? 32  GLU A OE1 1 
ATOM   256  O  OE2 . GLU A 1 37  ? -3.425  15.153  3.930   1.00 24.38 ? 32  GLU A OE2 1 
ATOM   257  N  N   . HIS A 1 38  ? -3.827  10.675  -0.322  1.00 5.64  ? 33  HIS A N   1 
ATOM   258  C  CA  . HIS A 1 38  ? -4.681  10.415  -1.501  1.00 5.68  ? 33  HIS A CA  1 
ATOM   259  C  C   . HIS A 1 38  ? -3.874  9.876   -2.702  1.00 5.11  ? 33  HIS A C   1 
ATOM   260  O  O   . HIS A 1 38  ? -2.648  9.978   -2.715  1.00 5.79  ? 33  HIS A O   1 
ATOM   261  C  CB  . HIS A 1 38  ? -5.424  11.700  -1.913  1.00 5.46  ? 33  HIS A CB  1 
ATOM   262  C  CG  . HIS A 1 38  ? -6.154  12.376  -0.789  1.00 7.37  ? 33  HIS A CG  1 
ATOM   263  N  ND1 . HIS A 1 38  ? -5.719  13.557  -0.222  1.00 8.26  ? 33  HIS A ND1 1 
ATOM   264  C  CD2 . HIS A 1 38  ? -7.292  12.040  -0.134  1.00 7.84  ? 33  HIS A CD2 1 
ATOM   265  C  CE1 . HIS A 1 38  ? -6.560  13.921  0.731   1.00 9.89  ? 33  HIS A CE1 1 
ATOM   266  N  NE2 . HIS A 1 38  ? -7.530  13.022  0.798   1.00 8.06  ? 33  HIS A NE2 1 
ATOM   267  N  N   . GLY A 1 39  ? -4.546  9.335   -3.722  1.00 5.36  ? 34  GLY A N   1 
ATOM   268  C  CA  . GLY A 1 39  ? -3.829  8.779   -4.881  1.00 4.87  ? 34  GLY A CA  1 
ATOM   269  C  C   . GLY A 1 39  ? -2.994  9.779   -5.682  1.00 4.73  ? 34  GLY A C   1 
ATOM   270  O  O   . GLY A 1 39  ? -1.912  9.446   -6.131  1.00 5.03  ? 34  GLY A O   1 
ATOM   271  N  N   . VAL A 1 40  ? -3.508  10.991  -5.901  1.00 3.96  ? 35  VAL A N   1 
ATOM   272  C  CA  . VAL A 1 40  ? -2.763  12.008  -6.629  1.00 5.06  ? 35  VAL A CA  1 
ATOM   273  C  C   . VAL A 1 40  ? -1.407  12.264  -6.012  1.00 4.19  ? 35  VAL A C   1 
ATOM   274  O  O   . VAL A 1 40  ? -0.390  12.288  -6.716  1.00 3.21  ? 35  VAL A O   1 
ATOM   275  C  CB  . VAL A 1 40  ? -3.565  13.314  -6.745  1.00 3.58  ? 35  VAL A CB  1 
ATOM   276  C  CG1 . VAL A 1 40  ? -2.767  14.388  -7.452  1.00 5.36  ? 35  VAL A CG1 1 
ATOM   277  C  CG2 . VAL A 1 40  ? -4.777  13.012  -7.577  1.00 8.10  ? 35  VAL A CG2 1 
ATOM   278  N  N   . GLU A 1 41  ? -1.404  12.411  -4.691  1.00 3.68  ? 36  GLU A N   1 
ATOM   279  C  CA  . GLU A 1 41  ? -0.199  12.728  -3.934  1.00 3.50  ? 36  GLU A CA  1 
ATOM   280  C  C   . GLU A 1 41  ? 0.746   11.543  -3.994  1.00 3.40  ? 36  GLU A C   1 
ATOM   281  O  O   . GLU A 1 41  ? 1.953   11.694  -4.099  1.00 4.25  ? 36  GLU A O   1 
ATOM   282  C  CB  . GLU A 1 41  ? -0.581  12.996  -2.476  1.00 3.14  ? 36  GLU A CB  1 
ATOM   283  C  CG  . GLU A 1 41  ? 0.610   13.245  -1.514  1.00 3.25  ? 36  GLU A CG  1 
ATOM   284  C  CD  . GLU A 1 41  ? 0.185   13.309  -0.034  1.00 6.95  ? 36  GLU A CD  1 
ATOM   285  O  OE1 . GLU A 1 41  ? -1.032  13.199  0.288   1.00 5.78  ? 36  GLU A OE1 1 
ATOM   286  O  OE2 . GLU A 1 41  ? 1.089   13.466  0.814   1.00 8.70  ? 36  GLU A OE2 1 
ATOM   287  N  N   . ALA A 1 42  ? 0.179   10.346  -3.871  1.00 3.65  ? 37  ALA A N   1 
ATOM   288  C  CA  . ALA A 1 42  ? 0.977   9.133   -3.961  1.00 4.04  ? 37  ALA A CA  1 
ATOM   289  C  C   . ALA A 1 42  ? 1.668   9.024   -5.326  1.00 4.00  ? 37  ALA A C   1 
ATOM   290  O  O   . ALA A 1 42  ? 2.876   8.704   -5.404  1.00 4.03  ? 37  ALA A O   1 
ATOM   291  C  CB  . ALA A 1 42  ? 0.108   7.907   -3.680  1.00 4.45  ? 37  ALA A CB  1 
ATOM   292  N  N   . TRP A 1 43  ? 0.914   9.254   -6.400  1.00 4.34  ? 38  TRP A N   1 
ATOM   293  C  CA  . TRP A 1 43  ? 1.494   9.158   -7.750  1.00 5.33  ? 38  TRP A CA  1 
ATOM   294  C  C   . TRP A 1 43  ? 2.645   10.146  -7.943  1.00 5.90  ? 38  TRP A C   1 
ATOM   295  O  O   . TRP A 1 43  ? 3.735   9.808   -8.489  1.00 6.20  ? 38  TRP A O   1 
ATOM   296  C  CB  . TRP A 1 43  ? 0.416   9.307   -8.860  1.00 5.33  ? 38  TRP A CB  1 
ATOM   297  C  CG  . TRP A 1 43  ? 1.093   9.346   -10.146 1.00 5.93  ? 38  TRP A CG  1 
ATOM   298  C  CD1 . TRP A 1 43  ? 1.303   10.444  -10.951 1.00 7.29  ? 38  TRP A CD1 1 
ATOM   299  C  CD2 . TRP A 1 43  ? 1.792   8.265   -10.748 1.00 5.23  ? 38  TRP A CD2 1 
ATOM   300  N  NE1 . TRP A 1 43  ? 2.084   10.088  -12.032 1.00 5.96  ? 38  TRP A NE1 1 
ATOM   301  C  CE2 . TRP A 1 43  ? 2.386   8.755   -11.937 1.00 6.34  ? 38  TRP A CE2 1 
ATOM   302  C  CE3 . TRP A 1 43  ? 1.949   6.914   -10.419 1.00 5.65  ? 38  TRP A CE3 1 
ATOM   303  C  CZ2 . TRP A 1 43  ? 3.151   7.953   -12.772 1.00 7.31  ? 38  TRP A CZ2 1 
ATOM   304  C  CZ3 . TRP A 1 43  ? 2.721   6.105   -11.263 1.00 6.14  ? 38  TRP A CZ3 1 
ATOM   305  C  CH2 . TRP A 1 43  ? 3.296   6.625   -12.430 1.00 9.87  ? 38  TRP A CH2 1 
ATOM   306  N  N   . GLU A 1 44  ? 2.411   11.386  -7.529  1.00 6.65  ? 39  GLU A N   1 
ATOM   307  C  CA  . GLU A 1 44  ? 3.434   12.405  -7.639  1.00 7.40  ? 39  GLU A CA  1 
ATOM   308  C  C   . GLU A 1 44  ? 4.689   11.918  -6.940  1.00 7.25  ? 39  GLU A C   1 
ATOM   309  O  O   . GLU A 1 44  ? 5.798   12.043  -7.463  1.00 7.56  ? 39  GLU A O   1 
ATOM   310  C  CB  . GLU A 1 44  ? 2.974   13.715  -6.976  1.00 7.76  ? 39  GLU A CB  1 
ATOM   311  C  CG  . GLU A 1 44  ? 3.867   14.927  -7.298  1.00 13.19 ? 39  GLU A CG  1 
ATOM   312  C  CD  . GLU A 1 44  ? 5.182   14.968  -6.528  1.00 20.33 ? 39  GLU A CD  1 
ATOM   313  O  OE1 . GLU A 1 44  ? 6.148   15.594  -7.043  1.00 23.85 ? 39  GLU A OE1 1 
ATOM   314  O  OE2 . GLU A 1 44  ? 5.262   14.420  -5.398  1.00 22.61 ? 39  GLU A OE2 1 
ATOM   315  N  N   . LYS A 1 45  ? 4.519   11.382  -5.739  1.00 7.07  ? 40  LYS A N   1 
ATOM   316  C  CA  . LYS A 1 45  ? 5.666   10.928  -4.964  1.00 6.80  ? 40  LYS A CA  1 
ATOM   317  C  C   . LYS A 1 45  ? 6.406   9.775   -5.659  1.00 7.26  ? 40  LYS A C   1 
ATOM   318  O  O   . LYS A 1 45  ? 7.637   9.784   -5.732  1.00 7.51  ? 40  LYS A O   1 
ATOM   319  C  CB  . LYS A 1 45  ? 5.251   10.578  -3.534  1.00 5.70  ? 40  LYS A CB  1 
ATOM   320  C  CG  . LYS A 1 45  ? 5.094   11.855  -2.684  1.00 4.45  ? 40  LYS A CG  1 
ATOM   321  C  CD  . LYS A 1 45  ? 4.395   11.601  -1.374  1.00 6.63  ? 40  LYS A CD  1 
ATOM   322  C  CE  . LYS A 1 45  ? 4.486   12.877  -0.488  1.00 6.24  ? 40  LYS A CE  1 
ATOM   323  N  NZ  . LYS A 1 45  ? 3.661   12.808  0.795   1.00 5.67  ? 40  LYS A NZ  1 
ATOM   324  N  N   . LEU A 1 46  ? 5.660   8.808   -6.207  1.00 7.07  ? 41  LEU A N   1 
ATOM   325  C  CA  . LEU A 1 46  ? 6.287   7.704   -6.929  1.00 7.14  ? 41  LEU A CA  1 
ATOM   326  C  C   . LEU A 1 46  ? 6.992   8.233   -8.169  1.00 7.74  ? 41  LEU A C   1 
ATOM   327  O  O   . LEU A 1 46  ? 8.141   7.880   -8.429  1.00 8.23  ? 41  LEU A O   1 
ATOM   328  C  CB  . LEU A 1 46  ? 5.253   6.640   -7.350  1.00 7.74  ? 41  LEU A CB  1 
ATOM   329  C  CG  . LEU A 1 46  ? 4.737   5.723   -6.256  1.00 9.18  ? 41  LEU A CG  1 
ATOM   330  C  CD1 . LEU A 1 46  ? 3.524   4.973   -6.742  1.00 10.47 ? 41  LEU A CD1 1 
ATOM   331  C  CD2 . LEU A 1 46  ? 5.866   4.760   -5.817  1.00 12.30 ? 41  LEU A CD2 1 
ATOM   332  N  N   . ASP A 1 47  ? 6.319   9.096   -8.929  1.00 7.76  ? 42  ASP A N   1 
ATOM   333  C  CA  . ASP A 1 47  ? 6.879   9.549   -10.195 1.00 8.67  ? 42  ASP A CA  1 
ATOM   334  C  C   . ASP A 1 47  ? 8.181   10.311  -9.956  1.00 9.33  ? 42  ASP A C   1 
ATOM   335  O  O   . ASP A 1 47  ? 9.110   10.212  -10.772 1.00 8.59  ? 42  ASP A O   1 
ATOM   336  C  CB  . ASP A 1 47  ? 5.869   10.419  -10.942 1.00 9.24  ? 42  ASP A CB  1 
ATOM   337  C  CG  . ASP A 1 47  ? 6.451   11.057  -12.186 1.00 10.49 ? 42  ASP A CG  1 
ATOM   338  O  OD1 . ASP A 1 47  ? 6.705   10.354  -13.177 1.00 10.71 ? 42  ASP A OD1 1 
ATOM   339  O  OD2 . ASP A 1 47  ? 6.639   12.290  -12.152 1.00 13.74 ? 42  ASP A OD2 1 
ATOM   340  N  N   . ALA A 1 48  ? 8.235   11.032  -8.832  1.00 9.28  ? 43  ALA A N   1 
ATOM   341  C  CA  . ALA A 1 48  ? 9.390   11.861  -8.437  1.00 10.26 ? 43  ALA A CA  1 
ATOM   342  C  C   . ALA A 1 48  ? 10.429  11.104  -7.607  1.00 11.08 ? 43  ALA A C   1 
ATOM   343  O  O   . ALA A 1 48  ? 11.566  11.575  -7.392  1.00 11.66 ? 43  ALA A O   1 
ATOM   344  C  CB  . ALA A 1 48  ? 8.906   13.089  -7.698  1.00 10.34 ? 43  ALA A CB  1 
ATOM   345  N  N   . ASN A 1 49  ? 10.059  9.912   -7.160  1.00 11.80 ? 44  ASN A N   1 
ATOM   346  C  CA  . ASN A 1 49  ? 10.981  9.049   -6.409  1.00 12.15 ? 44  ASN A CA  1 
ATOM   347  C  C   . ASN A 1 49  ? 10.859  7.601   -6.869  1.00 11.49 ? 44  ASN A C   1 
ATOM   348  O  O   . ASN A 1 49  ? 10.328  6.725   -6.146  1.00 11.82 ? 44  ASN A O   1 
ATOM   349  C  CB  . ASN A 1 49  ? 10.714  9.164   -4.899  1.00 11.71 ? 44  ASN A CB  1 
ATOM   350  C  CG  . ASN A 1 49  ? 10.582  10.607  -4.437  1.00 15.05 ? 44  ASN A CG  1 
ATOM   351  O  OD1 . ASN A 1 49  ? 9.498   11.216  -4.506  1.00 14.11 ? 44  ASN A OD1 1 
ATOM   352  N  ND2 . ASN A 1 49  ? 11.680  11.157  -3.940  1.00 16.35 ? 44  ASN A ND2 1 
ATOM   353  N  N   . ALA A 1 50  ? 11.340  7.350   -8.079  1.00 10.69 ? 45  ALA A N   1 
ATOM   354  C  CA  . ALA A 1 50  ? 11.170  6.053   -8.692  1.00 10.21 ? 45  ALA A CA  1 
ATOM   355  C  C   . ALA A 1 50  ? 12.044  4.975   -8.072  1.00 9.59  ? 45  ALA A C   1 
ATOM   356  O  O   . ALA A 1 50  ? 11.961  3.819   -8.492  1.00 9.30  ? 45  ALA A O   1 
ATOM   357  C  CB  . ALA A 1 50  ? 11.379  6.136   -10.174 1.00 10.50 ? 45  ALA A CB  1 
ATOM   358  N  N   . ASP A 1 51  ? 12.852  5.360   -7.067  1.00 8.72  ? 46  ASP A N   1 
ATOM   359  C  CA  . ASP A 1 51  ? 13.649  4.415   -6.240  1.00 8.91  ? 46  ASP A CA  1 
ATOM   360  C  C   . ASP A 1 51  ? 12.800  3.748   -5.154  1.00 8.38  ? 46  ASP A C   1 
ATOM   361  O  O   . ASP A 1 51  ? 13.251  2.838   -4.444  1.00 8.32  ? 46  ASP A O   1 
ATOM   362  C  CB  . ASP A 1 51  ? 14.894  5.079   -5.598  1.00 8.94  ? 46  ASP A CB  1 
ATOM   363  C  CG  . ASP A 1 51  ? 14.588  6.372   -4.870  1.00 10.90 ? 46  ASP A CG  1 
ATOM   364  O  OD1 . ASP A 1 51  ? 13.626  7.073   -5.241  1.00 13.93 ? 46  ASP A OD1 1 
ATOM   365  O  OD2 . ASP A 1 51  ? 15.362  6.726   -3.935  1.00 10.92 ? 46  ASP A OD2 1 
ATOM   366  N  N   . THR A 1 52  ? 11.563  4.218   -5.016  1.00 7.32  ? 47  THR A N   1 
ATOM   367  C  CA  . THR A 1 52  ? 10.610  3.570   -4.099  1.00 6.99  ? 47  THR A CA  1 
ATOM   368  C  C   . THR A 1 52  ? 10.522  2.064   -4.376  1.00 6.46  ? 47  THR A C   1 
ATOM   369  O  O   . THR A 1 52  ? 10.452  1.633   -5.531  1.00 6.65  ? 47  THR A O   1 
ATOM   370  C  CB  . THR A 1 52  ? 9.209   4.203   -4.196  1.00 6.54  ? 47  THR A CB  1 
ATOM   371  O  OG1 . THR A 1 52  ? 9.305   5.591   -3.885  1.00 7.02  ? 47  THR A OG1 1 
ATOM   372  C  CG2 . THR A 1 52  ? 8.207   3.536   -3.222  1.00 6.69  ? 47  THR A CG2 1 
ATOM   373  N  N   . LYS A 1 53  ? 10.539  1.284   -3.298  1.00 6.04  ? 48  LYS A N   1 
ATOM   374  C  CA  . LYS A 1 53  ? 10.638  -0.165  -3.400  1.00 6.44  ? 48  LYS A CA  1 
ATOM   375  C  C   . LYS A 1 53  ? 9.327   -0.895  -3.277  1.00 6.21  ? 48  LYS A C   1 
ATOM   376  O  O   . LYS A 1 53  ? 9.158   -1.933  -3.912  1.00 7.12  ? 48  LYS A O   1 
ATOM   377  C  CB  . LYS A 1 53  ? 11.641  -0.721  -2.386  1.00 6.99  ? 48  LYS A CB  1 
ATOM   378  C  CG  . LYS A 1 53  ? 13.079  -0.252  -2.722  1.00 8.53  ? 48  LYS A CG  1 
ATOM   379  C  CD  . LYS A 1 53  ? 13.634  -1.040  -3.886  1.00 13.52 ? 48  LYS A CD  1 
ATOM   380  C  CE  . LYS A 1 53  ? 15.010  -0.528  -4.318  1.00 13.10 ? 48  LYS A CE  1 
ATOM   381  N  NZ  . LYS A 1 53  ? 14.806  0.709   -5.109  1.00 16.23 ? 48  LYS A NZ  1 
ATOM   382  N  N   . VAL A 1 54  ? 8.417   -0.392  -2.438  1.00 5.49  ? 49  VAL A N   1 
ATOM   383  C  CA  . VAL A 1 54  ? 7.153   -1.097  -2.178  1.00 5.20  ? 49  VAL A CA  1 
ATOM   384  C  C   . VAL A 1 54  ? 6.064   -0.042  -2.031  1.00 4.45  ? 49  VAL A C   1 
ATOM   385  O  O   . VAL A 1 54  ? 6.243   0.954   -1.328  1.00 3.96  ? 49  VAL A O   1 
ATOM   386  C  CB  . VAL A 1 54  ? 7.199   -1.945  -0.860  1.00 5.46  ? 49  VAL A CB  1 
ATOM   387  C  CG1 . VAL A 1 54  ? 5.832   -2.590  -0.576  1.00 4.52  ? 49  VAL A CG1 1 
ATOM   388  C  CG2 . VAL A 1 54  ? 8.342   -3.007  -0.856  1.00 6.93  ? 49  VAL A CG2 1 
ATOM   389  N  N   . LEU A 1 55  ? 4.946   -0.246  -2.723  1.00 4.80  ? 50  LEU A N   1 
ATOM   390  C  CA  . LEU A 1 55  ? 3.752   0.573   -2.538  1.00 3.83  ? 50  LEU A CA  1 
ATOM   391  C  C   . LEU A 1 55  ? 2.736   -0.154  -1.656  1.00 4.59  ? 50  LEU A C   1 
ATOM   392  O  O   . LEU A 1 55  ? 2.385   -1.298  -1.936  1.00 4.80  ? 50  LEU A O   1 
ATOM   393  C  CB  . LEU A 1 55  ? 3.099   0.869   -3.886  1.00 4.63  ? 50  LEU A CB  1 
ATOM   394  C  CG  . LEU A 1 55  ? 1.769   1.641   -3.868  1.00 3.02  ? 50  LEU A CG  1 
ATOM   395  C  CD1 . LEU A 1 55  ? 1.951   3.017   -3.239  1.00 4.30  ? 50  LEU A CD1 1 
ATOM   396  C  CD2 . LEU A 1 55  ? 1.151   1.727   -5.288  1.00 5.58  ? 50  LEU A CD2 1 
ATOM   397  N  N   . ILE A 1 56  ? 2.289   0.517   -0.595  1.00 4.38  ? 51  ILE A N   1 
ATOM   398  C  CA  . ILE A 1 56  ? 1.195   0.036   0.276   1.00 3.70  ? 51  ILE A CA  1 
ATOM   399  C  C   . ILE A 1 56  ? 0.038   1.038   0.186   1.00 4.40  ? 51  ILE A C   1 
ATOM   400  O  O   . ILE A 1 56  ? 0.207   2.219   0.476   1.00 4.26  ? 51  ILE A O   1 
ATOM   401  C  CB  . ILE A 1 56  ? 1.657   -0.082  1.743   1.00 4.62  ? 51  ILE A CB  1 
ATOM   402  C  CG1 . ILE A 1 56  ? 2.921   -0.945  1.857   1.00 4.67  ? 51  ILE A CG1 1 
ATOM   403  C  CG2 . ILE A 1 56  ? 0.457   -0.555  2.655   1.00 4.78  ? 51  ILE A CG2 1 
ATOM   404  C  CD1 . ILE A 1 56  ? 3.405   -1.123  3.318   1.00 4.55  ? 51  ILE A CD1 1 
ATOM   405  N  N   . THR A 1 57  ? -1.142  0.592   -0.222  1.00 4.09  ? 52  THR A N   1 
ATOM   406  C  CA  . THR A 1 57  ? -2.191  1.559   -0.498  1.00 4.74  ? 52  THR A CA  1 
ATOM   407  C  C   . THR A 1 57  ? -3.544  1.030   -0.055  1.00 4.28  ? 52  THR A C   1 
ATOM   408  O  O   . THR A 1 57  ? -3.767  -0.189  -0.068  1.00 4.74  ? 52  THR A O   1 
ATOM   409  C  CB  . THR A 1 57  ? -2.237  1.901   -2.018  1.00 5.48  ? 52  THR A CB  1 
ATOM   410  O  OG1 . THR A 1 57  ? -3.311  2.811   -2.285  1.00 6.89  ? 52  THR A OG1 1 
ATOM   411  C  CG2 . THR A 1 57  ? -2.378  0.642   -2.854  1.00 5.96  ? 52  THR A CG2 1 
ATOM   412  N  N   . ASP A 1 58  ? -4.449  1.945   0.292   1.00 3.80  ? 53  ASP A N   1 
ATOM   413  C  CA  . ASP A 1 58  ? -5.825  1.558   0.496   1.00 4.14  ? 53  ASP A CA  1 
ATOM   414  C  C   . ASP A 1 58  ? -6.562  1.604   -0.841  1.00 3.80  ? 53  ASP A C   1 
ATOM   415  O  O   . ASP A 1 58  ? -5.932  1.736   -1.877  1.00 4.36  ? 53  ASP A O   1 
ATOM   416  C  CB  . ASP A 1 58  ? -6.508  2.432   1.550   1.00 3.28  ? 53  ASP A CB  1 
ATOM   417  C  CG  . ASP A 1 58  ? -6.640  3.887   1.126   1.00 4.88  ? 53  ASP A CG  1 
ATOM   418  O  OD1 . ASP A 1 58  ? -6.043  4.275   0.061   1.00 4.41  ? 53  ASP A OD1 1 
ATOM   419  O  OD2 . ASP A 1 58  ? -7.379  4.612   1.835   1.00 4.78  ? 53  ASP A OD2 1 
ATOM   420  N  N   . TRP A 1 59  ? -7.888  1.471   -0.813  1.00 3.87  ? 54  TRP A N   1 
ATOM   421  C  CA  . TRP A 1 59  ? -8.676  1.525   -2.050  1.00 4.02  ? 54  TRP A CA  1 
ATOM   422  C  C   . TRP A 1 59  ? -9.499  2.830   -2.064  1.00 4.36  ? 54  TRP A C   1 
ATOM   423  O  O   . TRP A 1 59  ? -9.230  3.723   -2.848  1.00 3.55  ? 54  TRP A O   1 
ATOM   424  C  CB  . TRP A 1 59  ? -9.586  0.281   -2.149  1.00 3.33  ? 54  TRP A CB  1 
ATOM   425  C  CG  . TRP A 1 59  ? -10.305 0.107   -3.472  1.00 4.92  ? 54  TRP A CG  1 
ATOM   426  C  CD1 . TRP A 1 59  ? -10.790 1.094   -4.274  1.00 7.56  ? 54  TRP A CD1 1 
ATOM   427  C  CD2 . TRP A 1 59  ? -10.650 -1.129  -4.106  1.00 5.20  ? 54  TRP A CD2 1 
ATOM   428  N  NE1 . TRP A 1 59  ? -11.419 0.552   -5.383  1.00 6.50  ? 54  TRP A NE1 1 
ATOM   429  C  CE2 . TRP A 1 59  ? -11.311 -0.815  -5.318  1.00 5.26  ? 54  TRP A CE2 1 
ATOM   430  C  CE3 . TRP A 1 59  ? -10.421 -2.476  -3.795  1.00 7.49  ? 54  TRP A CE3 1 
ATOM   431  C  CZ2 . TRP A 1 59  ? -11.803 -1.800  -6.189  1.00 6.51  ? 54  TRP A CZ2 1 
ATOM   432  C  CZ3 . TRP A 1 59  ? -10.873 -3.456  -4.676  1.00 6.41  ? 54  TRP A CZ3 1 
ATOM   433  C  CH2 . TRP A 1 59  ? -11.553 -3.115  -5.872  1.00 5.08  ? 54  TRP A CH2 1 
ATOM   434  N  N   . ASN A 1 60  ? -10.497 2.931   -1.183  1.00 5.74  ? 55  ASN A N   1 
ATOM   435  C  CA  . ASN A 1 60  ? -11.378 4.109   -1.154  1.00 5.89  ? 55  ASN A CA  1 
ATOM   436  C  C   . ASN A 1 60  ? -10.696 5.354   -0.636  1.00 6.17  ? 55  ASN A C   1 
ATOM   437  O  O   . ASN A 1 60  ? -10.183 5.393   0.491   1.00 6.09  ? 55  ASN A O   1 
ATOM   438  C  CB  . ASN A 1 60  ? -12.642 3.815   -0.344  1.00 5.95  ? 55  ASN A CB  1 
ATOM   439  C  CG  . ASN A 1 60  ? -13.434 2.647   -0.927  1.00 9.63  ? 55  ASN A CG  1 
ATOM   440  O  OD1 . ASN A 1 60  ? -14.043 2.762   -1.989  1.00 13.63 ? 55  ASN A OD1 1 
ATOM   441  N  ND2 . ASN A 1 60  ? -13.400 1.523   -0.253  1.00 13.86 ? 55  ASN A ND2 1 
ATOM   442  N  N   . MET A 1 61  ? -10.684 6.387   -1.470  1.00 6.46  ? 56  MET A N   1 
ATOM   443  C  CA  . MET A 1 61  ? -10.180 7.706   -1.048  1.00 6.50  ? 56  MET A CA  1 
ATOM   444  C  C   . MET A 1 61  ? -10.441 8.708   -2.133  1.00 6.70  ? 56  MET A C   1 
ATOM   445  O  O   . MET A 1 61  ? -10.449 8.345   -3.333  1.00 7.60  ? 56  MET A O   1 
ATOM   446  C  CB  . MET A 1 61  ? -8.685  7.648   -0.736  1.00 6.62  ? 56  MET A CB  1 
ATOM   447  C  CG  . MET A 1 61  ? -7.872  7.063   -1.879  1.00 6.65  ? 56  MET A CG  1 
ATOM   448  S  SD  . MET A 1 61  ? -6.142  6.952   -1.433  1.00 6.37  ? 56  MET A SD  1 
ATOM   449  C  CE  . MET A 1 61  ? -5.472  5.855   -2.706  1.00 10.62 ? 56  MET A CE  1 
ATOM   450  N  N   . PRO A 1 62  ? -10.701 9.979   -1.735  1.00 7.76  ? 57  PRO A N   1 
ATOM   451  C  CA  . PRO A 1 62  ? -10.850 11.021  -2.757  1.00 6.95  ? 57  PRO A CA  1 
ATOM   452  C  C   . PRO A 1 62  ? -9.496  11.267  -3.436  1.00 6.91  ? 57  PRO A C   1 
ATOM   453  O  O   . PRO A 1 62  ? -8.492  10.703  -3.009  1.00 6.02  ? 57  PRO A O   1 
ATOM   454  C  CB  . PRO A 1 62  ? -11.303 12.269  -1.971  1.00 7.23  ? 57  PRO A CB  1 
ATOM   455  C  CG  . PRO A 1 62  ? -11.581 11.848  -0.564  1.00 8.10  ? 57  PRO A CG  1 
ATOM   456  C  CD  . PRO A 1 62  ? -10.953 10.456  -0.366  1.00 8.18  ? 57  PRO A CD  1 
ATOM   457  N  N   . GLU A 1 63  ? -9.493  12.061  -4.503  1.00 5.96  ? 58  GLU A N   1 
ATOM   458  C  CA  . GLU A 1 63  ? -8.252  12.481  -5.200  1.00 5.58  ? 58  GLU A CA  1 
ATOM   459  C  C   . GLU A 1 63  ? -7.483  11.277  -5.728  1.00 5.31  ? 58  GLU A C   1 
ATOM   460  O  O   . GLU A 1 63  ? -6.327  11.105  -5.455  1.00 5.54  ? 58  GLU A O   1 
ATOM   461  C  CB  . GLU A 1 63  ? -7.389  13.410  -4.312  1.00 5.59  ? 58  GLU A CB  1 
ATOM   462  C  CG  . GLU A 1 63  ? -8.109  14.731  -3.981  1.00 7.35  ? 58  GLU A CG  1 
ATOM   463  C  CD  . GLU A 1 63  ? -7.232  15.765  -3.320  1.00 7.99  ? 58  GLU A CD  1 
ATOM   464  O  OE1 . GLU A 1 63  ? -5.995  15.575  -3.281  1.00 10.67 ? 58  GLU A OE1 1 
ATOM   465  O  OE2 . GLU A 1 63  ? -7.769  16.793  -2.869  1.00 10.37 ? 58  GLU A OE2 1 
ATOM   466  N  N   . MET A 1 64  ? -8.193  10.475  -6.518  1.00 4.57  ? 59  MET A N   1 
ATOM   467  C  CA  . MET A 1 64  ? -7.757  9.199   -7.142  1.00 3.88  ? 59  MET A CA  1 
ATOM   468  C  C   . MET A 1 64  ? -7.728  7.998   -6.182  1.00 4.29  ? 59  MET A C   1 
ATOM   469  O  O   . MET A 1 64  ? -6.948  7.958   -5.218  1.00 4.77  ? 59  MET A O   1 
ATOM   470  C  CB  . MET A 1 64  ? -6.463  9.292   -7.940  1.00 4.76  ? 59  MET A CB  1 
ATOM   471  C  CG  . MET A 1 64  ? -6.119  7.866   -8.492  1.00 4.66  ? 59  MET A CG  1 
ATOM   472  S  SD  . MET A 1 64  ? -4.851  7.935   -9.775  1.00 6.52  ? 59  MET A SD  1 
ATOM   473  C  CE  . MET A 1 64  ? -3.412  8.362   -8.800  1.00 3.77  ? 59  MET A CE  1 
ATOM   474  N  N   . ASN A 1 65  ? -8.580  7.025   -6.453  1.00 4.16  ? 60  ASN A N   1 
ATOM   475  C  CA  . ASN A 1 65  ? -8.678  5.864   -5.566  1.00 4.30  ? 60  ASN A CA  1 
ATOM   476  C  C   . ASN A 1 65  ? -7.531  4.897   -5.803  1.00 4.12  ? 60  ASN A C   1 
ATOM   477  O  O   . ASN A 1 65  ? -6.760  5.061   -6.755  1.00 4.88  ? 60  ASN A O   1 
ATOM   478  C  CB  . ASN A 1 65  ? -10.042 5.172   -5.675  1.00 4.18  ? 60  ASN A CB  1 
ATOM   479  C  CG  . ASN A 1 65  ? -10.264 4.532   -7.003  1.00 6.99  ? 60  ASN A CG  1 
ATOM   480  O  OD1 . ASN A 1 65  ? -9.457  3.714   -7.442  1.00 5.04  ? 60  ASN A OD1 1 
ATOM   481  N  ND2 . ASN A 1 65  ? -11.392 4.846   -7.637  1.00 7.58  ? 60  ASN A ND2 1 
ATOM   482  N  N   . GLY A 1 66  ? -7.367  3.956   -4.881  1.00 3.25  ? 61  GLY A N   1 
ATOM   483  C  CA  . GLY A 1 66  ? -6.247  3.002   -4.956  1.00 3.28  ? 61  GLY A CA  1 
ATOM   484  C  C   . GLY A 1 66  ? -6.277  2.037   -6.123  1.00 3.50  ? 61  GLY A C   1 
ATOM   485  O  O   . GLY A 1 66  ? -5.215  1.619   -6.585  1.00 3.82  ? 61  GLY A O   1 
ATOM   486  N  N   . LEU A 1 67  ? -7.462  1.643   -6.622  1.00 3.41  ? 62  LEU A N   1 
ATOM   487  C  CA  . LEU A 1 67  ? -7.482  0.802   -7.835  1.00 3.74  ? 62  LEU A CA  1 
ATOM   488  C  C   . LEU A 1 67  ? -6.886  1.544   -9.036  1.00 3.32  ? 62  LEU A C   1 
ATOM   489  O  O   . LEU A 1 67  ? -6.038  1.001   -9.743  1.00 2.00  ? 62  LEU A O   1 
ATOM   490  C  CB  . LEU A 1 67  ? -8.889  0.289   -8.163  1.00 4.80  ? 62  LEU A CB  1 
ATOM   491  C  CG  . LEU A 1 67  ? -8.999  -0.665  -9.356  1.00 6.90  ? 62  LEU A CG  1 
ATOM   492  C  CD1 . LEU A 1 67  ? -8.489  -2.057  -8.967  1.00 6.62  ? 62  LEU A CD1 1 
ATOM   493  C  CD2 . LEU A 1 67  ? -10.451 -0.703  -9.861  1.00 7.71  ? 62  LEU A CD2 1 
ATOM   494  N  N   . ASP A 1 68  ? -7.316  2.793   -9.238  1.00 3.72  ? 63  ASP A N   1 
ATOM   495  C  CA  . ASP A 1 68  ? -6.788  3.586   -10.346 1.00 4.71  ? 63  ASP A CA  1 
ATOM   496  C  C   . ASP A 1 68  ? -5.297  3.872   -10.178 1.00 4.47  ? 63  ASP A C   1 
ATOM   497  O  O   . ASP A 1 68  ? -4.559  3.916   -11.154 1.00 6.23  ? 63  ASP A O   1 
ATOM   498  C  CB  . ASP A 1 68  ? -7.536  4.925   -10.481 1.00 3.94  ? 63  ASP A CB  1 
ATOM   499  C  CG  . ASP A 1 68  ? -8.950  4.756   -10.997 1.00 6.03  ? 63  ASP A CG  1 
ATOM   500  O  OD1 . ASP A 1 68  ? -9.295  3.652   -11.439 1.00 9.23  ? 63  ASP A OD1 1 
ATOM   501  O  OD2 . ASP A 1 68  ? -9.722  5.731   -10.955 1.00 4.46  ? 63  ASP A OD2 1 
ATOM   502  N  N   . LEU A 1 69  ? -4.876  4.099   -8.935  1.00 4.89  ? 64  LEU A N   1 
ATOM   503  C  CA  . LEU A 1 69  ? -3.463  4.302   -8.624  1.00 4.18  ? 64  LEU A CA  1 
ATOM   504  C  C   . LEU A 1 69  ? -2.689  3.059   -9.021  1.00 4.14  ? 64  LEU A C   1 
ATOM   505  O  O   . LEU A 1 69  ? -1.664  3.149   -9.671  1.00 3.94  ? 64  LEU A O   1 
ATOM   506  C  CB  . LEU A 1 69  ? -3.268  4.587   -7.121  1.00 3.66  ? 64  LEU A CB  1 
ATOM   507  C  CG  . LEU A 1 69  ? -1.798  4.608   -6.671  1.00 4.17  ? 64  LEU A CG  1 
ATOM   508  C  CD1 . LEU A 1 69  ? -0.989  5.712   -7.364  1.00 3.56  ? 64  LEU A CD1 1 
ATOM   509  C  CD2 . LEU A 1 69  ? -1.675  4.711   -5.153  1.00 5.58  ? 64  LEU A CD2 1 
ATOM   510  N  N   . VAL A 1 70  ? -3.195  1.883   -8.656  1.00 3.74  ? 65  VAL A N   1 
ATOM   511  C  CA  . VAL A 1 70  ? -2.495  0.654   -9.014  1.00 4.15  ? 65  VAL A CA  1 
ATOM   512  C  C   . VAL A 1 70  ? -2.374  0.498   -10.546 1.00 5.17  ? 65  VAL A C   1 
ATOM   513  O  O   . VAL A 1 70  ? -1.294  0.195   -11.063 1.00 5.53  ? 65  VAL A O   1 
ATOM   514  C  CB  . VAL A 1 70  ? -3.127  -0.587  -8.338  1.00 2.99  ? 65  VAL A CB  1 
ATOM   515  C  CG1 . VAL A 1 70  ? -2.610  -1.904  -8.955  1.00 4.76  ? 65  VAL A CG1 1 
ATOM   516  C  CG2 . VAL A 1 70  ? -2.864  -0.548  -6.803  1.00 5.78  ? 65  VAL A CG2 1 
ATOM   517  N  N   . LYS A 1 71  ? -3.472  0.733   -11.258 1.00 5.94  ? 66  LYS A N   1 
ATOM   518  C  CA  . LYS A 1 71  ? -3.447  0.623   -12.709 1.00 6.95  ? 66  LYS A CA  1 
ATOM   519  C  C   . LYS A 1 71  ? -2.392  1.548   -13.305 1.00 7.43  ? 66  LYS A C   1 
ATOM   520  O  O   . LYS A 1 71  ? -1.662  1.189   -14.247 1.00 7.41  ? 66  LYS A O   1 
ATOM   521  C  CB  . LYS A 1 71  ? -4.832  0.915   -13.306 1.00 7.13  ? 66  LYS A CB  1 
ATOM   522  C  CG  . LYS A 1 71  ? -5.843  -0.219  -13.069 1.00 5.07  ? 66  LYS A CG  1 
ATOM   523  C  CD  . LYS A 1 71  ? -7.212  0.185   -13.542 1.00 6.16  ? 66  LYS A CD  1 
ATOM   524  C  CE  . LYS A 1 71  ? -8.186  -0.939  -13.281 1.00 8.53  ? 66  LYS A CE  1 
ATOM   525  N  NZ  . LYS A 1 71  ? -9.536  -0.593  -13.855 1.00 9.13  ? 66  LYS A NZ  1 
ATOM   526  N  N   . LYS A 1 72  ? -2.333  2.752   -12.764 1.00 7.39  ? 67  LYS A N   1 
ATOM   527  C  CA  . LYS A 1 72  ? -1.450  3.765   -13.292 1.00 7.72  ? 67  LYS A CA  1 
ATOM   528  C  C   . LYS A 1 72  ? 0.012   3.363   -13.053 1.00 7.76  ? 67  LYS A C   1 
ATOM   529  O  O   . LYS A 1 72  ? 0.863   3.478   -13.954 1.00 7.00  ? 67  LYS A O   1 
ATOM   530  C  CB  . LYS A 1 72  ? -1.781  5.091   -12.651 1.00 8.23  ? 67  LYS A CB  1 
ATOM   531  C  CG  . LYS A 1 72  ? -1.033  6.256   -13.205 1.00 10.03 ? 67  LYS A CG  1 
ATOM   532  C  CD  . LYS A 1 72  ? -1.467  7.487   -12.486 1.00 11.14 ? 67  LYS A CD  1 
ATOM   533  C  CE  . LYS A 1 72  ? -0.938  8.689   -13.154 1.00 11.92 ? 67  LYS A CE  1 
ATOM   534  N  NZ  . LYS A 1 72  ? -1.539  8.757   -14.502 1.00 13.84 ? 67  LYS A NZ  1 
ATOM   535  N  N   . VAL A 1 73  ? 0.283   2.869   -11.845 1.00 7.36  ? 68  VAL A N   1 
ATOM   536  C  CA  . VAL A 1 73  ? 1.596   2.317   -11.479 1.00 7.35  ? 68  VAL A CA  1 
ATOM   537  C  C   . VAL A 1 73  ? 2.019   1.201   -12.445 1.00 8.66  ? 68  VAL A C   1 
ATOM   538  O  O   . VAL A 1 73  ? 3.092   1.269   -13.038 1.00 8.24  ? 68  VAL A O   1 
ATOM   539  C  CB  . VAL A 1 73  ? 1.623   1.879   -9.967  1.00 6.94  ? 68  VAL A CB  1 
ATOM   540  C  CG1 . VAL A 1 73  ? 2.958   1.148   -9.592  1.00 5.18  ? 68  VAL A CG1 1 
ATOM   541  C  CG2 . VAL A 1 73  ? 1.431   3.107   -9.087  1.00 5.17  ? 68  VAL A CG2 1 
ATOM   542  N  N   . ARG A 1 74  ? 1.181   0.177   -12.627 1.00 9.16  ? 69  ARG A N   1 
ATOM   543  C  CA  . ARG A 1 74  ? 1.533   -0.946  -13.523 1.00 10.55 ? 69  ARG A CA  1 
ATOM   544  C  C   . ARG A 1 74  ? 1.738   -0.610  -15.004 1.00 11.15 ? 69  ARG A C   1 
ATOM   545  O  O   . ARG A 1 74  ? 2.367   -1.403  -15.739 1.00 13.08 ? 69  ARG A O   1 
ATOM   546  C  CB  . ARG A 1 74  ? 0.495   -2.058  -13.419 1.00 9.87  ? 69  ARG A CB  1 
ATOM   547  C  CG  . ARG A 1 74  ? 0.666   -2.852  -12.188 1.00 8.23  ? 69  ARG A CG  1 
ATOM   548  C  CD  . ARG A 1 74  ? 1.819   -3.840  -12.284 1.00 9.20  ? 69  ARG A CD  1 
ATOM   549  N  NE  . ARG A 1 74  ? 1.851   -4.572  -11.024 1.00 7.92  ? 69  ARG A NE  1 
ATOM   550  C  CZ  . ARG A 1 74  ? 2.735   -4.410  -10.047 1.00 6.49  ? 69  ARG A CZ  1 
ATOM   551  N  NH1 . ARG A 1 74  ? 3.767   -3.577  -10.179 1.00 8.03  ? 69  ARG A NH1 1 
ATOM   552  N  NH2 . ARG A 1 74  ? 2.590   -5.120  -8.937  1.00 4.71  ? 69  ARG A NH2 1 
ATOM   553  N  N   . SER A 1 75  ? 1.211   0.535   -15.442 1.00 11.42 ? 70  SER A N   1 
ATOM   554  C  CA  . SER A 1 75  ? 1.310   0.968   -16.840 1.00 12.09 ? 70  SER A CA  1 
ATOM   555  C  C   . SER A 1 75  ? 2.577   1.773   -17.059 1.00 11.84 ? 70  SER A C   1 
ATOM   556  O  O   . SER A 1 75  ? 2.933   2.096   -18.194 1.00 12.73 ? 70  SER A O   1 
ATOM   557  C  CB  . SER A 1 75  ? 0.088   1.805   -17.215 1.00 12.94 ? 70  SER A CB  1 
ATOM   558  O  OG  . SER A 1 75  ? -1.094  1.025   -17.082 1.00 16.18 ? 70  SER A OG  1 
ATOM   559  N  N   . ASP A 1 76  ? 3.261   2.116   -15.970 1.00 10.67 ? 71  ASP A N   1 
ATOM   560  C  CA  . ASP A 1 76  ? 4.476   2.923   -16.085 1.00 9.74  ? 71  ASP A CA  1 
ATOM   561  C  C   . ASP A 1 76  ? 5.649   1.968   -16.269 1.00 10.27 ? 71  ASP A C   1 
ATOM   562  O  O   . ASP A 1 76  ? 5.787   1.006   -15.525 1.00 10.01 ? 71  ASP A O   1 
ATOM   563  C  CB  . ASP A 1 76  ? 4.646   3.790   -14.828 1.00 9.26  ? 71  ASP A CB  1 
ATOM   564  C  CG  . ASP A 1 76  ? 5.739   4.847   -14.964 1.00 9.20  ? 71  ASP A CG  1 
ATOM   565  O  OD1 . ASP A 1 76  ? 6.933   4.495   -14.999 1.00 7.87  ? 71  ASP A OD1 1 
ATOM   566  O  OD2 . ASP A 1 76  ? 5.424   6.051   -14.969 1.00 7.62  ? 71  ASP A OD2 1 
ATOM   567  N  N   . SER A 1 77  ? 6.483   2.244   -17.269 1.00 10.78 ? 72  SER A N   1 
ATOM   568  C  CA  . SER A 1 77  ? 7.674   1.423   -17.537 1.00 11.44 ? 72  SER A CA  1 
ATOM   569  C  C   . SER A 1 77  ? 8.644   1.263   -16.349 1.00 10.74 ? 72  SER A C   1 
ATOM   570  O  O   . SER A 1 77  ? 9.417   0.304   -16.317 1.00 11.18 ? 72  SER A O   1 
ATOM   571  C  CB  . SER A 1 77  ? 8.440   1.994   -18.739 1.00 11.90 ? 72  SER A CB  1 
ATOM   572  O  OG  . SER A 1 77  ? 8.883   3.312   -18.443 1.00 15.07 ? 72  SER A OG  1 
ATOM   573  N  N   . ARG A 1 78  ? 8.605   2.185   -15.386 1.00 9.85  ? 73  ARG A N   1 
ATOM   574  C  CA  . ARG A 1 78  ? 9.519   2.120   -14.241 1.00 8.40  ? 73  ARG A CA  1 
ATOM   575  C  C   . ARG A 1 78  ? 9.037   1.199   -13.108 1.00 8.21  ? 73  ARG A C   1 
ATOM   576  O  O   . ARG A 1 78  ? 9.830   0.781   -12.250 1.00 8.25  ? 73  ARG A O   1 
ATOM   577  C  CB  . ARG A 1 78  ? 9.759   3.525   -13.688 1.00 7.93  ? 73  ARG A CB  1 
ATOM   578  C  CG  . ARG A 1 78  ? 10.407  4.474   -14.687 1.00 9.67  ? 73  ARG A CG  1 
ATOM   579  C  CD  . ARG A 1 78  ? 10.314  5.887   -14.205 1.00 9.36  ? 73  ARG A CD  1 
ATOM   580  N  NE  . ARG A 1 78  ? 8.916   6.305   -14.146 1.00 9.36  ? 73  ARG A NE  1 
ATOM   581  C  CZ  . ARG A 1 78  ? 8.488   7.435   -13.587 1.00 8.30  ? 73  ARG A CZ  1 
ATOM   582  N  NH1 . ARG A 1 78  ? 9.347   8.268   -12.995 1.00 7.49  ? 73  ARG A NH1 1 
ATOM   583  N  NH2 . ARG A 1 78  ? 7.182   7.723   -13.603 1.00 7.53  ? 73  ARG A NH2 1 
ATOM   584  N  N   . PHE A 1 79  ? 7.750   0.871   -13.120 1.00 8.36  ? 74  PHE A N   1 
ATOM   585  C  CA  . PHE A 1 79  ? 7.124   0.244   -11.975 1.00 8.11  ? 74  PHE A CA  1 
ATOM   586  C  C   . PHE A 1 79  ? 6.453   -1.088  -12.354 1.00 9.81  ? 74  PHE A C   1 
ATOM   587  O  O   . PHE A 1 79  ? 5.578   -1.583  -11.630 1.00 9.91  ? 74  PHE A O   1 
ATOM   588  C  CB  . PHE A 1 79  ? 6.118   1.214   -11.330 1.00 8.14  ? 74  PHE A CB  1 
ATOM   589  C  CG  . PHE A 1 79  ? 6.729   2.525   -10.907 1.00 7.90  ? 74  PHE A CG  1 
ATOM   590  C  CD1 . PHE A 1 79  ? 7.826   2.563   -10.043 1.00 10.00 ? 74  PHE A CD1 1 
ATOM   591  C  CD2 . PHE A 1 79  ? 6.205   3.731   -11.367 1.00 6.42  ? 74  PHE A CD2 1 
ATOM   592  C  CE1 . PHE A 1 79  ? 8.401   3.794   -9.676  1.00 10.84 ? 74  PHE A CE1 1 
ATOM   593  C  CE2 . PHE A 1 79  ? 6.777   4.946   -11.020 1.00 9.20  ? 74  PHE A CE2 1 
ATOM   594  C  CZ  . PHE A 1 79  ? 7.869   4.980   -10.162 1.00 9.32  ? 74  PHE A CZ  1 
ATOM   595  N  N   . LYS A 1 80  ? 6.886   -1.682  -13.466 1.00 9.45  ? 75  LYS A N   1 
ATOM   596  C  CA  . LYS A 1 80  ? 6.320   -2.976  -13.903 1.00 10.18 ? 75  LYS A CA  1 
ATOM   597  C  C   . LYS A 1 80  ? 6.433   -4.048  -12.831 1.00 9.57  ? 75  LYS A C   1 
ATOM   598  O  O   . LYS A 1 80  ? 5.542   -4.891  -12.722 1.00 9.95  ? 75  LYS A O   1 
ATOM   599  C  CB  . LYS A 1 80  ? 6.911   -3.465  -15.242 1.00 11.28 ? 75  LYS A CB  1 
ATOM   600  C  CG  . LYS A 1 80  ? 6.605   -2.503  -16.422 1.00 14.38 ? 75  LYS A CG  1 
ATOM   601  C  CD  . LYS A 1 80  ? 6.672   -3.153  -17.800 1.00 20.46 ? 75  LYS A CD  1 
ATOM   602  C  CE  . LYS A 1 80  ? 6.042   -2.260  -18.912 1.00 22.16 ? 75  LYS A CE  1 
ATOM   603  N  NZ  . LYS A 1 80  ? 4.851   -1.413  -18.477 1.00 25.68 ? 75  LYS A NZ  1 
ATOM   604  N  N   . GLU A 1 81  ? 7.499   -4.007  -12.026 1.00 8.19  ? 76  GLU A N   1 
ATOM   605  C  CA  . GLU A 1 81  ? 7.709   -5.056  -11.009 1.00 7.48  ? 76  GLU A CA  1 
ATOM   606  C  C   . GLU A 1 81  ? 7.673   -4.587  -9.544  1.00 6.74  ? 76  GLU A C   1 
ATOM   607  O  O   . GLU A 1 81  ? 8.098   -5.333  -8.663  1.00 6.71  ? 76  GLU A O   1 
ATOM   608  C  CB  . GLU A 1 81  ? 9.020   -5.835  -11.262 1.00 7.77  ? 76  GLU A CB  1 
ATOM   609  C  CG  . GLU A 1 81  ? 9.251   -6.257  -12.731 1.00 6.02  ? 76  GLU A CG  1 
ATOM   610  C  CD  . GLU A 1 81  ? 8.225   -7.271  -13.213 1.00 7.68  ? 76  GLU A CD  1 
ATOM   611  O  OE1 . GLU A 1 81  ? 7.628   -7.914  -12.353 1.00 7.53  ? 76  GLU A OE1 1 
ATOM   612  O  OE2 . GLU A 1 81  ? 8.044   -7.427  -14.445 1.00 10.09 ? 76  GLU A OE2 1 
ATOM   613  N  N   . ILE A 1 82  ? 7.179   -3.379  -9.270  1.00 5.60  ? 77  ILE A N   1 
ATOM   614  C  CA  . ILE A 1 82  ? 7.136   -2.930  -7.868  1.00 4.92  ? 77  ILE A CA  1 
ATOM   615  C  C   . ILE A 1 82  ? 6.126   -3.740  -7.065  1.00 5.08  ? 77  ILE A C   1 
ATOM   616  O  O   . ILE A 1 82  ? 4.986   -3.906  -7.502  1.00 4.83  ? 77  ILE A O   1 
ATOM   617  C  CB  . ILE A 1 82  ? 6.826   -1.400  -7.766  1.00 4.82  ? 77  ILE A CB  1 
ATOM   618  C  CG1 . ILE A 1 82  ? 7.053   -0.922  -6.334  1.00 3.66  ? 77  ILE A CG1 1 
ATOM   619  C  CG2 . ILE A 1 82  ? 5.412   -1.099  -8.183  1.00 5.46  ? 77  ILE A CG2 1 
ATOM   620  C  CD1 . ILE A 1 82  ? 6.855   0.587   -6.132  1.00 4.84  ? 77  ILE A CD1 1 
ATOM   621  N  N   . PRO A 1 83  ? 6.532   -4.273  -5.903  1.00 5.20  ? 78  PRO A N   1 
ATOM   622  C  CA  . PRO A 1 83  ? 5.535   -4.948  -5.049  1.00 5.32  ? 78  PRO A CA  1 
ATOM   623  C  C   . PRO A 1 83  ? 4.437   -3.983  -4.592  1.00 4.82  ? 78  PRO A C   1 
ATOM   624  O  O   . PRO A 1 83  ? 4.738   -2.853  -4.185  1.00 5.47  ? 78  PRO A O   1 
ATOM   625  C  CB  . PRO A 1 83  ? 6.355   -5.433  -3.851  1.00 5.85  ? 78  PRO A CB  1 
ATOM   626  C  CG  . PRO A 1 83  ? 7.737   -5.581  -4.383  1.00 5.31  ? 78  PRO A CG  1 
ATOM   627  C  CD  . PRO A 1 83  ? 7.912   -4.475  -5.417  1.00 5.19  ? 78  PRO A CD  1 
ATOM   628  N  N   . ILE A 1 84  ? 3.179   -4.433  -4.674  1.00 4.64  ? 79  ILE A N   1 
ATOM   629  C  CA  . ILE A 1 84  ? 2.038   -3.629  -4.281  1.00 3.99  ? 79  ILE A CA  1 
ATOM   630  C  C   . ILE A 1 84  ? 1.207   -4.424  -3.286  1.00 4.58  ? 79  ILE A C   1 
ATOM   631  O  O   . ILE A 1 84  ? 0.725   -5.520  -3.589  1.00 3.69  ? 79  ILE A O   1 
ATOM   632  C  CB  . ILE A 1 84  ? 1.147   -3.245  -5.487  1.00 3.04  ? 79  ILE A CB  1 
ATOM   633  C  CG1 . ILE A 1 84  ? 1.968   -2.448  -6.511  1.00 3.47  ? 79  ILE A CG1 1 
ATOM   634  C  CG2 . ILE A 1 84  ? -0.170  -2.493  -5.003  1.00 3.88  ? 79  ILE A CG2 1 
ATOM   635  C  CD1 . ILE A 1 84  ? 1.183   -2.024  -7.782  1.00 4.18  ? 79  ILE A CD1 1 
ATOM   636  N  N   . ILE A 1 85  ? 1.086   -3.858  -2.098  1.00 4.65  ? 80  ILE A N   1 
ATOM   637  C  CA  . ILE A 1 85  ? 0.228   -4.373  -1.023  1.00 4.61  ? 80  ILE A CA  1 
ATOM   638  C  C   . ILE A 1 85  ? -0.998  -3.473  -0.886  1.00 5.11  ? 80  ILE A C   1 
ATOM   639  O  O   . ILE A 1 85  ? -0.881  -2.261  -0.667  1.00 5.16  ? 80  ILE A O   1 
ATOM   640  C  CB  . ILE A 1 85  ? 1.008   -4.428  0.320   1.00 5.01  ? 80  ILE A CB  1 
ATOM   641  C  CG1 . ILE A 1 85  ? 2.349   -5.174  0.155   1.00 5.26  ? 80  ILE A CG1 1 
ATOM   642  C  CG2 . ILE A 1 85  ? 0.135   -5.012  1.427   1.00 4.70  ? 80  ILE A CG2 1 
ATOM   643  C  CD1 . ILE A 1 85  ? 3.238   -5.163  1.422   1.00 5.21  ? 80  ILE A CD1 1 
ATOM   644  N  N   . MET A 1 86  ? -2.187  -4.045  -1.057  1.00 5.23  ? 81  MET A N   1 
ATOM   645  C  CA  . MET A 1 86  ? -3.410  -3.280  -0.796  1.00 4.38  ? 81  MET A CA  1 
ATOM   646  C  C   . MET A 1 86  ? -3.964  -3.656  0.564   1.00 5.55  ? 81  MET A C   1 
ATOM   647  O  O   . MET A 1 86  ? -4.160  -4.832  0.867   1.00 5.79  ? 81  MET A O   1 
ATOM   648  C  CB  . MET A 1 86  ? -4.469  -3.470  -1.883  1.00 3.83  ? 81  MET A CB  1 
ATOM   649  C  CG  . MET A 1 86  ? -5.713  -2.608  -1.688  1.00 4.47  ? 81  MET A CG  1 
ATOM   650  S  SD  . MET A 1 86  ? -6.816  -2.611  -3.147  1.00 6.81  ? 81  MET A SD  1 
ATOM   651  C  CE  . MET A 1 86  ? -6.139  -1.284  -4.130  1.00 4.35  ? 81  MET A CE  1 
ATOM   652  N  N   . ILE A 1 87  ? -4.166  -2.635  1.392   1.00 5.73  ? 82  ILE A N   1 
ATOM   653  C  CA  . ILE A 1 87  ? -4.748  -2.812  2.741   1.00 5.42  ? 82  ILE A CA  1 
ATOM   654  C  C   . ILE A 1 87  ? -6.070  -2.020  2.773   1.00 6.00  ? 82  ILE A C   1 
ATOM   655  O  O   . ILE A 1 87  ? -6.071  -0.777  2.740   1.00 6.94  ? 82  ILE A O   1 
ATOM   656  C  CB  . ILE A 1 87  ? -3.773  -2.336  3.855   1.00 5.31  ? 82  ILE A CB  1 
ATOM   657  C  CG1 . ILE A 1 87  ? -2.405  -3.002  3.701   1.00 7.41  ? 82  ILE A CG1 1 
ATOM   658  C  CG2 . ILE A 1 87  ? -4.402  -2.592  5.254   1.00 6.50  ? 82  ILE A CG2 1 
ATOM   659  C  CD1 . ILE A 1 87  ? -1.356  -2.561  4.783   1.00 6.29  ? 82  ILE A CD1 1 
ATOM   660  N  N   . THR A 1 88  ? -7.194  -2.741  2.837   1.00 5.87  ? 83  THR A N   1 
ATOM   661  C  CA  . THR A 1 88  ? -8.484  -2.132  2.548   1.00 4.39  ? 83  THR A CA  1 
ATOM   662  C  C   . THR A 1 88  ? -9.598  -2.854  3.286   1.00 4.89  ? 83  THR A C   1 
ATOM   663  O  O   . THR A 1 88  ? -9.508  -4.056  3.547   1.00 4.10  ? 83  THR A O   1 
ATOM   664  C  CB  . THR A 1 88  ? -8.779  -2.194  1.008   1.00 5.08  ? 83  THR A CB  1 
ATOM   665  O  OG1 . THR A 1 88  ? -10.094 -1.673  0.746   1.00 5.24  ? 83  THR A OG1 1 
ATOM   666  C  CG2 . THR A 1 88  ? -8.708  -3.663  0.472   1.00 3.10  ? 83  THR A CG2 1 
ATOM   667  N  N   . ALA A 1 89  ? -10.648 -2.114  3.615   1.00 5.09  ? 84  ALA A N   1 
ATOM   668  C  CA  . ALA A 1 89  ? -11.893 -2.701  4.153   1.00 6.32  ? 84  ALA A CA  1 
ATOM   669  C  C   . ALA A 1 89  ? -12.728 -3.409  3.077   1.00 6.94  ? 84  ALA A C   1 
ATOM   670  O  O   . ALA A 1 89  ? -13.728 -4.059  3.395   1.00 8.40  ? 84  ALA A O   1 
ATOM   671  C  CB  . ALA A 1 89  ? -12.725 -1.613  4.863   1.00 6.21  ? 84  ALA A CB  1 
ATOM   672  N  N   . GLU A 1 90  ? -12.338 -3.291  1.809   1.00 6.97  ? 85  GLU A N   1 
ATOM   673  C  CA  . GLU A 1 90  ? -13.065 -4.005  0.735   1.00 7.50  ? 85  GLU A CA  1 
ATOM   674  C  C   . GLU A 1 90  ? -12.764 -5.497  0.811   1.00 7.69  ? 85  GLU A C   1 
ATOM   675  O  O   . GLU A 1 90  ? -11.886 -6.025  0.090   1.00 8.22  ? 85  GLU A O   1 
ATOM   676  C  CB  . GLU A 1 90  ? -12.739 -3.440  -0.648  1.00 7.67  ? 85  GLU A CB  1 
ATOM   677  C  CG  . GLU A 1 90  ? -13.124 -1.971  -0.855  1.00 8.86  ? 85  GLU A CG  1 
ATOM   678  C  CD  . GLU A 1 90  ? -14.630 -1.769  -0.930  1.00 9.49  ? 85  GLU A CD  1 
ATOM   679  O  OE1 . GLU A 1 90  ? -15.373 -2.759  -1.099  1.00 9.55  ? 85  GLU A OE1 1 
ATOM   680  O  OE2 . GLU A 1 90  ? -15.081 -0.613  -0.837  1.00 12.07 ? 85  GLU A OE2 1 
ATOM   681  N  N   . GLY A 1 91  ? -13.503 -6.181  1.675   1.00 7.14  ? 86  GLY A N   1 
ATOM   682  C  CA  . GLY A 1 91  ? -13.252 -7.588  1.940   1.00 8.71  ? 86  GLY A CA  1 
ATOM   683  C  C   . GLY A 1 91  ? -13.903 -8.580  0.971   1.00 8.31  ? 86  GLY A C   1 
ATOM   684  O  O   . GLY A 1 91  ? -13.576 -9.786  0.993   1.00 8.15  ? 86  GLY A O   1 
ATOM   685  N  N   . GLY A 1 92  ? -14.804 -8.112  0.116   1.00 7.25  ? 87  GLY A N   1 
ATOM   686  C  CA  . GLY A 1 92  ? -15.494 -9.048  -0.787  1.00 7.91  ? 87  GLY A CA  1 
ATOM   687  C  C   . GLY A 1 92  ? -14.579 -9.591  -1.881  1.00 7.76  ? 87  GLY A C   1 
ATOM   688  O  O   . GLY A 1 92  ? -13.728 -8.866  -2.405  1.00 6.81  ? 87  GLY A O   1 
ATOM   689  N  N   . LYS A 1 93  ? -14.727 -10.869 -2.245  1.00 7.63  ? 88  LYS A N   1 
ATOM   690  C  CA  . LYS A 1 93  ? -13.866 -11.415 -3.291  1.00 8.45  ? 88  LYS A CA  1 
ATOM   691  C  C   . LYS A 1 93  ? -13.997 -10.782 -4.678  1.00 7.90  ? 88  LYS A C   1 
ATOM   692  O  O   . LYS A 1 93  ? -13.037 -10.793 -5.468  1.00 9.38  ? 88  LYS A O   1 
ATOM   693  C  CB  . LYS A 1 93  ? -14.068 -12.921 -3.425  1.00 9.36  ? 88  LYS A CB  1 
ATOM   694  C  CG  . LYS A 1 93  ? -13.354 -13.725 -2.396  1.00 12.04 ? 88  LYS A CG  1 
ATOM   695  C  CD  . LYS A 1 93  ? -11.934 -13.272 -2.171  1.00 11.52 ? 88  LYS A CD  1 
ATOM   696  C  CE  . LYS A 1 93  ? -11.322 -14.019 -1.007  1.00 12.21 ? 88  LYS A CE  1 
ATOM   697  N  NZ  . LYS A 1 93  ? -11.897 -13.754 0.341   1.00 15.02 ? 88  LYS A NZ  1 
ATOM   698  N  N   . ALA A 1 94  ? -15.170 -10.246 -5.021  1.00 7.72  ? 89  ALA A N   1 
ATOM   699  C  CA  . ALA A 1 94  ? -15.276 -9.558  -6.310  1.00 7.68  ? 89  ALA A CA  1 
ATOM   700  C  C   . ALA A 1 94  ? -14.242 -8.434  -6.339  1.00 7.32  ? 89  ALA A C   1 
ATOM   701  O  O   . ALA A 1 94  ? -13.625 -8.193  -7.375  1.00 7.01  ? 89  ALA A O   1 
ATOM   702  C  CB  . ALA A 1 94  ? -16.679 -8.982  -6.565  1.00 8.37  ? 89  ALA A CB  1 
ATOM   703  N  N   . GLU A 1 95  ? -14.061 -7.764  -5.199  1.00 6.96  ? 90  GLU A N   1 
ATOM   704  C  CA  . GLU A 1 95  ? -13.147 -6.630  -5.121  1.00 6.36  ? 90  GLU A CA  1 
ATOM   705  C  C   . GLU A 1 95  ? -11.724 -7.140  -5.109  1.00 6.21  ? 90  GLU A C   1 
ATOM   706  O  O   . GLU A 1 95  ? -10.843 -6.564  -5.761  1.00 5.87  ? 90  GLU A O   1 
ATOM   707  C  CB  . GLU A 1 95  ? -13.422 -5.763  -3.877  1.00 6.66  ? 90  GLU A CB  1 
ATOM   708  C  CG  . GLU A 1 95  ? -14.610 -4.809  -4.048  1.00 6.92  ? 90  GLU A CG  1 
ATOM   709  C  CD  . GLU A 1 95  ? -15.924 -5.573  -4.244  1.00 8.86  ? 90  GLU A CD  1 
ATOM   710  O  OE1 . GLU A 1 95  ? -16.362 -6.301  -3.340  1.00 7.35  ? 90  GLU A OE1 1 
ATOM   711  O  OE2 . GLU A 1 95  ? -16.540 -5.451  -5.324  1.00 13.10 ? 90  GLU A OE2 1 
ATOM   712  N  N   . VAL A 1 96  ? -11.492 -8.250  -4.402  1.00 5.59  ? 91  VAL A N   1 
ATOM   713  C  CA  . VAL A 1 96  ? -10.155 -8.825  -4.394  1.00 5.51  ? 91  VAL A CA  1 
ATOM   714  C  C   . VAL A 1 96  ? -9.756  -9.141  -5.840  1.00 6.13  ? 91  VAL A C   1 
ATOM   715  O  O   . VAL A 1 96  ? -8.651  -8.788  -6.314  1.00 6.12  ? 91  VAL A O   1 
ATOM   716  C  CB  . VAL A 1 96  ? -10.091 -10.116 -3.530  1.00 5.87  ? 91  VAL A CB  1 
ATOM   717  C  CG1 . VAL A 1 96  ? -8.789  -10.859 -3.768  1.00 4.92  ? 91  VAL A CG1 1 
ATOM   718  C  CG2 . VAL A 1 96  ? -10.218 -9.773  -2.058  1.00 6.06  ? 91  VAL A CG2 1 
ATOM   719  N  N   . ILE A 1 97  ? -10.647 -9.849  -6.541  1.00 5.56  ? 92  ILE A N   1 
ATOM   720  C  CA  . ILE A 1 97  ? -10.365 -10.205 -7.929  1.00 5.54  ? 92  ILE A CA  1 
ATOM   721  C  C   . ILE A 1 97  ? -10.060 -8.974  -8.794  1.00 5.81  ? 92  ILE A C   1 
ATOM   722  O  O   . ILE A 1 97  ? -9.091  -8.983  -9.566  1.00 5.75  ? 92  ILE A O   1 
ATOM   723  C  CB  . ILE A 1 97  ? -11.499 -11.038 -8.519  1.00 5.66  ? 92  ILE A CB  1 
ATOM   724  C  CG1 . ILE A 1 97  ? -11.445 -12.438 -7.898  1.00 6.48  ? 92  ILE A CG1 1 
ATOM   725  C  CG2 . ILE A 1 97  ? -11.362 -11.084 -10.052 1.00 4.65  ? 92  ILE A CG2 1 
ATOM   726  C  CD1 . ILE A 1 97  ? -12.749 -13.189 -7.936  1.00 6.35  ? 92  ILE A CD1 1 
ATOM   727  N  N   . THR A 1 98  ? -10.884 -7.927  -8.660  1.00 5.75  ? 93  THR A N   1 
ATOM   728  C  CA  . THR A 1 98  ? -10.674 -6.690  -9.388  1.00 5.40  ? 93  THR A CA  1 
ATOM   729  C  C   . THR A 1 98  ? -9.262  -6.137  -9.157  1.00 4.78  ? 93  THR A C   1 
ATOM   730  O  O   . THR A 1 98  ? -8.559  -5.782  -10.112 1.00 5.19  ? 93  THR A O   1 
ATOM   731  C  CB  . THR A 1 98  ? -11.751 -5.683  -9.033  1.00 4.88  ? 93  THR A CB  1 
ATOM   732  O  OG1 . THR A 1 98  ? -13.014 -6.225  -9.445  1.00 6.41  ? 93  THR A OG1 1 
ATOM   733  C  CG2 . THR A 1 98  ? -11.552 -4.366  -9.785  1.00 5.72  ? 93  THR A CG2 1 
ATOM   734  N  N   . ALA A 1 99  ? -8.836  -6.121  -7.893  1.00 4.73  ? 94  ALA A N   1 
ATOM   735  C  CA  . ALA A 1 99  ? -7.540  -5.553  -7.518  1.00 4.20  ? 94  ALA A CA  1 
ATOM   736  C  C   . ALA A 1 99  ? -6.385  -6.420  -8.015  1.00 4.33  ? 94  ALA A C   1 
ATOM   737  O  O   . ALA A 1 99  ? -5.373  -5.920  -8.469  1.00 3.36  ? 94  ALA A O   1 
ATOM   738  C  CB  . ALA A 1 99  ? -7.445  -5.434  -6.004  1.00 4.20  ? 94  ALA A CB  1 
ATOM   739  N  N   . LEU A 1 100 ? -6.517  -7.736  -7.892  1.00 4.58  ? 95  LEU A N   1 
ATOM   740  C  CA  . LEU A 1 100 ? -5.475  -8.595  -8.409  1.00 4.46  ? 95  LEU A CA  1 
ATOM   741  C  C   . LEU A 1 100 ? -5.302  -8.423  -9.937  1.00 4.61  ? 95  LEU A C   1 
ATOM   742  O  O   . LEU A 1 100 ? -4.180  -8.417  -10.446 1.00 4.56  ? 95  LEU A O   1 
ATOM   743  C  CB  . LEU A 1 100 ? -5.759  -10.058 -8.058  1.00 5.03  ? 95  LEU A CB  1 
ATOM   744  C  CG  . LEU A 1 100 ? -5.839  -10.464 -6.583  1.00 4.77  ? 95  LEU A CG  1 
ATOM   745  C  CD1 . LEU A 1 100 ? -6.231  -11.946 -6.502  1.00 6.10  ? 95  LEU A CD1 1 
ATOM   746  C  CD2 . LEU A 1 100 ? -4.533  -10.176 -5.779  1.00 7.01  ? 95  LEU A CD2 1 
ATOM   747  N  N   . LYS A 1 101 ? -6.410  -8.327  -10.668 1.00 5.24  ? 96  LYS A N   1 
ATOM   748  C  CA  . LYS A 1 101 ? -6.331  -8.117  -12.118 1.00 5.52  ? 96  LYS A CA  1 
ATOM   749  C  C   . LYS A 1 101 ? -5.603  -6.821  -12.442 1.00 6.21  ? 96  LYS A C   1 
ATOM   750  O  O   . LYS A 1 101 ? -4.947  -6.710  -13.481 1.00 6.31  ? 96  LYS A O   1 
ATOM   751  C  CB  . LYS A 1 101 ? -7.727  -8.159  -12.745 1.00 5.67  ? 96  LYS A CB  1 
ATOM   752  C  CG  . LYS A 1 101 ? -8.343  -9.583  -12.671 1.00 4.88  ? 96  LYS A CG  1 
ATOM   753  C  CD  . LYS A 1 101 ? -9.814  -9.615  -13.077 1.00 5.84  ? 96  LYS A CD  1 
ATOM   754  C  CE  . LYS A 1 101 ? -9.966  -9.230  -14.554 1.00 7.73  ? 96  LYS A CE  1 
ATOM   755  N  NZ  . LYS A 1 101 ? -11.416 -9.091  -14.936 1.00 8.09  ? 96  LYS A NZ  1 
ATOM   756  N  N   . ALA A 1 102 ? -5.748  -5.845  -11.552 1.00 6.79  ? 97  ALA A N   1 
ATOM   757  C  CA  . ALA A 1 102 ? -5.159  -4.520  -11.739 1.00 6.96  ? 97  ALA A CA  1 
ATOM   758  C  C   . ALA A 1 102 ? -3.659  -4.513  -11.465 1.00 7.92  ? 97  ALA A C   1 
ATOM   759  O  O   . ALA A 1 102 ? -2.965  -3.624  -11.933 1.00 8.61  ? 97  ALA A O   1 
ATOM   760  C  CB  . ALA A 1 102 ? -5.872  -3.466  -10.885 1.00 7.49  ? 97  ALA A CB  1 
ATOM   761  N  N   . GLY A 1 103 ? -3.167  -5.497  -10.703 1.00 7.94  ? 98  GLY A N   1 
ATOM   762  C  CA  . GLY A 1 103 ? -1.738  -5.607  -10.391 1.00 6.39  ? 98  GLY A CA  1 
ATOM   763  C  C   . GLY A 1 103 ? -1.379  -5.679  -8.891  1.00 5.98  ? 98  GLY A C   1 
ATOM   764  O  O   . GLY A 1 103 ? -0.198  -5.645  -8.532  1.00 5.84  ? 98  GLY A O   1 
ATOM   765  N  N   . VAL A 1 104 ? -2.379  -5.794  -8.012  1.00 5.00  ? 99  VAL A N   1 
ATOM   766  C  CA  . VAL A 1 104 ? -2.081  -5.867  -6.575  1.00 4.54  ? 99  VAL A CA  1 
ATOM   767  C  C   . VAL A 1 104 ? -1.483  -7.237  -6.337  1.00 5.82  ? 99  VAL A C   1 
ATOM   768  O  O   . VAL A 1 104 ? -1.971  -8.226  -6.894  1.00 5.24  ? 99  VAL A O   1 
ATOM   769  C  CB  . VAL A 1 104 ? -3.348  -5.669  -5.708  1.00 4.94  ? 99  VAL A CB  1 
ATOM   770  C  CG1 . VAL A 1 104 ? -3.104  -6.161  -4.264  1.00 5.46  ? 99  VAL A CG1 1 
ATOM   771  C  CG2 . VAL A 1 104 ? -3.763  -4.199  -5.712  1.00 3.41  ? 99  VAL A CG2 1 
ATOM   772  N  N   . ASN A 1 105 ? -0.446  -7.325  -5.510  1.00 5.53  ? 100 ASN A N   1 
ATOM   773  C  CA  . ASN A 1 105 ? 0.178   -8.645  -5.324  1.00 4.98  ? 100 ASN A CA  1 
ATOM   774  C  C   . ASN A 1 105 ? -0.221  -9.341  -4.013  1.00 5.42  ? 100 ASN A C   1 
ATOM   775  O  O   . ASN A 1 105 ? -0.174  -10.568 -3.899  1.00 5.73  ? 100 ASN A O   1 
ATOM   776  C  CB  . ASN A 1 105 ? 1.703   -8.490  -5.415  1.00 5.46  ? 100 ASN A CB  1 
ATOM   777  C  CG  . ASN A 1 105 ? 2.122   -7.743  -6.664  1.00 6.70  ? 100 ASN A CG  1 
ATOM   778  O  OD1 . ASN A 1 105 ? 2.006   -8.264  -7.771  1.00 11.61 ? 100 ASN A OD1 1 
ATOM   779  N  ND2 . ASN A 1 105 ? 2.607   -6.526  -6.494  1.00 2.63  ? 100 ASN A ND2 1 
ATOM   780  N  N   . ASN A 1 106 ? -0.583  -8.549  -3.030  1.00 5.10  ? 101 ASN A N   1 
ATOM   781  C  CA  . ASN A 1 106 ? -0.927  -9.046  -1.687  1.00 5.43  ? 101 ASN A CA  1 
ATOM   782  C  C   . ASN A 1 106 ? -2.064  -8.214  -1.142  1.00 5.80  ? 101 ASN A C   1 
ATOM   783  O  O   . ASN A 1 106 ? -1.996  -6.994  -1.181  1.00 5.62  ? 101 ASN A O   1 
ATOM   784  C  CB  . ASN A 1 106 ? 0.256   -8.903  -0.748  1.00 6.16  ? 101 ASN A CB  1 
ATOM   785  C  CG  . ASN A 1 106 ? 1.385   -9.834  -1.093  1.00 6.80  ? 101 ASN A CG  1 
ATOM   786  O  OD1 . ASN A 1 106 ? 1.373   -11.003 -0.711  1.00 14.31 ? 101 ASN A OD1 1 
ATOM   787  N  ND2 . ASN A 1 106 ? 2.361   -9.333  -1.810  1.00 6.64  ? 101 ASN A ND2 1 
ATOM   788  N  N   . TYR A 1 107 ? -3.107  -8.870  -0.641  1.00 5.74  ? 102 TYR A N   1 
ATOM   789  C  CA  . TYR A 1 107 ? -4.320  -8.164  -0.228  1.00 5.67  ? 102 TYR A CA  1 
ATOM   790  C  C   . TYR A 1 107 ? -4.577  -8.416  1.264   1.00 6.60  ? 102 TYR A C   1 
ATOM   791  O  O   . TYR A 1 107 ? -4.719  -9.574  1.694   1.00 8.61  ? 102 TYR A O   1 
ATOM   792  C  CB  . TYR A 1 107 ? -5.486  -8.662  -1.077  1.00 5.24  ? 102 TYR A CB  1 
ATOM   793  C  CG  . TYR A 1 107 ? -6.676  -7.742  -1.253  1.00 4.60  ? 102 TYR A CG  1 
ATOM   794  C  CD1 . TYR A 1 107 ? -6.806  -6.946  -2.389  1.00 5.28  ? 102 TYR A CD1 1 
ATOM   795  C  CD2 . TYR A 1 107 ? -7.708  -7.729  -0.319  1.00 6.67  ? 102 TYR A CD2 1 
ATOM   796  C  CE1 . TYR A 1 107 ? -7.939  -6.153  -2.581  1.00 5.52  ? 102 TYR A CE1 1 
ATOM   797  C  CE2 . TYR A 1 107 ? -8.834  -6.940  -0.504  1.00 5.68  ? 102 TYR A CE2 1 
ATOM   798  C  CZ  . TYR A 1 107 ? -8.934  -6.153  -1.632  1.00 5.09  ? 102 TYR A CZ  1 
ATOM   799  O  OH  . TYR A 1 107 ? -10.041 -5.362  -1.798  1.00 8.78  ? 102 TYR A OH  1 
ATOM   800  N  N   . ILE A 1 108 ? -4.608  -7.344  2.054   1.00 5.41  ? 103 ILE A N   1 
ATOM   801  C  CA  . ILE A 1 108 ? -4.851  -7.437  3.490   1.00 5.26  ? 103 ILE A CA  1 
ATOM   802  C  C   . ILE A 1 108 ? -6.148  -6.697  3.828   1.00 5.85  ? 103 ILE A C   1 
ATOM   803  O  O   . ILE A 1 108 ? -6.322  -5.521  3.486   1.00 5.44  ? 103 ILE A O   1 
ATOM   804  C  CB  . ILE A 1 108 ? -3.660  -6.838  4.315   1.00 5.25  ? 103 ILE A CB  1 
ATOM   805  C  CG1 . ILE A 1 108 ? -2.394  -7.667  4.073   1.00 4.25  ? 103 ILE A CG1 1 
ATOM   806  C  CG2 . ILE A 1 108 ? -4.011  -6.799  5.806   1.00 5.97  ? 103 ILE A CG2 1 
ATOM   807  C  CD1 . ILE A 1 108 ? -1.101  -7.009  4.619   1.00 5.62  ? 103 ILE A CD1 1 
ATOM   808  N  N   . VAL A 1 109 ? -7.063  -7.388  4.508   1.00 4.70  ? 104 VAL A N   1 
ATOM   809  C  CA  . VAL A 1 109 ? -8.409  -6.854  4.689   1.00 5.34  ? 104 VAL A CA  1 
ATOM   810  C  C   . VAL A 1 109 ? -8.509  -6.235  6.088   1.00 5.24  ? 104 VAL A C   1 
ATOM   811  O  O   . VAL A 1 109 ? -8.165  -6.895  7.067   1.00 5.27  ? 104 VAL A O   1 
ATOM   812  C  CB  . VAL A 1 109 ? -9.451  -7.977  4.521   1.00 4.74  ? 104 VAL A CB  1 
ATOM   813  C  CG1 . VAL A 1 109 ? -10.829 -7.489  4.976   1.00 6.17  ? 104 VAL A CG1 1 
ATOM   814  C  CG2 . VAL A 1 109 ? -9.461  -8.437  3.064   1.00 6.05  ? 104 VAL A CG2 1 
ATOM   815  N  N   . LYS A 1 110 ? -8.942  -4.963  6.153   1.00 5.13  ? 105 LYS A N   1 
ATOM   816  C  CA  . LYS A 1 110 ? -9.251  -4.249  7.406   1.00 4.66  ? 105 LYS A CA  1 
ATOM   817  C  C   . LYS A 1 110 ? -10.621 -4.682  7.923   1.00 5.06  ? 105 LYS A C   1 
ATOM   818  O  O   . LYS A 1 110 ? -11.476 -5.071  7.112   1.00 6.11  ? 105 LYS A O   1 
ATOM   819  C  CB  . LYS A 1 110 ? -9.368  -2.739  7.114   1.00 4.36  ? 105 LYS A CB  1 
ATOM   820  C  CG  . LYS A 1 110 ? -8.133  -2.059  6.475   1.00 4.66  ? 105 LYS A CG  1 
ATOM   821  C  CD  . LYS A 1 110 ? -8.501  -0.555  6.359   1.00 3.99  ? 105 LYS A CD  1 
ATOM   822  C  CE  . LYS A 1 110 ? -7.344  0.272   5.759   1.00 5.80  ? 105 LYS A CE  1 
ATOM   823  N  NZ  . LYS A 1 110 ? -7.869  1.700   5.527   1.00 2.84  ? 105 LYS A NZ  1 
ATOM   824  N  N   . PRO A 1 111 ? -10.881 -4.562  9.246   1.00 6.23  ? 106 PRO A N   1 
ATOM   825  C  CA  . PRO A 1 111 ? -10.004 -4.080  10.316  1.00 6.50  ? 106 PRO A CA  1 
ATOM   826  C  C   . PRO A 1 111 ? -9.074  -5.162  10.876  1.00 7.12  ? 106 PRO A C   1 
ATOM   827  O  O   . PRO A 1 111 ? -9.244  -6.369  10.601  1.00 7.62  ? 106 PRO A O   1 
ATOM   828  C  CB  . PRO A 1 111 ? -10.988 -3.629  11.408  1.00 6.91  ? 106 PRO A CB  1 
ATOM   829  C  CG  . PRO A 1 111 ? -12.112 -4.618  11.272  1.00 7.20  ? 106 PRO A CG  1 
ATOM   830  C  CD  . PRO A 1 111 ? -12.260 -4.787  9.743   1.00 6.59  ? 106 PRO A CD  1 
ATOM   831  N  N   . PHE A 1 112 ? -8.089  -4.725  11.645  1.00 7.16  ? 107 PHE A N   1 
ATOM   832  C  CA  . PHE A 1 112 ? -7.172  -5.642  12.317  1.00 7.64  ? 107 PHE A CA  1 
ATOM   833  C  C   . PHE A 1 112 ? -6.677  -4.981  13.591  1.00 7.07  ? 107 PHE A C   1 
ATOM   834  O  O   . PHE A 1 112 ? -6.631  -3.745  13.699  1.00 7.37  ? 107 PHE A O   1 
ATOM   835  C  CB  . PHE A 1 112 ? -5.977  -5.984  11.414  1.00 7.41  ? 107 PHE A CB  1 
ATOM   836  C  CG  . PHE A 1 112 ? -5.580  -4.859  10.496  1.00 7.38  ? 107 PHE A CG  1 
ATOM   837  C  CD1 . PHE A 1 112 ? -4.926  -3.752  10.980  1.00 7.99  ? 107 PHE A CD1 1 
ATOM   838  C  CD2 . PHE A 1 112 ? -5.888  -4.918  9.144   1.00 6.73  ? 107 PHE A CD2 1 
ATOM   839  C  CE1 . PHE A 1 112 ? -4.574  -2.686  10.131  1.00 7.26  ? 107 PHE A CE1 1 
ATOM   840  C  CE2 . PHE A 1 112 ? -5.554  -3.894  8.296   1.00 4.65  ? 107 PHE A CE2 1 
ATOM   841  C  CZ  . PHE A 1 112 ? -4.891  -2.761  8.792   1.00 4.43  ? 107 PHE A CZ  1 
ATOM   842  N  N   . THR A 1 113 ? -6.305  -5.807  14.562  1.00 8.02  ? 108 THR A N   1 
ATOM   843  C  CA  . THR A 1 113 ? -5.533  -5.313  15.683  1.00 8.78  ? 108 THR A CA  1 
ATOM   844  C  C   . THR A 1 113 ? -4.101  -5.058  15.194  1.00 9.60  ? 108 THR A C   1 
ATOM   845  O  O   . THR A 1 113 ? -3.700  -5.574  14.153  1.00 9.29  ? 108 THR A O   1 
ATOM   846  C  CB  . THR A 1 113 ? -5.493  -6.339  16.805  1.00 8.56  ? 108 THR A CB  1 
ATOM   847  O  OG1 . THR A 1 113 ? -4.817  -7.519  16.340  1.00 7.34  ? 108 THR A OG1 1 
ATOM   848  C  CG2 . THR A 1 113 ? -6.901  -6.704  17.219  1.00 7.57  ? 108 THR A CG2 1 
ATOM   849  N  N   . PRO A 1 114 ? -3.344  -4.240  15.944  1.00 10.50 ? 109 PRO A N   1 
ATOM   850  C  CA  . PRO A 1 114 ? -1.935  -3.986  15.636  1.00 10.66 ? 109 PRO A CA  1 
ATOM   851  C  C   . PRO A 1 114 ? -1.114  -5.269  15.584  1.00 10.35 ? 109 PRO A C   1 
ATOM   852  O  O   . PRO A 1 114 ? -0.271  -5.407  14.690  1.00 10.50 ? 109 PRO A O   1 
ATOM   853  C  CB  . PRO A 1 114 ? -1.494  -3.086  16.792  1.00 11.46 ? 109 PRO A CB  1 
ATOM   854  C  CG  . PRO A 1 114 ? -2.751  -2.256  17.050  1.00 11.42 ? 109 PRO A CG  1 
ATOM   855  C  CD  . PRO A 1 114 ? -3.869  -3.286  16.939  1.00 10.89 ? 109 PRO A CD  1 
ATOM   856  N  N   . GLN A 1 115 ? -1.360  -6.214  16.491  1.00 9.95  ? 110 GLN A N   1 
ATOM   857  C  CA  . GLN A 1 115 ? -0.694  -7.537  16.409  1.00 9.52  ? 110 GLN A CA  1 
ATOM   858  C  C   . GLN A 1 115 ? -1.016  -8.353  15.137  1.00 9.05  ? 110 GLN A C   1 
ATOM   859  O  O   . GLN A 1 115 ? -0.126  -8.974  14.517  1.00 8.39  ? 110 GLN A O   1 
ATOM   860  C  CB  . GLN A 1 115 ? -0.977  -8.371  17.671  1.00 10.30 ? 110 GLN A CB  1 
ATOM   861  C  CG  . GLN A 1 115 ? -0.427  -9.749  17.627  1.00 12.37 ? 110 GLN A CG  1 
ATOM   862  C  CD  . GLN A 1 115 ? 1.075   -9.778  17.758  1.00 13.73 ? 110 GLN A CD  1 
ATOM   863  O  OE1 . GLN A 1 115 ? 1.692   -8.802  18.191  1.00 16.39 ? 110 GLN A OE1 1 
ATOM   864  N  NE2 . GLN A 1 115 ? 1.675   -10.903 17.376  1.00 16.16 ? 110 GLN A NE2 1 
ATOM   865  N  N   . VAL A 1 116 ? -2.286  -8.357  14.743  1.00 8.23  ? 111 VAL A N   1 
ATOM   866  C  CA  . VAL A 1 116 ? -2.655  -9.012  13.495  1.00 7.17  ? 111 VAL A CA  1 
ATOM   867  C  C   . VAL A 1 116 ? -1.980  -8.354  12.271  1.00 6.67  ? 111 VAL A C   1 
ATOM   868  O  O   . VAL A 1 116 ? -1.449  -9.053  11.396  1.00 5.79  ? 111 VAL A O   1 
ATOM   869  C  CB  . VAL A 1 116 ? -4.181  -9.129  13.347  1.00 7.33  ? 111 VAL A CB  1 
ATOM   870  C  CG1 . VAL A 1 116 ? -4.550  -9.559  11.940  1.00 8.16  ? 111 VAL A CG1 1 
ATOM   871  C  CG2 . VAL A 1 116 ? -4.695  -10.145 14.354  1.00 7.46  ? 111 VAL A CG2 1 
ATOM   872  N  N   . LEU A 1 117 ? -1.974  -7.025  12.212  1.00 6.04  ? 112 LEU A N   1 
ATOM   873  C  CA  . LEU A 1 117 ? -1.274  -6.331  11.110  1.00 5.35  ? 112 LEU A CA  1 
ATOM   874  C  C   . LEU A 1 117 ? 0.208   -6.688  11.076  1.00 6.39  ? 112 LEU A C   1 
ATOM   875  O  O   . LEU A 1 117 ? 0.773   -6.881  9.996   1.00 6.57  ? 112 LEU A O   1 
ATOM   876  C  CB  . LEU A 1 117 ? -1.407  -4.807  11.191  1.00 5.44  ? 112 LEU A CB  1 
ATOM   877  C  CG  . LEU A 1 117 ? -0.815  -4.080  9.962   1.00 4.86  ? 112 LEU A CG  1 
ATOM   878  C  CD1 . LEU A 1 117 ? -1.536  -4.426  8.632   1.00 4.07  ? 112 LEU A CD1 1 
ATOM   879  C  CD2 . LEU A 1 117 ? -0.876  -2.578  10.194  1.00 6.55  ? 112 LEU A CD2 1 
ATOM   880  N  N   . LYS A 1 118 ? 0.835   -6.736  12.255  1.00 6.07  ? 113 LYS A N   1 
ATOM   881  C  CA  . LYS A 1 118 ? 2.238   -7.116  12.342  1.00 7.23  ? 113 LYS A CA  1 
ATOM   882  C  C   . LYS A 1 118 ? 2.410   -8.513  11.766  1.00 7.75  ? 113 LYS A C   1 
ATOM   883  O  O   . LYS A 1 118 ? 3.289   -8.726  10.946  1.00 7.23  ? 113 LYS A O   1 
ATOM   884  C  CB  . LYS A 1 118 ? 2.759   -7.043  13.787  1.00 7.57  ? 113 LYS A CB  1 
ATOM   885  C  CG  . LYS A 1 118 ? 4.284   -7.233  13.923  1.00 10.11 ? 113 LYS A CG  1 
ATOM   886  C  CD  . LYS A 1 118 ? 4.670   -7.344  15.402  1.00 18.65 ? 113 LYS A CD  1 
ATOM   887  C  CE  . LYS A 1 118 ? 6.143   -7.716  15.564  1.00 22.65 ? 113 LYS A CE  1 
ATOM   888  N  NZ  . LYS A 1 118 ? 6.366   -9.171  15.267  1.00 24.24 ? 113 LYS A NZ  1 
ATOM   889  N  N   . GLU A 1 119 ? 1.545   -9.458  12.153  1.00 8.03  ? 114 GLU A N   1 
ATOM   890  C  CA  . GLU A 1 119 ? 1.656   -10.829 11.607  1.00 7.94  ? 114 GLU A CA  1 
ATOM   891  C  C   . GLU A 1 119 ? 1.492   -10.851 10.070  1.00 7.64  ? 114 GLU A C   1 
ATOM   892  O  O   . GLU A 1 119 ? 2.287   -11.482 9.365   1.00 7.81  ? 114 GLU A O   1 
ATOM   893  C  CB  . GLU A 1 119 ? 0.630   -11.776 12.249  1.00 9.56  ? 114 GLU A CB  1 
ATOM   894  C  CG  . GLU A 1 119 ? 0.850   -12.026 13.740  1.00 13.47 ? 114 GLU A CG  1 
ATOM   895  C  CD  . GLU A 1 119 ? -0.305  -12.775 14.395  1.00 19.54 ? 114 GLU A CD  1 
ATOM   896  O  OE1 . GLU A 1 119 ? -1.360  -12.918 13.750  1.00 20.27 ? 114 GLU A OE1 1 
ATOM   897  O  OE2 . GLU A 1 119 ? -0.168  -13.209 15.567  1.00 23.17 ? 114 GLU A OE2 1 
ATOM   898  N  N   . LYS A 1 120 ? 0.472   -10.163 9.558   1.00 5.82  ? 115 LYS A N   1 
ATOM   899  C  CA  . LYS A 1 120 ? 0.167   -10.193 8.123   1.00 6.24  ? 115 LYS A CA  1 
ATOM   900  C  C   . LYS A 1 120 ? 1.206   -9.445  7.259   1.00 6.85  ? 115 LYS A C   1 
ATOM   901  O  O   . LYS A 1 120 ? 1.493   -9.869  6.135   1.00 6.62  ? 115 LYS A O   1 
ATOM   902  C  CB  . LYS A 1 120 ? -1.231  -9.666  7.852   1.00 6.27  ? 115 LYS A CB  1 
ATOM   903  C  CG  . LYS A 1 120 ? -2.343  -10.518 8.481   1.00 7.05  ? 115 LYS A CG  1 
ATOM   904  C  CD  . LYS A 1 120 ? -3.785  -10.009 8.159   1.00 6.61  ? 115 LYS A CD  1 
ATOM   905  C  CE  . LYS A 1 120 ? -4.807  -11.155 8.372   1.00 9.93  ? 115 LYS A CE  1 
ATOM   906  N  NZ  . LYS A 1 120 ? -6.227  -10.800 8.063   1.00 11.87 ? 115 LYS A NZ  1 
ATOM   907  N  N   . LEU A 1 121 ? 1.762   -8.345  7.772   1.00 6.06  ? 116 LEU A N   1 
ATOM   908  C  CA  . LEU A 1 121 ? 2.830   -7.651  7.041   1.00 6.97  ? 116 LEU A CA  1 
ATOM   909  C  C   . LEU A 1 121 ? 4.114   -8.472  7.081   1.00 7.34  ? 116 LEU A C   1 
ATOM   910  O  O   . LEU A 1 121 ? 4.862   -8.552  6.080   1.00 8.09  ? 116 LEU A O   1 
ATOM   911  C  CB  . LEU A 1 121 ? 3.062   -6.249  7.589   1.00 6.46  ? 116 LEU A CB  1 
ATOM   912  C  CG  . LEU A 1 121 ? 2.039   -5.234  7.088   1.00 6.05  ? 116 LEU A CG  1 
ATOM   913  C  CD1 . LEU A 1 121 ? 2.372   -3.887  7.699   1.00 4.89  ? 116 LEU A CD1 1 
ATOM   914  C  CD2 . LEU A 1 121 ? 2.026   -5.122  5.595   1.00 5.48  ? 116 LEU A CD2 1 
ATOM   915  N  N   . GLU A 1 122 ? 4.383   -9.098  8.224   1.00 8.62  ? 117 GLU A N   1 
ATOM   916  C  CA  . GLU A 1 122 ? 5.586   -9.942  8.314   1.00 9.82  ? 117 GLU A CA  1 
ATOM   917  C  C   . GLU A 1 122 ? 5.507   -11.095 7.315   1.00 10.51 ? 117 GLU A C   1 
ATOM   918  O  O   . GLU A 1 122 ? 6.538   -11.520 6.781   1.00 9.63  ? 117 GLU A O   1 
ATOM   919  C  CB  . GLU A 1 122 ? 5.802   -10.478 9.737   1.00 11.46 ? 117 GLU A CB  1 
ATOM   920  C  CG  . GLU A 1 122 ? 7.077   -11.311 9.921   1.00 13.68 ? 117 GLU A CG  1 
ATOM   921  C  CD  . GLU A 1 122 ? 7.426   -11.513 11.380  1.00 18.39 ? 117 GLU A CD  1 
ATOM   922  O  OE1 . GLU A 1 122 ? 6.644   -11.074 12.255  1.00 21.66 ? 117 GLU A OE1 1 
ATOM   923  O  OE2 . GLU A 1 122 ? 8.485   -12.104 11.672  1.00 21.88 ? 117 GLU A OE2 1 
ATOM   924  N  N   . VAL A 1 123 ? 4.298   -11.613 7.080   1.00 9.89  ? 118 VAL A N   1 
ATOM   925  C  CA  . VAL A 1 123 ? 4.102   -12.629 6.045   1.00 9.85  ? 118 VAL A CA  1 
ATOM   926  C  C   . VAL A 1 123 ? 4.613   -12.149 4.680   1.00 9.79  ? 118 VAL A C   1 
ATOM   927  O  O   . VAL A 1 123 ? 5.276   -12.902 3.970   1.00 10.19 ? 118 VAL A O   1 
ATOM   928  C  CB  . VAL A 1 123 ? 2.639   -13.054 5.892   1.00 9.52  ? 118 VAL A CB  1 
ATOM   929  C  CG1 . VAL A 1 123 ? 2.487   -13.873 4.644   1.00 10.89 ? 118 VAL A CG1 1 
ATOM   930  C  CG2 . VAL A 1 123 ? 2.194   -13.830 7.108   1.00 10.88 ? 118 VAL A CG2 1 
ATOM   931  N  N   . VAL A 1 124 ? 4.332   -10.900 4.325   1.00 8.02  ? 119 VAL A N   1 
ATOM   932  C  CA  . VAL A 1 124 ? 4.700   -10.387 3.003   1.00 8.54  ? 119 VAL A CA  1 
ATOM   933  C  C   . VAL A 1 124 ? 6.125   -9.804  2.968   1.00 8.40  ? 119 VAL A C   1 
ATOM   934  O  O   . VAL A 1 124 ? 6.878   -10.042 2.008   1.00 9.82  ? 119 VAL A O   1 
ATOM   935  C  CB  . VAL A 1 124 ? 3.735   -9.263  2.542   1.00 7.93  ? 119 VAL A CB  1 
ATOM   936  C  CG1 . VAL A 1 124 ? 4.111   -8.796  1.129   1.00 7.68  ? 119 VAL A CG1 1 
ATOM   937  C  CG2 . VAL A 1 124 ? 2.287   -9.742  2.577   1.00 8.33  ? 119 VAL A CG2 1 
ATOM   938  N  N   . LEU A 1 125 ? 6.492   -9.037  4.006   1.00 8.50  ? 120 LEU A N   1 
ATOM   939  C  CA  . LEU A 1 125 ? 7.744   -8.268  3.990   1.00 7.79  ? 120 LEU A CA  1 
ATOM   940  C  C   . LEU A 1 125 ? 8.831   -8.813  4.902   1.00 8.61  ? 120 LEU A C   1 
ATOM   941  O  O   . LEU A 1 125 ? 9.989   -8.378  4.801   1.00 8.43  ? 120 LEU A O   1 
ATOM   942  C  CB  . LEU A 1 125 ? 7.492   -6.810  4.401   1.00 7.14  ? 120 LEU A CB  1 
ATOM   943  C  CG  . LEU A 1 125 ? 6.521   -6.062  3.500   1.00 7.79  ? 120 LEU A CG  1 
ATOM   944  C  CD1 . LEU A 1 125 ? 6.059   -4.770  4.163   1.00 8.67  ? 120 LEU A CD1 1 
ATOM   945  C  CD2 . LEU A 1 125 ? 7.193   -5.768  2.168   1.00 6.36  ? 120 LEU A CD2 1 
ATOM   946  N  N   . GLY A 1 126 ? 8.473   -9.732  5.800   1.00 8.81  ? 121 GLY A N   1 
ATOM   947  C  CA  . GLY A 1 126 ? 9.387   -10.161 6.849   1.00 10.10 ? 121 GLY A CA  1 
ATOM   948  C  C   . GLY A 1 126 ? 9.872   -8.990  7.680   1.00 11.17 ? 121 GLY A C   1 
ATOM   949  O  O   . GLY A 1 126 ? 9.133   -8.016  7.882   1.00 12.14 ? 121 GLY A O   1 
ATOM   950  N  N   . THR A 1 127 ? 11.100  -9.059  8.177   1.00 12.12 ? 122 THR A N   1 
ATOM   951  C  CA  . THR A 1 127 ? 11.671  -7.927  8.920   1.00 12.58 ? 122 THR A CA  1 
ATOM   952  C  C   . THR A 1 127 ? 12.862  -7.325  8.165   1.00 13.57 ? 122 THR A C   1 
ATOM   953  O  O   . THR A 1 127 ? 13.412  -7.970  7.284   1.00 13.42 ? 122 THR A O   1 
ATOM   954  C  CB  . THR A 1 127 ? 12.150  -8.340  10.342  1.00 13.30 ? 122 THR A CB  1 
ATOM   955  O  OG1 . THR A 1 127 ? 13.106  -9.410  10.247  1.00 12.88 ? 122 THR A OG1 1 
ATOM   956  C  CG2 . THR A 1 127 ? 10.960  -8.773  11.227  1.00 12.43 ? 122 THR A CG2 1 
ATOM   957  N  N   . ASN A 1 128 ? 13.264  -6.101  8.514   1.00 14.73 ? 123 ASN A N   1 
ATOM   958  C  CA  . ASN A 1 128 ? 14.337  -5.389  7.792   1.00 15.84 ? 123 ASN A CA  1 
ATOM   959  C  C   . ASN A 1 128 ? 15.455  -4.855  8.688   1.00 16.55 ? 123 ASN A C   1 
ATOM   960  O  O   . ASN A 1 128 ? 16.072  -5.616  9.429   1.00 19.43 ? 123 ASN A O   1 
ATOM   961  C  CB  . ASN A 1 128 ? 13.767  -4.207  7.008   1.00 15.93 ? 123 ASN A CB  1 
ATOM   962  C  CG  . ASN A 1 128 ? 14.768  -3.638  6.003   1.00 16.79 ? 123 ASN A CG  1 
ATOM   963  O  OD1 . ASN A 1 128 ? 15.453  -4.387  5.300   1.00 19.12 ? 123 ASN A OD1 1 
ATOM   964  N  ND2 . ASN A 1 128 ? 14.840  -2.311  5.917   1.00 17.21 ? 123 ASN A ND2 1 
HETATM 965  S  S   . SO4 B 2 .   ? 2.827   -11.697 -8.504  1.00 15.27 ? 125 SO4 A S   1 
HETATM 966  O  O1  . SO4 B 2 .   ? 1.814   -11.133 -7.632  1.00 17.07 ? 125 SO4 A O1  1 
HETATM 967  O  O2  . SO4 B 2 .   ? 3.694   -12.508 -7.654  1.00 18.14 ? 125 SO4 A O2  1 
HETATM 968  O  O3  . SO4 B 2 .   ? 2.184   -12.524 -9.524  1.00 20.61 ? 125 SO4 A O3  1 
HETATM 969  O  O4  . SO4 B 2 .   ? 3.600   -10.675 -9.206  1.00 17.57 ? 125 SO4 A O4  1 
HETATM 970  S  S   . SO4 C 2 .   ? -10.427 1.449   2.387   1.00 10.69 ? 126 SO4 A S   1 
HETATM 971  O  O1  . SO4 C 2 .   ? -11.397 0.520   2.933   1.00 16.37 ? 126 SO4 A O1  1 
HETATM 972  O  O2  . SO4 C 2 .   ? -10.116 1.026   1.049   1.00 11.34 ? 126 SO4 A O2  1 
HETATM 973  O  O3  . SO4 C 2 .   ? -10.893 2.848   2.396   1.00 11.20 ? 126 SO4 A O3  1 
HETATM 974  O  O4  . SO4 C 2 .   ? -9.214  1.352   3.188   1.00 17.73 ? 126 SO4 A O4  1 
HETATM 975  MG MG  . MG  D 3 .   ? -9.756  -0.046  9.696   1.00 2.72  ? 127 MG  A MG  1 
HETATM 976  MG MG  . MG  E 3 .   ? -9.654  4.767   2.589   1.00 7.48  ? 128 MG  A MG  1 
HETATM 977  O  O   . HOH F 4 .   ? -16.253 -1.316  -5.188  1.00 31.76 ? 129 HOH A O   1 
HETATM 978  O  O   . HOH F 4 .   ? 13.311  -11.042 12.386  1.00 20.21 ? 130 HOH A O   1 
HETATM 979  O  O   . HOH F 4 .   ? -7.831  -10.695 15.779  1.00 17.09 ? 131 HOH A O   1 
HETATM 980  O  O   . HOH F 4 .   ? -6.040  18.049  -1.404  1.00 20.32 ? 132 HOH A O   1 
HETATM 981  O  O   . HOH F 4 .   ? -1.005  -13.770 9.219   1.00 26.21 ? 133 HOH A O   1 
HETATM 982  O  O   . HOH F 4 .   ? 10.123  -7.120  -15.906 1.00 10.25 ? 134 HOH A O   1 
HETATM 983  O  O   . HOH F 4 .   ? 3.715   -5.937  -14.623 1.00 24.56 ? 135 HOH A O   1 
HETATM 984  O  O   . HOH F 4 .   ? 4.468   -11.023 -2.259  1.00 24.02 ? 136 HOH A O   1 
HETATM 985  O  O   . HOH F 4 .   ? -14.339 3.236   -6.443  1.00 25.30 ? 137 HOH A O   1 
HETATM 986  O  O   . HOH F 4 .   ? 6.061   -14.319 13.048  1.00 25.78 ? 138 HOH A O   1 
HETATM 987  O  O   . HOH F 4 .   ? -15.262 -8.680  -9.750  1.00 20.88 ? 139 HOH A O   1 
HETATM 988  O  O   . HOH F 4 .   ? -5.384  -13.601 11.571  1.00 22.30 ? 140 HOH A O   1 
HETATM 989  O  O   . HOH F 4 .   ? -9.945  7.640   -9.106  1.00 7.13  ? 141 HOH A O   1 
HETATM 990  O  O   . HOH F 4 .   ? -1.404  -12.987 -2.543  1.00 26.51 ? 142 HOH A O   1 
HETATM 991  O  O   . HOH F 4 .   ? -9.066  4.372   4.906   1.00 4.20  ? 143 HOH A O   1 
HETATM 992  O  O   . HOH F 4 .   ? -15.640 -5.533  -0.689  1.00 8.34  ? 144 HOH A O   1 
HETATM 993  O  O   . HOH F 4 .   ? 8.181   2.986   9.997   1.00 9.71  ? 145 HOH A O   1 
HETATM 994  O  O   . HOH F 4 .   ? -0.666  -11.620 1.922   1.00 23.66 ? 146 HOH A O   1 
HETATM 995  O  O   . HOH F 4 .   ? 15.628  0.736   -0.176  1.00 10.28 ? 147 HOH A O   1 
HETATM 996  O  O   . HOH F 4 .   ? 2.928   14.562  -3.677  1.00 8.22  ? 148 HOH A O   1 
HETATM 997  O  O   . HOH F 4 .   ? -17.853 -10.291 -3.633  1.00 12.94 ? 149 HOH A O   1 
HETATM 998  O  O   . HOH F 4 .   ? 10.643  -2.128  -6.502  1.00 13.24 ? 150 HOH A O   1 
HETATM 999  O  O   . HOH F 4 .   ? -3.263  -11.788 -1.382  1.00 10.46 ? 151 HOH A O   1 
HETATM 1000 O  O   . HOH F 4 .   ? -7.712  -8.498  14.107  1.00 12.31 ? 152 HOH A O   1 
HETATM 1001 O  O   . HOH F 4 .   ? -1.786  -9.264  -9.440  1.00 8.30  ? 153 HOH A O   1 
HETATM 1002 O  O   . HOH F 4 .   ? -9.379  -0.762  -16.936 1.00 24.66 ? 154 HOH A O   1 
HETATM 1003 O  O   . HOH F 4 .   ? -9.980  17.383  -3.426  1.00 9.72  ? 155 HOH A O   1 
HETATM 1004 O  O   . HOH F 4 .   ? 20.492  -3.162  1.780   1.00 19.35 ? 156 HOH A O   1 
HETATM 1005 O  O   . HOH F 4 .   ? -4.604  -9.342  18.263  1.00 9.77  ? 157 HOH A O   1 
HETATM 1006 O  O   . HOH F 4 .   ? -3.331  14.391  -0.677  1.00 7.48  ? 158 HOH A O   1 
HETATM 1007 O  O   . HOH F 4 .   ? 12.472  0.790   5.523   1.00 13.02 ? 159 HOH A O   1 
HETATM 1008 O  O   . HOH F 4 .   ? 9.778   -2.190  -11.666 1.00 8.45  ? 160 HOH A O   1 
HETATM 1009 O  O   . HOH F 4 .   ? -9.332  -4.683  -12.518 1.00 13.87 ? 161 HOH A O   1 
HETATM 1010 O  O   . HOH F 4 .   ? -9.741  12.645  2.363   1.00 9.68  ? 162 HOH A O   1 
HETATM 1011 O  O   . HOH F 4 .   ? 1.502   8.119   10.571  1.00 13.37 ? 163 HOH A O   1 
HETATM 1012 O  O   . HOH F 4 .   ? -11.200 -2.582  -13.164 1.00 13.54 ? 164 HOH A O   1 
HETATM 1013 O  O   . HOH F 4 .   ? 10.106  5.878   1.052   1.00 8.97  ? 165 HOH A O   1 
HETATM 1014 O  O   . HOH F 4 .   ? 4.130   6.943   -16.961 1.00 19.51 ? 166 HOH A O   1 
HETATM 1015 O  O   . HOH F 4 .   ? -11.503 8.936   -5.834  1.00 13.55 ? 167 HOH A O   1 
HETATM 1016 O  O   . HOH F 4 .   ? -15.624 -0.542  2.932   1.00 20.59 ? 168 HOH A O   1 
HETATM 1017 O  O   . HOH F 4 .   ? -1.220  15.389  2.099   1.00 10.19 ? 169 HOH A O   1 
HETATM 1018 O  O   . HOH F 4 .   ? -3.757  -2.800  -14.775 1.00 18.91 ? 170 HOH A O   1 
HETATM 1019 O  O   . HOH F 4 .   ? -12.486 5.571   -11.214 1.00 14.01 ? 171 HOH A O   1 
HETATM 1020 O  O   . HOH F 4 .   ? -8.761  11.925  4.815   1.00 13.34 ? 172 HOH A O   1 
HETATM 1021 O  O   . HOH F 4 .   ? -11.251 -15.083 2.590   1.00 16.61 ? 173 HOH A O   1 
HETATM 1022 O  O   . HOH F 4 .   ? 10.850  -4.172  -8.106  1.00 13.56 ? 174 HOH A O   1 
HETATM 1023 O  O   . HOH F 4 .   ? 6.145   13.663  -9.741  1.00 12.54 ? 175 HOH A O   1 
HETATM 1024 O  O   . HOH F 4 .   ? -11.832 2.862   -10.076 1.00 12.73 ? 176 HOH A O   1 
HETATM 1025 O  O   . HOH F 4 .   ? 20.154  -3.928  5.495   1.00 20.62 ? 177 HOH A O   1 
HETATM 1026 O  O   . HOH F 4 .   ? 6.066   -11.880 -0.064  1.00 13.18 ? 178 HOH A O   1 
HETATM 1027 O  O   . HOH F 4 .   ? 2.898   11.364  -14.454 1.00 17.39 ? 179 HOH A O   1 
HETATM 1028 O  O   . HOH F 4 .   ? 3.264   5.579   13.801  1.00 17.79 ? 180 HOH A O   1 
HETATM 1029 O  O   . HOH F 4 .   ? -0.420  -11.266 4.779   1.00 15.36 ? 181 HOH A O   1 
HETATM 1030 O  O   . HOH F 4 .   ? -4.262  0.979   4.166   1.00 11.16 ? 182 HOH A O   1 
HETATM 1031 O  O   . HOH F 4 .   ? -7.905  3.848   -14.814 1.00 23.26 ? 183 HOH A O   1 
HETATM 1032 O  O   . HOH F 4 .   ? -12.666 1.486   -7.860  1.00 11.22 ? 184 HOH A O   1 
HETATM 1033 O  O   . HOH F 4 .   ? -1.650  15.832  -4.385  1.00 16.10 ? 185 HOH A O   1 
HETATM 1034 O  O   . HOH F 4 .   ? 0.866   5.064   -16.111 1.00 15.22 ? 186 HOH A O   1 
HETATM 1035 O  O   . HOH F 4 .   ? -10.704 6.429   5.916   1.00 19.52 ? 187 HOH A O   1 
HETATM 1036 O  O   . HOH F 4 .   ? -2.202  4.534   -17.215 1.00 19.78 ? 188 HOH A O   1 
HETATM 1037 O  O   . HOH F 4 .   ? 12.958  9.258   -9.230  1.00 20.01 ? 189 HOH A O   1 
HETATM 1038 O  O   . HOH F 4 .   ? 16.064  -0.634  4.328   1.00 20.75 ? 190 HOH A O   1 
HETATM 1039 O  O   . HOH F 4 .   ? -12.962 5.746   -3.882  1.00 20.02 ? 191 HOH A O   1 
HETATM 1040 O  O   . HOH F 4 .   ? 3.065   5.254   -18.289 1.00 19.03 ? 192 HOH A O   1 
HETATM 1041 O  O   . HOH F 4 .   ? -16.208 -5.871  3.517   1.00 18.56 ? 193 HOH A O   1 
HETATM 1042 O  O   . HOH F 4 .   ? -18.560 -7.724  -2.931  1.00 19.80 ? 194 HOH A O   1 
HETATM 1043 O  O   . HOH F 4 .   ? 18.648  -6.831  7.835   1.00 21.41 ? 195 HOH A O   1 
HETATM 1044 O  O   . HOH F 4 .   ? 3.718   -13.540 10.362  1.00 17.60 ? 196 HOH A O   1 
HETATM 1045 O  O   . HOH F 4 .   ? -0.914  9.675   10.728  1.00 20.79 ? 197 HOH A O   1 
HETATM 1046 O  O   . HOH F 4 .   ? -2.359  -5.611  19.139  1.00 13.54 ? 198 HOH A O   1 
HETATM 1047 O  O   . HOH F 4 .   ? -14.081 -5.497  6.431   1.00 19.33 ? 199 HOH A O   1 
HETATM 1048 O  O   . HOH F 4 .   ? 4.481   -9.347  18.577  1.00 21.62 ? 200 HOH A O   1 
HETATM 1049 O  O   . HOH F 4 .   ? -10.106 2.193   -13.540 1.00 20.98 ? 201 HOH A O   1 
HETATM 1050 O  O   . HOH F 4 .   ? 14.682  0.453   7.363   1.00 16.85 ? 202 HOH A O   1 
HETATM 1051 O  O   . HOH F 4 .   ? -5.678  11.627  6.866   1.00 19.11 ? 203 HOH A O   1 
HETATM 1052 O  O   . HOH F 4 .   ? 17.019  -6.725  5.645   1.00 21.37 ? 204 HOH A O   1 
HETATM 1053 O  O   . HOH F 4 .   ? 21.551  -4.502  3.238   1.00 20.06 ? 205 HOH A O   1 
HETATM 1054 O  O   . HOH F 4 .   ? 0.373   7.721   -16.351 1.00 17.79 ? 206 HOH A O   1 
HETATM 1055 O  O   . HOH F 4 .   ? 12.260  8.447   -13.050 1.00 17.80 ? 207 HOH A O   1 
HETATM 1056 O  O   . HOH F 4 .   ? 7.639   -13.937 6.667   1.00 22.27 ? 208 HOH A O   1 
HETATM 1057 O  O   . HOH F 4 .   ? 0.564   15.902  -5.800  1.00 20.07 ? 209 HOH A O   1 
HETATM 1058 O  O   . HOH F 4 .   ? -13.182 7.279   -6.934  1.00 17.81 ? 210 HOH A O   1 
HETATM 1059 O  O   . HOH F 4 .   ? -19.739 -10.874 -6.013  1.00 28.13 ? 211 HOH A O   1 
HETATM 1060 O  O   . HOH F 4 .   ? -7.302  -8.462  9.229   1.00 18.22 ? 212 HOH A O   1 
HETATM 1061 O  O   . HOH F 4 .   ? -15.038 -5.059  -7.962  1.00 23.31 ? 213 HOH A O   1 
HETATM 1062 O  O   . HOH F 4 .   ? -14.003 -1.270  -8.874  1.00 26.53 ? 214 HOH A O   1 
HETATM 1063 O  O   . HOH F 4 .   ? -3.611  -11.558 4.593   1.00 23.24 ? 215 HOH A O   1 
HETATM 1064 O  O   . HOH F 4 .   ? 5.418   -9.289  -13.714 1.00 29.60 ? 216 HOH A O   1 
HETATM 1065 O  O   . HOH F 4 .   ? 11.418  -10.840 14.280  1.00 20.02 ? 217 HOH A O   1 
HETATM 1066 O  O   . HOH F 4 .   ? 0.809   16.112  -8.646  1.00 19.43 ? 218 HOH A O   1 
HETATM 1067 O  O   . HOH F 4 .   ? -3.739  13.908  -3.495  1.00 16.47 ? 219 HOH A O   1 
HETATM 1068 O  O   . HOH F 4 .   ? 18.226  -0.811  0.870   1.00 30.45 ? 220 HOH A O   1 
HETATM 1069 O  O   . HOH F 4 .   ? 1.861   -3.565  15.279  1.00 19.89 ? 221 HOH A O   1 
HETATM 1070 O  O   . HOH F 4 .   ? 9.762   -1.648  -14.456 1.00 22.64 ? 222 HOH A O   1 
HETATM 1071 O  O   . HOH F 4 .   ? 4.126   14.860  -10.993 1.00 16.45 ? 223 HOH A O   1 
HETATM 1072 O  O   . HOH F 4 .   ? 11.049  0.877   -7.904  1.00 26.37 ? 224 HOH A O   1 
HETATM 1073 O  O   . HOH F 4 .   ? -10.995 -8.172  9.180   1.00 24.57 ? 225 HOH A O   1 
HETATM 1074 O  O   . HOH F 4 .   ? -8.134  -9.557  11.399  1.00 16.96 ? 226 HOH A O   1 
HETATM 1075 O  O   . HOH F 4 .   ? -1.917  1.858   3.093   1.00 12.13 ? 227 HOH A O   1 
HETATM 1076 O  O   . HOH F 4 .   ? -7.659  -13.248 9.817   1.00 25.22 ? 228 HOH A O   1 
HETATM 1077 O  O   . HOH F 4 .   ? 10.049  -0.728  -9.373  1.00 21.37 ? 229 HOH A O   1 
HETATM 1078 O  O   . HOH F 4 .   ? 12.480  0.814   -12.239 1.00 26.01 ? 230 HOH A O   1 
HETATM 1079 O  O   . HOH F 4 .   ? -4.204  -9.134  -15.108 1.00 18.13 ? 231 HOH A O   1 
HETATM 1080 O  O   . HOH F 4 .   ? -17.519 0.301   -0.661  1.00 19.40 ? 232 HOH A O   1 
HETATM 1081 O  O   . HOH F 4 .   ? -13.646 0.260   1.899   1.00 22.40 ? 233 HOH A O   1 
HETATM 1082 O  O   . HOH F 4 .   ? -1.731  4.060   -20.003 1.00 24.95 ? 234 HOH A O   1 
HETATM 1083 O  O   . HOH F 4 .   ? -13.534 -1.867  -11.666 1.00 21.83 ? 235 HOH A O   1 
HETATM 1084 O  O   . HOH F 4 .   ? 11.537  7.137   2.368   1.00 26.45 ? 236 HOH A O   1 
HETATM 1085 O  O   . HOH F 4 .   ? 7.666   -9.492  -10.270 1.00 28.54 ? 237 HOH A O   1 
HETATM 1086 O  O   . HOH F 4 .   ? 9.133   -0.098  16.734  1.00 25.42 ? 238 HOH A O   1 
HETATM 1087 O  O   . HOH F 4 .   ? -2.651  -13.023 11.425  1.00 18.73 ? 239 HOH A O   1 
HETATM 1088 O  O   . HOH F 4 .   ? -15.463 0.965   -4.263  1.00 26.74 ? 240 HOH A O   1 
HETATM 1089 O  O   . HOH F 4 .   ? 12.436  13.930  -8.149  1.00 24.10 ? 241 HOH A O   1 
HETATM 1090 O  O   . HOH F 4 .   ? -3.780  3.002   -16.099 1.00 22.41 ? 242 HOH A O   1 
HETATM 1091 O  O   . HOH F 4 .   ? 1.274   -7.404  -10.840 1.00 18.17 ? 243 HOH A O   1 
HETATM 1092 O  O   . HOH F 4 .   ? 1.104   -14.966 10.307  1.00 25.57 ? 244 HOH A O   1 
HETATM 1093 O  O   . HOH F 4 .   ? 17.305  -6.475  11.225  1.00 30.52 ? 245 HOH A O   1 
HETATM 1094 O  O   . HOH F 4 .   ? -14.153 -11.920 2.889   1.00 19.22 ? 246 HOH A O   1 
HETATM 1095 O  O   . HOH F 4 .   ? 11.808  14.339  -4.525  1.00 27.09 ? 247 HOH A O   1 
HETATM 1096 O  O   . HOH F 4 .   ? 10.191  -1.726  -17.959 1.00 24.00 ? 248 HOH A O   1 
HETATM 1097 O  O   . HOH F 4 .   ? -8.705  6.728   15.310  1.00 19.73 ? 249 HOH A O   1 
HETATM 1098 O  O   . HOH F 4 .   ? -3.180  -11.804 1.850   1.00 21.76 ? 250 HOH A O   1 
HETATM 1099 O  O   . HOH F 4 .   ? 17.774  1.643   0.647   1.00 27.10 ? 251 HOH A O   1 
HETATM 1100 O  O   . HOH F 4 .   ? -8.932  2.726   8.088   1.00 15.08 ? 300 HOH A O   1 
HETATM 1101 O  O   . HOH F 4 .   ? -7.782  -1.841  11.411  1.00 7.98  ? 304 HOH A O   1 
HETATM 1102 O  O   . HOH F 4 .   ? -11.836 6.078   2.313   1.00 23.66 ? 305 HOH A O   1 
HETATM 1103 O  O   . HOH F 4 .   ? 0.680   9.665   14.326  1.00 21.52 ? 307 HOH A O   1 
HETATM 1104 O  O   . HOH F 4 .   ? -12.585 8.125   1.898   1.00 24.66 ? 309 HOH A O   1 
HETATM 1105 O  O   . HOH F 4 .   ? -12.997 6.039   4.594   1.00 19.30 ? 311 HOH A O   1 
HETATM 1106 O  O   . HOH F 4 .   ? 4.888   0.581   -20.314 1.00 28.74 ? 315 HOH A O   1 
HETATM 1107 O  O   . HOH F 4 .   ? -11.842 -6.553  -13.189 1.00 26.02 ? 316 HOH A O   1 
# 
loop_
_pdbx_poly_seq_scheme.asym_id 
_pdbx_poly_seq_scheme.entity_id 
_pdbx_poly_seq_scheme.seq_id 
_pdbx_poly_seq_scheme.mon_id 
_pdbx_poly_seq_scheme.ndb_seq_num 
_pdbx_poly_seq_scheme.pdb_seq_num 
_pdbx_poly_seq_scheme.auth_seq_num 
_pdbx_poly_seq_scheme.pdb_mon_id 
_pdbx_poly_seq_scheme.auth_mon_id 
_pdbx_poly_seq_scheme.pdb_strand_id 
_pdbx_poly_seq_scheme.pdb_ins_code 
_pdbx_poly_seq_scheme.hetero 
A 1 1   GLY 1   -4  ?   ?   ?   A . n 
A 1 2   PRO 2   -3  ?   ?   ?   A . n 
A 1 3   LEU 3   -2  ?   ?   ?   A . n 
A 1 4   GLY 4   -1  ?   ?   ?   A . n 
A 1 5   SER 5   0   ?   ?   ?   A . n 
A 1 6   MET 6   1   1   MET MET A . n 
A 1 7   LYS 7   2   2   LYS LYS A . n 
A 1 8   LEU 8   3   3   LEU LEU A . n 
A 1 9   LEU 9   4   4   LEU LEU A . n 
A 1 10  VAL 10  5   5   VAL VAL A . n 
A 1 11  VAL 11  6   6   VAL VAL A . n 
A 1 12  ASP 12  7   7   ASP ASP A . n 
A 1 13  ASP 13  8   8   ASP ASP A . n 
A 1 14  SER 14  9   9   SER SER A . n 
A 1 15  SER 15  10  10  SER SER A . n 
A 1 16  THR 16  11  11  THR THR A . n 
A 1 17  MET 17  12  12  MET MET A . n 
A 1 18  ARG 18  13  13  ARG ARG A . n 
A 1 19  ARG 19  14  14  ARG ARG A . n 
A 1 20  ILE 20  15  15  ILE ILE A . n 
A 1 21  ILE 21  16  16  ILE ILE A . n 
A 1 22  LYS 22  17  17  LYS LYS A . n 
A 1 23  ASN 23  18  18  ASN ASN A . n 
A 1 24  THR 24  19  19  THR THR A . n 
A 1 25  LEU 25  20  20  LEU LEU A . n 
A 1 26  SER 26  21  21  SER SER A . n 
A 1 27  ARG 27  22  22  ARG ARG A . n 
A 1 28  LEU 28  23  23  LEU LEU A . n 
A 1 29  GLY 29  24  24  GLY GLY A . n 
A 1 30  TYR 30  25  25  TYR TYR A . n 
A 1 31  GLU 31  26  26  GLU GLU A . n 
A 1 32  ASP 32  27  27  ASP ASP A . n 
A 1 33  VAL 33  28  28  VAL VAL A . n 
A 1 34  LEU 34  29  29  LEU LEU A . n 
A 1 35  GLU 35  30  30  GLU GLU A . n 
A 1 36  ALA 36  31  31  ALA ALA A . n 
A 1 37  GLU 37  32  32  GLU GLU A . n 
A 1 38  HIS 38  33  33  HIS HIS A . n 
A 1 39  GLY 39  34  34  GLY GLY A . n 
A 1 40  VAL 40  35  35  VAL VAL A . n 
A 1 41  GLU 41  36  36  GLU GLU A . n 
A 1 42  ALA 42  37  37  ALA ALA A . n 
A 1 43  TRP 43  38  38  TRP TRP A . n 
A 1 44  GLU 44  39  39  GLU GLU A . n 
A 1 45  LYS 45  40  40  LYS LYS A . n 
A 1 46  LEU 46  41  41  LEU LEU A . n 
A 1 47  ASP 47  42  42  ASP ASP A . n 
A 1 48  ALA 48  43  43  ALA ALA A . n 
A 1 49  ASN 49  44  44  ASN ASN A . n 
A 1 50  ALA 50  45  45  ALA ALA A . n 
A 1 51  ASP 51  46  46  ASP ASP A . n 
A 1 52  THR 52  47  47  THR THR A . n 
A 1 53  LYS 53  48  48  LYS LYS A . n 
A 1 54  VAL 54  49  49  VAL VAL A . n 
A 1 55  LEU 55  50  50  LEU LEU A . n 
A 1 56  ILE 56  51  51  ILE ILE A . n 
A 1 57  THR 57  52  52  THR THR A . n 
A 1 58  ASP 58  53  53  ASP ASP A . n 
A 1 59  TRP 59  54  54  TRP TRP A . n 
A 1 60  ASN 60  55  55  ASN ASN A . n 
A 1 61  MET 61  56  56  MET MET A . n 
A 1 62  PRO 62  57  57  PRO PRO A . n 
A 1 63  GLU 63  58  58  GLU GLU A . n 
A 1 64  MET 64  59  59  MET MET A . n 
A 1 65  ASN 65  60  60  ASN ASN A . n 
A 1 66  GLY 66  61  61  GLY GLY A . n 
A 1 67  LEU 67  62  62  LEU LEU A . n 
A 1 68  ASP 68  63  63  ASP ASP A . n 
A 1 69  LEU 69  64  64  LEU LEU A . n 
A 1 70  VAL 70  65  65  VAL VAL A . n 
A 1 71  LYS 71  66  66  LYS LYS A . n 
A 1 72  LYS 72  67  67  LYS LYS A . n 
A 1 73  VAL 73  68  68  VAL VAL A . n 
A 1 74  ARG 74  69  69  ARG ARG A . n 
A 1 75  SER 75  70  70  SER SER A . n 
A 1 76  ASP 76  71  71  ASP ASP A . n 
A 1 77  SER 77  72  72  SER SER A . n 
A 1 78  ARG 78  73  73  ARG ARG A . n 
A 1 79  PHE 79  74  74  PHE PHE A . n 
A 1 80  LYS 80  75  75  LYS LYS A . n 
A 1 81  GLU 81  76  76  GLU GLU A . n 
A 1 82  ILE 82  77  77  ILE ILE A . n 
A 1 83  PRO 83  78  78  PRO PRO A . n 
A 1 84  ILE 84  79  79  ILE ILE A . n 
A 1 85  ILE 85  80  80  ILE ILE A . n 
A 1 86  MET 86  81  81  MET MET A . n 
A 1 87  ILE 87  82  82  ILE ILE A . n 
A 1 88  THR 88  83  83  THR THR A . n 
A 1 89  ALA 89  84  84  ALA ALA A . n 
A 1 90  GLU 90  85  85  GLU GLU A . n 
A 1 91  GLY 91  86  86  GLY GLY A . n 
A 1 92  GLY 92  87  87  GLY GLY A . n 
A 1 93  LYS 93  88  88  LYS LYS A . n 
A 1 94  ALA 94  89  89  ALA ALA A . n 
A 1 95  GLU 95  90  90  GLU GLU A . n 
A 1 96  VAL 96  91  91  VAL VAL A . n 
A 1 97  ILE 97  92  92  ILE ILE A . n 
A 1 98  THR 98  93  93  THR THR A . n 
A 1 99  ALA 99  94  94  ALA ALA A . n 
A 1 100 LEU 100 95  95  LEU LEU A . n 
A 1 101 LYS 101 96  96  LYS LYS A . n 
A 1 102 ALA 102 97  97  ALA ALA A . n 
A 1 103 GLY 103 98  98  GLY GLY A . n 
A 1 104 VAL 104 99  99  VAL VAL A . n 
A 1 105 ASN 105 100 100 ASN ASN A . n 
A 1 106 ASN 106 101 101 ASN ASN A . n 
A 1 107 TYR 107 102 102 TYR TYR A . n 
A 1 108 ILE 108 103 103 ILE ILE A . n 
A 1 109 VAL 109 104 104 VAL VAL A . n 
A 1 110 LYS 110 105 105 LYS LYS A . n 
A 1 111 PRO 111 106 106 PRO PRO A . n 
A 1 112 PHE 112 107 107 PHE PHE A . n 
A 1 113 THR 113 108 108 THR THR A . n 
A 1 114 PRO 114 109 109 PRO PRO A . n 
A 1 115 GLN 115 110 110 GLN GLN A . n 
A 1 116 VAL 116 111 111 VAL VAL A . n 
A 1 117 LEU 117 112 112 LEU LEU A . n 
A 1 118 LYS 118 113 113 LYS LYS A . n 
A 1 119 GLU 119 114 114 GLU GLU A . n 
A 1 120 LYS 120 115 115 LYS LYS A . n 
A 1 121 LEU 121 116 116 LEU LEU A . n 
A 1 122 GLU 122 117 117 GLU GLU A . n 
A 1 123 VAL 123 118 118 VAL VAL A . n 
A 1 124 VAL 124 119 119 VAL VAL A . n 
A 1 125 LEU 125 120 120 LEU LEU A . n 
A 1 126 GLY 126 121 121 GLY GLY A . n 
A 1 127 THR 127 122 122 THR THR A . n 
A 1 128 ASN 128 123 123 ASN ASN A . n 
A 1 129 ASP 129 124 ?   ?   ?   A . n 
# 
loop_
_pdbx_nonpoly_scheme.asym_id 
_pdbx_nonpoly_scheme.entity_id 
_pdbx_nonpoly_scheme.mon_id 
_pdbx_nonpoly_scheme.ndb_seq_num 
_pdbx_nonpoly_scheme.pdb_seq_num 
_pdbx_nonpoly_scheme.auth_seq_num 
_pdbx_nonpoly_scheme.pdb_mon_id 
_pdbx_nonpoly_scheme.auth_mon_id 
_pdbx_nonpoly_scheme.pdb_strand_id 
_pdbx_nonpoly_scheme.pdb_ins_code 
B 2 SO4 1   125 1   SO4 SO4 A . 
C 2 SO4 1   126 2   SO4 SO4 A . 
D 3 MG  1   127 1   MG  MG  A . 
E 3 MG  1   128 2   MG  MG  A . 
F 4 HOH 1   129 129 HOH HOH A . 
F 4 HOH 2   130 130 HOH HOH A . 
F 4 HOH 3   131 131 HOH HOH A . 
F 4 HOH 4   132 132 HOH HOH A . 
F 4 HOH 5   133 133 HOH HOH A . 
F 4 HOH 6   134 5   HOH HOH A . 
F 4 HOH 7   135 135 HOH HOH A . 
F 4 HOH 8   136 136 HOH HOH A . 
F 4 HOH 9   137 137 HOH HOH A . 
F 4 HOH 10  138 138 HOH HOH A . 
F 4 HOH 11  139 139 HOH HOH A . 
F 4 HOH 12  140 140 HOH HOH A . 
F 4 HOH 13  141 6   HOH HOH A . 
F 4 HOH 14  142 142 HOH HOH A . 
F 4 HOH 15  143 8   HOH HOH A . 
F 4 HOH 16  144 9   HOH HOH A . 
F 4 HOH 17  145 10  HOH HOH A . 
F 4 HOH 18  146 146 HOH HOH A . 
F 4 HOH 19  147 11  HOH HOH A . 
F 4 HOH 20  148 12  HOH HOH A . 
F 4 HOH 21  149 13  HOH HOH A . 
F 4 HOH 22  150 14  HOH HOH A . 
F 4 HOH 23  151 15  HOH HOH A . 
F 4 HOH 24  152 16  HOH HOH A . 
F 4 HOH 25  153 17  HOH HOH A . 
F 4 HOH 26  154 154 HOH HOH A . 
F 4 HOH 27  155 18  HOH HOH A . 
F 4 HOH 28  156 19  HOH HOH A . 
F 4 HOH 29  157 20  HOH HOH A . 
F 4 HOH 30  158 21  HOH HOH A . 
F 4 HOH 31  159 22  HOH HOH A . 
F 4 HOH 32  160 23  HOH HOH A . 
F 4 HOH 33  161 24  HOH HOH A . 
F 4 HOH 34  162 25  HOH HOH A . 
F 4 HOH 35  163 26  HOH HOH A . 
F 4 HOH 36  164 28  HOH HOH A . 
F 4 HOH 37  165 29  HOH HOH A . 
F 4 HOH 38  166 30  HOH HOH A . 
F 4 HOH 39  167 31  HOH HOH A . 
F 4 HOH 40  168 32  HOH HOH A . 
F 4 HOH 41  169 33  HOH HOH A . 
F 4 HOH 42  170 34  HOH HOH A . 
F 4 HOH 43  171 35  HOH HOH A . 
F 4 HOH 44  172 36  HOH HOH A . 
F 4 HOH 45  173 37  HOH HOH A . 
F 4 HOH 46  174 38  HOH HOH A . 
F 4 HOH 47  175 39  HOH HOH A . 
F 4 HOH 48  176 40  HOH HOH A . 
F 4 HOH 49  177 41  HOH HOH A . 
F 4 HOH 50  178 42  HOH HOH A . 
F 4 HOH 51  179 43  HOH HOH A . 
F 4 HOH 52  180 44  HOH HOH A . 
F 4 HOH 53  181 45  HOH HOH A . 
F 4 HOH 54  182 46  HOH HOH A . 
F 4 HOH 55  183 47  HOH HOH A . 
F 4 HOH 56  184 48  HOH HOH A . 
F 4 HOH 57  185 49  HOH HOH A . 
F 4 HOH 58  186 50  HOH HOH A . 
F 4 HOH 59  187 51  HOH HOH A . 
F 4 HOH 60  188 52  HOH HOH A . 
F 4 HOH 61  189 53  HOH HOH A . 
F 4 HOH 62  190 54  HOH HOH A . 
F 4 HOH 63  191 55  HOH HOH A . 
F 4 HOH 64  192 56  HOH HOH A . 
F 4 HOH 65  193 57  HOH HOH A . 
F 4 HOH 66  194 58  HOH HOH A . 
F 4 HOH 67  195 59  HOH HOH A . 
F 4 HOH 68  196 60  HOH HOH A . 
F 4 HOH 69  197 61  HOH HOH A . 
F 4 HOH 70  198 62  HOH HOH A . 
F 4 HOH 71  199 63  HOH HOH A . 
F 4 HOH 72  200 64  HOH HOH A . 
F 4 HOH 73  201 65  HOH HOH A . 
F 4 HOH 74  202 66  HOH HOH A . 
F 4 HOH 75  203 67  HOH HOH A . 
F 4 HOH 76  204 68  HOH HOH A . 
F 4 HOH 77  205 69  HOH HOH A . 
F 4 HOH 78  206 70  HOH HOH A . 
F 4 HOH 79  207 71  HOH HOH A . 
F 4 HOH 80  208 72  HOH HOH A . 
F 4 HOH 81  209 73  HOH HOH A . 
F 4 HOH 82  210 74  HOH HOH A . 
F 4 HOH 83  211 75  HOH HOH A . 
F 4 HOH 84  212 76  HOH HOH A . 
F 4 HOH 85  213 77  HOH HOH A . 
F 4 HOH 86  214 79  HOH HOH A . 
F 4 HOH 87  215 80  HOH HOH A . 
F 4 HOH 88  216 81  HOH HOH A . 
F 4 HOH 89  217 82  HOH HOH A . 
F 4 HOH 90  218 83  HOH HOH A . 
F 4 HOH 91  219 84  HOH HOH A . 
F 4 HOH 92  220 85  HOH HOH A . 
F 4 HOH 93  221 86  HOH HOH A . 
F 4 HOH 94  222 87  HOH HOH A . 
F 4 HOH 95  223 89  HOH HOH A . 
F 4 HOH 96  224 90  HOH HOH A . 
F 4 HOH 97  225 91  HOH HOH A . 
F 4 HOH 98  226 94  HOH HOH A . 
F 4 HOH 99  227 95  HOH HOH A . 
F 4 HOH 100 228 96  HOH HOH A . 
F 4 HOH 101 229 98  HOH HOH A . 
F 4 HOH 102 230 99  HOH HOH A . 
F 4 HOH 103 231 100 HOH HOH A . 
F 4 HOH 104 232 101 HOH HOH A . 
F 4 HOH 105 233 102 HOH HOH A . 
F 4 HOH 106 234 104 HOH HOH A . 
F 4 HOH 107 235 105 HOH HOH A . 
F 4 HOH 108 236 106 HOH HOH A . 
F 4 HOH 109 237 107 HOH HOH A . 
F 4 HOH 110 238 108 HOH HOH A . 
F 4 HOH 111 239 110 HOH HOH A . 
F 4 HOH 112 240 112 HOH HOH A . 
F 4 HOH 113 241 113 HOH HOH A . 
F 4 HOH 114 242 114 HOH HOH A . 
F 4 HOH 115 243 116 HOH HOH A . 
F 4 HOH 116 244 117 HOH HOH A . 
F 4 HOH 117 245 120 HOH HOH A . 
F 4 HOH 118 246 121 HOH HOH A . 
F 4 HOH 119 247 122 HOH HOH A . 
F 4 HOH 120 248 125 HOH HOH A . 
F 4 HOH 121 249 126 HOH HOH A . 
F 4 HOH 122 250 127 HOH HOH A . 
F 4 HOH 123 251 128 HOH HOH A . 
F 4 HOH 124 300 300 HOH HOH A . 
F 4 HOH 125 304 304 HOH HOH A . 
F 4 HOH 126 305 305 HOH HOH A . 
F 4 HOH 127 307 307 HOH HOH A . 
F 4 HOH 128 309 309 HOH HOH A . 
F 4 HOH 129 311 311 HOH HOH A . 
F 4 HOH 130 315 315 HOH HOH A . 
F 4 HOH 131 316 316 HOH HOH A . 
# 
_pdbx_struct_assembly.id                   1 
_pdbx_struct_assembly.details              author_and_software_defined_assembly 
_pdbx_struct_assembly.method_details       PISA 
_pdbx_struct_assembly.oligomeric_details   monomeric 
_pdbx_struct_assembly.oligomeric_count     1 
# 
_pdbx_struct_assembly_gen.assembly_id       1 
_pdbx_struct_assembly_gen.oper_expression   1 
_pdbx_struct_assembly_gen.asym_id_list      A,B,C,D,E,F 
# 
_pdbx_struct_oper_list.id                   1 
_pdbx_struct_oper_list.type                 'identity operation' 
_pdbx_struct_oper_list.name                 1_555 
_pdbx_struct_oper_list.symmetry_operation   x,y,z 
_pdbx_struct_oper_list.matrix[1][1]         1.0000000000 
_pdbx_struct_oper_list.matrix[1][2]         0.0000000000 
_pdbx_struct_oper_list.matrix[1][3]         0.0000000000 
_pdbx_struct_oper_list.vector[1]            0.0000000000 
_pdbx_struct_oper_list.matrix[2][1]         0.0000000000 
_pdbx_struct_oper_list.matrix[2][2]         1.0000000000 
_pdbx_struct_oper_list.matrix[2][3]         0.0000000000 
_pdbx_struct_oper_list.vector[2]            0.0000000000 
_pdbx_struct_oper_list.matrix[3][1]         0.0000000000 
_pdbx_struct_oper_list.matrix[3][2]         0.0000000000 
_pdbx_struct_oper_list.matrix[3][3]         1.0000000000 
_pdbx_struct_oper_list.vector[3]            0.0000000000 
# 
loop_
_pdbx_struct_conn_angle.id 
_pdbx_struct_conn_angle.ptnr1_label_atom_id 
_pdbx_struct_conn_angle.ptnr1_label_alt_id 
_pdbx_struct_conn_angle.ptnr1_label_asym_id 
_pdbx_struct_conn_angle.ptnr1_label_comp_id 
_pdbx_struct_conn_angle.ptnr1_label_seq_id 
_pdbx_struct_conn_angle.ptnr1_auth_atom_id 
_pdbx_struct_conn_angle.ptnr1_auth_asym_id 
_pdbx_struct_conn_angle.ptnr1_auth_comp_id 
_pdbx_struct_conn_angle.ptnr1_auth_seq_id 
_pdbx_struct_conn_angle.ptnr1_PDB_ins_code 
_pdbx_struct_conn_angle.ptnr1_symmetry 
_pdbx_struct_conn_angle.ptnr2_label_atom_id 
_pdbx_struct_conn_angle.ptnr2_label_alt_id 
_pdbx_struct_conn_angle.ptnr2_label_asym_id 
_pdbx_struct_conn_angle.ptnr2_label_comp_id 
_pdbx_struct_conn_angle.ptnr2_label_seq_id 
_pdbx_struct_conn_angle.ptnr2_auth_atom_id 
_pdbx_struct_conn_angle.ptnr2_auth_asym_id 
_pdbx_struct_conn_angle.ptnr2_auth_comp_id 
_pdbx_struct_conn_angle.ptnr2_auth_seq_id 
_pdbx_struct_conn_angle.ptnr2_PDB_ins_code 
_pdbx_struct_conn_angle.ptnr2_symmetry 
_pdbx_struct_conn_angle.ptnr3_label_atom_id 
_pdbx_struct_conn_angle.ptnr3_label_alt_id 
_pdbx_struct_conn_angle.ptnr3_label_asym_id 
_pdbx_struct_conn_angle.ptnr3_label_comp_id 
_pdbx_struct_conn_angle.ptnr3_label_seq_id 
_pdbx_struct_conn_angle.ptnr3_auth_atom_id 
_pdbx_struct_conn_angle.ptnr3_auth_asym_id 
_pdbx_struct_conn_angle.ptnr3_auth_comp_id 
_pdbx_struct_conn_angle.ptnr3_auth_seq_id 
_pdbx_struct_conn_angle.ptnr3_PDB_ins_code 
_pdbx_struct_conn_angle.ptnr3_symmetry 
_pdbx_struct_conn_angle.value 
_pdbx_struct_conn_angle.value_esd 
1  OD1 ? A ASP 13 ? A ASP 8   ? 1_555 MG ? E MG . ? A MG 128 ? 1_555 OD2 ? A ASP 58 ? A ASP 53  ? 1_555 84.5  ? 
2  OD1 ? A ASP 13 ? A ASP 8   ? 1_555 MG ? E MG . ? A MG 128 ? 1_555 O   ? A ASN 60 ? A ASN 55  ? 1_555 95.1  ? 
3  OD2 ? A ASP 58 ? A ASP 53  ? 1_555 MG ? E MG . ? A MG 128 ? 1_555 O   ? A ASN 60 ? A ASN 55  ? 1_555 87.0  ? 
4  OD1 ? A ASP 13 ? A ASP 8   ? 1_555 MG ? E MG . ? A MG 128 ? 1_555 O3  ? C SO4 .  ? A SO4 126 ? 1_555 159.2 ? 
5  OD2 ? A ASP 58 ? A ASP 53  ? 1_555 MG ? E MG . ? A MG 128 ? 1_555 O3  ? C SO4 .  ? A SO4 126 ? 1_555 115.6 ? 
6  O   ? A ASN 60 ? A ASN 55  ? 1_555 MG ? E MG . ? A MG 128 ? 1_555 O3  ? C SO4 .  ? A SO4 126 ? 1_555 91.5  ? 
7  OD1 ? A ASP 13 ? A ASP 8   ? 1_555 MG ? E MG . ? A MG 128 ? 1_555 O   ? F HOH .  ? A HOH 143 ? 1_555 78.2  ? 
8  OD2 ? A ASP 58 ? A ASP 53  ? 1_555 MG ? E MG . ? A MG 128 ? 1_555 O   ? F HOH .  ? A HOH 143 ? 1_555 93.5  ? 
9  O   ? A ASN 60 ? A ASN 55  ? 1_555 MG ? E MG . ? A MG 128 ? 1_555 O   ? F HOH .  ? A HOH 143 ? 1_555 173.3 ? 
10 O3  ? C SO4 .  ? A SO4 126 ? 1_555 MG ? E MG . ? A MG 128 ? 1_555 O   ? F HOH .  ? A HOH 143 ? 1_555 94.3  ? 
11 OD1 ? A ASP 13 ? A ASP 8   ? 1_555 MG ? E MG . ? A MG 128 ? 1_555 O   ? F HOH .  ? A HOH 305 ? 1_555 77.8  ? 
12 OD2 ? A ASP 58 ? A ASP 53  ? 1_555 MG ? E MG . ? A MG 128 ? 1_555 O   ? F HOH .  ? A HOH 305 ? 1_555 143.7 ? 
13 O   ? A ASN 60 ? A ASN 55  ? 1_555 MG ? E MG . ? A MG 128 ? 1_555 O   ? F HOH .  ? A HOH 305 ? 1_555 63.7  ? 
14 O3  ? C SO4 .  ? A SO4 126 ? 1_555 MG ? E MG . ? A MG 128 ? 1_555 O   ? F HOH .  ? A HOH 305 ? 1_555 87.6  ? 
15 O   ? F HOH .  ? A HOH 143 ? 1_555 MG ? E MG . ? A MG 128 ? 1_555 O   ? F HOH .  ? A HOH 305 ? 1_555 113.2 ? 
# 
loop_
_pdbx_audit_revision_history.ordinal 
_pdbx_audit_revision_history.data_content_type 
_pdbx_audit_revision_history.major_revision 
_pdbx_audit_revision_history.minor_revision 
_pdbx_audit_revision_history.revision_date 
1 'Structure model' 1 0 2010-03-09 
2 'Structure model' 1 1 2011-07-13 
3 'Structure model' 1 2 2021-11-10 
4 'Structure model' 1 3 2023-11-01 
# 
_pdbx_audit_revision_details.ordinal             1 
_pdbx_audit_revision_details.revision_ordinal    1 
_pdbx_audit_revision_details.data_content_type   'Structure model' 
_pdbx_audit_revision_details.provider            repository 
_pdbx_audit_revision_details.type                'Initial release' 
_pdbx_audit_revision_details.description         ? 
_pdbx_audit_revision_details.details             ? 
# 
loop_
_pdbx_audit_revision_group.ordinal 
_pdbx_audit_revision_group.revision_ordinal 
_pdbx_audit_revision_group.data_content_type 
_pdbx_audit_revision_group.group 
1 2 'Structure model' 'Version format compliance' 
2 3 'Structure model' 'Database references'       
3 3 'Structure model' 'Derived calculations'      
4 4 'Structure model' 'Data collection'           
5 4 'Structure model' 'Refinement description'    
# 
loop_
_pdbx_audit_revision_category.ordinal 
_pdbx_audit_revision_category.revision_ordinal 
_pdbx_audit_revision_category.data_content_type 
_pdbx_audit_revision_category.category 
1 3 'Structure model' database_2                    
2 3 'Structure model' struct_ref_seq_dif            
3 3 'Structure model' struct_site                   
4 4 'Structure model' chem_comp_atom                
5 4 'Structure model' chem_comp_bond                
6 4 'Structure model' pdbx_initial_refinement_model 
# 
loop_
_pdbx_audit_revision_item.ordinal 
_pdbx_audit_revision_item.revision_ordinal 
_pdbx_audit_revision_item.data_content_type 
_pdbx_audit_revision_item.item 
1 3 'Structure model' '_database_2.pdbx_DOI'                
2 3 'Structure model' '_database_2.pdbx_database_accession' 
3 3 'Structure model' '_struct_ref_seq_dif.details'         
4 3 'Structure model' '_struct_site.pdbx_auth_asym_id'      
5 3 'Structure model' '_struct_site.pdbx_auth_comp_id'      
6 3 'Structure model' '_struct_site.pdbx_auth_seq_id'       
# 
loop_
_software.name 
_software.classification 
_software.version 
_software.citation_id 
_software.pdbx_ordinal 
CrystalClear 'data collection' .        ? 1 
PHASER       phasing           .        ? 2 
REFMAC       refinement        5.4.0077 ? 3 
CrystalClear 'data reduction'  .        ? 4 
CrystalClear 'data scaling'    .        ? 5 
# 
_pdbx_validate_close_contact.id               1 
_pdbx_validate_close_contact.PDB_model_num    1 
_pdbx_validate_close_contact.auth_atom_id_1   N 
_pdbx_validate_close_contact.auth_asym_id_1   A 
_pdbx_validate_close_contact.auth_comp_id_1   MET 
_pdbx_validate_close_contact.auth_seq_id_1    1 
_pdbx_validate_close_contact.PDB_ins_code_1   ? 
_pdbx_validate_close_contact.label_alt_id_1   ? 
_pdbx_validate_close_contact.auth_atom_id_2   O 
_pdbx_validate_close_contact.auth_asym_id_2   A 
_pdbx_validate_close_contact.auth_comp_id_2   HOH 
_pdbx_validate_close_contact.auth_seq_id_2    147 
_pdbx_validate_close_contact.PDB_ins_code_2   ? 
_pdbx_validate_close_contact.label_alt_id_2   ? 
_pdbx_validate_close_contact.dist             2.03 
# 
_pdbx_validate_symm_contact.id                1 
_pdbx_validate_symm_contact.PDB_model_num     1 
_pdbx_validate_symm_contact.auth_atom_id_1    OE1 
_pdbx_validate_symm_contact.auth_asym_id_1    A 
_pdbx_validate_symm_contact.auth_comp_id_1    GLU 
_pdbx_validate_symm_contact.auth_seq_id_1     26 
_pdbx_validate_symm_contact.PDB_ins_code_1    ? 
_pdbx_validate_symm_contact.label_alt_id_1    ? 
_pdbx_validate_symm_contact.site_symmetry_1   1_555 
_pdbx_validate_symm_contact.auth_atom_id_2    O 
_pdbx_validate_symm_contact.auth_asym_id_2    A 
_pdbx_validate_symm_contact.auth_comp_id_2    HOH 
_pdbx_validate_symm_contact.auth_seq_id_2     309 
_pdbx_validate_symm_contact.PDB_ins_code_2    ? 
_pdbx_validate_symm_contact.label_alt_id_2    ? 
_pdbx_validate_symm_contact.site_symmetry_2   4_546 
_pdbx_validate_symm_contact.dist              1.90 
# 
loop_
_pdbx_validate_torsion.id 
_pdbx_validate_torsion.PDB_model_num 
_pdbx_validate_torsion.auth_comp_id 
_pdbx_validate_torsion.auth_asym_id 
_pdbx_validate_torsion.auth_seq_id 
_pdbx_validate_torsion.PDB_ins_code 
_pdbx_validate_torsion.label_alt_id 
_pdbx_validate_torsion.phi 
_pdbx_validate_torsion.psi 
1 1 MET A 56 ? ? -173.27 147.08 
2 1 MET A 59 ? ? 77.01   115.19 
# 
loop_
_pdbx_unobs_or_zero_occ_residues.id 
_pdbx_unobs_or_zero_occ_residues.PDB_model_num 
_pdbx_unobs_or_zero_occ_residues.polymer_flag 
_pdbx_unobs_or_zero_occ_residues.occupancy_flag 
_pdbx_unobs_or_zero_occ_residues.auth_asym_id 
_pdbx_unobs_or_zero_occ_residues.auth_comp_id 
_pdbx_unobs_or_zero_occ_residues.auth_seq_id 
_pdbx_unobs_or_zero_occ_residues.PDB_ins_code 
_pdbx_unobs_or_zero_occ_residues.label_asym_id 
_pdbx_unobs_or_zero_occ_residues.label_comp_id 
_pdbx_unobs_or_zero_occ_residues.label_seq_id 
1 1 Y 1 A GLY -4  ? A GLY 1   
2 1 Y 1 A PRO -3  ? A PRO 2   
3 1 Y 1 A LEU -2  ? A LEU 3   
4 1 Y 1 A GLY -1  ? A GLY 4   
5 1 Y 1 A SER 0   ? A SER 5   
6 1 Y 1 A ASP 124 ? A ASP 129 
# 
loop_
_chem_comp_atom.comp_id 
_chem_comp_atom.atom_id 
_chem_comp_atom.type_symbol 
_chem_comp_atom.pdbx_aromatic_flag 
_chem_comp_atom.pdbx_stereo_config 
_chem_comp_atom.pdbx_ordinal 
ALA N    N  N N 1   
ALA CA   C  N S 2   
ALA C    C  N N 3   
ALA O    O  N N 4   
ALA CB   C  N N 5   
ALA OXT  O  N N 6   
ALA H    H  N N 7   
ALA H2   H  N N 8   
ALA HA   H  N N 9   
ALA HB1  H  N N 10  
ALA HB2  H  N N 11  
ALA HB3  H  N N 12  
ALA HXT  H  N N 13  
ARG N    N  N N 14  
ARG CA   C  N S 15  
ARG C    C  N N 16  
ARG O    O  N N 17  
ARG CB   C  N N 18  
ARG CG   C  N N 19  
ARG CD   C  N N 20  
ARG NE   N  N N 21  
ARG CZ   C  N N 22  
ARG NH1  N  N N 23  
ARG NH2  N  N N 24  
ARG OXT  O  N N 25  
ARG H    H  N N 26  
ARG H2   H  N N 27  
ARG HA   H  N N 28  
ARG HB2  H  N N 29  
ARG HB3  H  N N 30  
ARG HG2  H  N N 31  
ARG HG3  H  N N 32  
ARG HD2  H  N N 33  
ARG HD3  H  N N 34  
ARG HE   H  N N 35  
ARG HH11 H  N N 36  
ARG HH12 H  N N 37  
ARG HH21 H  N N 38  
ARG HH22 H  N N 39  
ARG HXT  H  N N 40  
ASN N    N  N N 41  
ASN CA   C  N S 42  
ASN C    C  N N 43  
ASN O    O  N N 44  
ASN CB   C  N N 45  
ASN CG   C  N N 46  
ASN OD1  O  N N 47  
ASN ND2  N  N N 48  
ASN OXT  O  N N 49  
ASN H    H  N N 50  
ASN H2   H  N N 51  
ASN HA   H  N N 52  
ASN HB2  H  N N 53  
ASN HB3  H  N N 54  
ASN HD21 H  N N 55  
ASN HD22 H  N N 56  
ASN HXT  H  N N 57  
ASP N    N  N N 58  
ASP CA   C  N S 59  
ASP C    C  N N 60  
ASP O    O  N N 61  
ASP CB   C  N N 62  
ASP CG   C  N N 63  
ASP OD1  O  N N 64  
ASP OD2  O  N N 65  
ASP OXT  O  N N 66  
ASP H    H  N N 67  
ASP H2   H  N N 68  
ASP HA   H  N N 69  
ASP HB2  H  N N 70  
ASP HB3  H  N N 71  
ASP HD2  H  N N 72  
ASP HXT  H  N N 73  
GLN N    N  N N 74  
GLN CA   C  N S 75  
GLN C    C  N N 76  
GLN O    O  N N 77  
GLN CB   C  N N 78  
GLN CG   C  N N 79  
GLN CD   C  N N 80  
GLN OE1  O  N N 81  
GLN NE2  N  N N 82  
GLN OXT  O  N N 83  
GLN H    H  N N 84  
GLN H2   H  N N 85  
GLN HA   H  N N 86  
GLN HB2  H  N N 87  
GLN HB3  H  N N 88  
GLN HG2  H  N N 89  
GLN HG3  H  N N 90  
GLN HE21 H  N N 91  
GLN HE22 H  N N 92  
GLN HXT  H  N N 93  
GLU N    N  N N 94  
GLU CA   C  N S 95  
GLU C    C  N N 96  
GLU O    O  N N 97  
GLU CB   C  N N 98  
GLU CG   C  N N 99  
GLU CD   C  N N 100 
GLU OE1  O  N N 101 
GLU OE2  O  N N 102 
GLU OXT  O  N N 103 
GLU H    H  N N 104 
GLU H2   H  N N 105 
GLU HA   H  N N 106 
GLU HB2  H  N N 107 
GLU HB3  H  N N 108 
GLU HG2  H  N N 109 
GLU HG3  H  N N 110 
GLU HE2  H  N N 111 
GLU HXT  H  N N 112 
GLY N    N  N N 113 
GLY CA   C  N N 114 
GLY C    C  N N 115 
GLY O    O  N N 116 
GLY OXT  O  N N 117 
GLY H    H  N N 118 
GLY H2   H  N N 119 
GLY HA2  H  N N 120 
GLY HA3  H  N N 121 
GLY HXT  H  N N 122 
HIS N    N  N N 123 
HIS CA   C  N S 124 
HIS C    C  N N 125 
HIS O    O  N N 126 
HIS CB   C  N N 127 
HIS CG   C  Y N 128 
HIS ND1  N  Y N 129 
HIS CD2  C  Y N 130 
HIS CE1  C  Y N 131 
HIS NE2  N  Y N 132 
HIS OXT  O  N N 133 
HIS H    H  N N 134 
HIS H2   H  N N 135 
HIS HA   H  N N 136 
HIS HB2  H  N N 137 
HIS HB3  H  N N 138 
HIS HD1  H  N N 139 
HIS HD2  H  N N 140 
HIS HE1  H  N N 141 
HIS HE2  H  N N 142 
HIS HXT  H  N N 143 
HOH O    O  N N 144 
HOH H1   H  N N 145 
HOH H2   H  N N 146 
ILE N    N  N N 147 
ILE CA   C  N S 148 
ILE C    C  N N 149 
ILE O    O  N N 150 
ILE CB   C  N S 151 
ILE CG1  C  N N 152 
ILE CG2  C  N N 153 
ILE CD1  C  N N 154 
ILE OXT  O  N N 155 
ILE H    H  N N 156 
ILE H2   H  N N 157 
ILE HA   H  N N 158 
ILE HB   H  N N 159 
ILE HG12 H  N N 160 
ILE HG13 H  N N 161 
ILE HG21 H  N N 162 
ILE HG22 H  N N 163 
ILE HG23 H  N N 164 
ILE HD11 H  N N 165 
ILE HD12 H  N N 166 
ILE HD13 H  N N 167 
ILE HXT  H  N N 168 
LEU N    N  N N 169 
LEU CA   C  N S 170 
LEU C    C  N N 171 
LEU O    O  N N 172 
LEU CB   C  N N 173 
LEU CG   C  N N 174 
LEU CD1  C  N N 175 
LEU CD2  C  N N 176 
LEU OXT  O  N N 177 
LEU H    H  N N 178 
LEU H2   H  N N 179 
LEU HA   H  N N 180 
LEU HB2  H  N N 181 
LEU HB3  H  N N 182 
LEU HG   H  N N 183 
LEU HD11 H  N N 184 
LEU HD12 H  N N 185 
LEU HD13 H  N N 186 
LEU HD21 H  N N 187 
LEU HD22 H  N N 188 
LEU HD23 H  N N 189 
LEU HXT  H  N N 190 
LYS N    N  N N 191 
LYS CA   C  N S 192 
LYS C    C  N N 193 
LYS O    O  N N 194 
LYS CB   C  N N 195 
LYS CG   C  N N 196 
LYS CD   C  N N 197 
LYS CE   C  N N 198 
LYS NZ   N  N N 199 
LYS OXT  O  N N 200 
LYS H    H  N N 201 
LYS H2   H  N N 202 
LYS HA   H  N N 203 
LYS HB2  H  N N 204 
LYS HB3  H  N N 205 
LYS HG2  H  N N 206 
LYS HG3  H  N N 207 
LYS HD2  H  N N 208 
LYS HD3  H  N N 209 
LYS HE2  H  N N 210 
LYS HE3  H  N N 211 
LYS HZ1  H  N N 212 
LYS HZ2  H  N N 213 
LYS HZ3  H  N N 214 
LYS HXT  H  N N 215 
MET N    N  N N 216 
MET CA   C  N S 217 
MET C    C  N N 218 
MET O    O  N N 219 
MET CB   C  N N 220 
MET CG   C  N N 221 
MET SD   S  N N 222 
MET CE   C  N N 223 
MET OXT  O  N N 224 
MET H    H  N N 225 
MET H2   H  N N 226 
MET HA   H  N N 227 
MET HB2  H  N N 228 
MET HB3  H  N N 229 
MET HG2  H  N N 230 
MET HG3  H  N N 231 
MET HE1  H  N N 232 
MET HE2  H  N N 233 
MET HE3  H  N N 234 
MET HXT  H  N N 235 
MG  MG   MG N N 236 
PHE N    N  N N 237 
PHE CA   C  N S 238 
PHE C    C  N N 239 
PHE O    O  N N 240 
PHE CB   C  N N 241 
PHE CG   C  Y N 242 
PHE CD1  C  Y N 243 
PHE CD2  C  Y N 244 
PHE CE1  C  Y N 245 
PHE CE2  C  Y N 246 
PHE CZ   C  Y N 247 
PHE OXT  O  N N 248 
PHE H    H  N N 249 
PHE H2   H  N N 250 
PHE HA   H  N N 251 
PHE HB2  H  N N 252 
PHE HB3  H  N N 253 
PHE HD1  H  N N 254 
PHE HD2  H  N N 255 
PHE HE1  H  N N 256 
PHE HE2  H  N N 257 
PHE HZ   H  N N 258 
PHE HXT  H  N N 259 
PRO N    N  N N 260 
PRO CA   C  N S 261 
PRO C    C  N N 262 
PRO O    O  N N 263 
PRO CB   C  N N 264 
PRO CG   C  N N 265 
PRO CD   C  N N 266 
PRO OXT  O  N N 267 
PRO H    H  N N 268 
PRO HA   H  N N 269 
PRO HB2  H  N N 270 
PRO HB3  H  N N 271 
PRO HG2  H  N N 272 
PRO HG3  H  N N 273 
PRO HD2  H  N N 274 
PRO HD3  H  N N 275 
PRO HXT  H  N N 276 
SER N    N  N N 277 
SER CA   C  N S 278 
SER C    C  N N 279 
SER O    O  N N 280 
SER CB   C  N N 281 
SER OG   O  N N 282 
SER OXT  O  N N 283 
SER H    H  N N 284 
SER H2   H  N N 285 
SER HA   H  N N 286 
SER HB2  H  N N 287 
SER HB3  H  N N 288 
SER HG   H  N N 289 
SER HXT  H  N N 290 
SO4 S    S  N N 291 
SO4 O1   O  N N 292 
SO4 O2   O  N N 293 
SO4 O3   O  N N 294 
SO4 O4   O  N N 295 
THR N    N  N N 296 
THR CA   C  N S 297 
THR C    C  N N 298 
THR O    O  N N 299 
THR CB   C  N R 300 
THR OG1  O  N N 301 
THR CG2  C  N N 302 
THR OXT  O  N N 303 
THR H    H  N N 304 
THR H2   H  N N 305 
THR HA   H  N N 306 
THR HB   H  N N 307 
THR HG1  H  N N 308 
THR HG21 H  N N 309 
THR HG22 H  N N 310 
THR HG23 H  N N 311 
THR HXT  H  N N 312 
TRP N    N  N N 313 
TRP CA   C  N S 314 
TRP C    C  N N 315 
TRP O    O  N N 316 
TRP CB   C  N N 317 
TRP CG   C  Y N 318 
TRP CD1  C  Y N 319 
TRP CD2  C  Y N 320 
TRP NE1  N  Y N 321 
TRP CE2  C  Y N 322 
TRP CE3  C  Y N 323 
TRP CZ2  C  Y N 324 
TRP CZ3  C  Y N 325 
TRP CH2  C  Y N 326 
TRP OXT  O  N N 327 
TRP H    H  N N 328 
TRP H2   H  N N 329 
TRP HA   H  N N 330 
TRP HB2  H  N N 331 
TRP HB3  H  N N 332 
TRP HD1  H  N N 333 
TRP HE1  H  N N 334 
TRP HE3  H  N N 335 
TRP HZ2  H  N N 336 
TRP HZ3  H  N N 337 
TRP HH2  H  N N 338 
TRP HXT  H  N N 339 
TYR N    N  N N 340 
TYR CA   C  N S 341 
TYR C    C  N N 342 
TYR O    O  N N 343 
TYR CB   C  N N 344 
TYR CG   C  Y N 345 
TYR CD1  C  Y N 346 
TYR CD2  C  Y N 347 
TYR CE1  C  Y N 348 
TYR CE2  C  Y N 349 
TYR CZ   C  Y N 350 
TYR OH   O  N N 351 
TYR OXT  O  N N 352 
TYR H    H  N N 353 
TYR H2   H  N N 354 
TYR HA   H  N N 355 
TYR HB2  H  N N 356 
TYR HB3  H  N N 357 
TYR HD1  H  N N 358 
TYR HD2  H  N N 359 
TYR HE1  H  N N 360 
TYR HE2  H  N N 361 
TYR HH   H  N N 362 
TYR HXT  H  N N 363 
VAL N    N  N N 364 
VAL CA   C  N S 365 
VAL C    C  N N 366 
VAL O    O  N N 367 
VAL CB   C  N N 368 
VAL CG1  C  N N 369 
VAL CG2  C  N N 370 
VAL OXT  O  N N 371 
VAL H    H  N N 372 
VAL H2   H  N N 373 
VAL HA   H  N N 374 
VAL HB   H  N N 375 
VAL HG11 H  N N 376 
VAL HG12 H  N N 377 
VAL HG13 H  N N 378 
VAL HG21 H  N N 379 
VAL HG22 H  N N 380 
VAL HG23 H  N N 381 
VAL HXT  H  N N 382 
# 
loop_
_chem_comp_bond.comp_id 
_chem_comp_bond.atom_id_1 
_chem_comp_bond.atom_id_2 
_chem_comp_bond.value_order 
_chem_comp_bond.pdbx_aromatic_flag 
_chem_comp_bond.pdbx_stereo_config 
_chem_comp_bond.pdbx_ordinal 
ALA N   CA   sing N N 1   
ALA N   H    sing N N 2   
ALA N   H2   sing N N 3   
ALA CA  C    sing N N 4   
ALA CA  CB   sing N N 5   
ALA CA  HA   sing N N 6   
ALA C   O    doub N N 7   
ALA C   OXT  sing N N 8   
ALA CB  HB1  sing N N 9   
ALA CB  HB2  sing N N 10  
ALA CB  HB3  sing N N 11  
ALA OXT HXT  sing N N 12  
ARG N   CA   sing N N 13  
ARG N   H    sing N N 14  
ARG N   H2   sing N N 15  
ARG CA  C    sing N N 16  
ARG CA  CB   sing N N 17  
ARG CA  HA   sing N N 18  
ARG C   O    doub N N 19  
ARG C   OXT  sing N N 20  
ARG CB  CG   sing N N 21  
ARG CB  HB2  sing N N 22  
ARG CB  HB3  sing N N 23  
ARG CG  CD   sing N N 24  
ARG CG  HG2  sing N N 25  
ARG CG  HG3  sing N N 26  
ARG CD  NE   sing N N 27  
ARG CD  HD2  sing N N 28  
ARG CD  HD3  sing N N 29  
ARG NE  CZ   sing N N 30  
ARG NE  HE   sing N N 31  
ARG CZ  NH1  sing N N 32  
ARG CZ  NH2  doub N N 33  
ARG NH1 HH11 sing N N 34  
ARG NH1 HH12 sing N N 35  
ARG NH2 HH21 sing N N 36  
ARG NH2 HH22 sing N N 37  
ARG OXT HXT  sing N N 38  
ASN N   CA   sing N N 39  
ASN N   H    sing N N 40  
ASN N   H2   sing N N 41  
ASN CA  C    sing N N 42  
ASN CA  CB   sing N N 43  
ASN CA  HA   sing N N 44  
ASN C   O    doub N N 45  
ASN C   OXT  sing N N 46  
ASN CB  CG   sing N N 47  
ASN CB  HB2  sing N N 48  
ASN CB  HB3  sing N N 49  
ASN CG  OD1  doub N N 50  
ASN CG  ND2  sing N N 51  
ASN ND2 HD21 sing N N 52  
ASN ND2 HD22 sing N N 53  
ASN OXT HXT  sing N N 54  
ASP N   CA   sing N N 55  
ASP N   H    sing N N 56  
ASP N   H2   sing N N 57  
ASP CA  C    sing N N 58  
ASP CA  CB   sing N N 59  
ASP CA  HA   sing N N 60  
ASP C   O    doub N N 61  
ASP C   OXT  sing N N 62  
ASP CB  CG   sing N N 63  
ASP CB  HB2  sing N N 64  
ASP CB  HB3  sing N N 65  
ASP CG  OD1  doub N N 66  
ASP CG  OD2  sing N N 67  
ASP OD2 HD2  sing N N 68  
ASP OXT HXT  sing N N 69  
GLN N   CA   sing N N 70  
GLN N   H    sing N N 71  
GLN N   H2   sing N N 72  
GLN CA  C    sing N N 73  
GLN CA  CB   sing N N 74  
GLN CA  HA   sing N N 75  
GLN C   O    doub N N 76  
GLN C   OXT  sing N N 77  
GLN CB  CG   sing N N 78  
GLN CB  HB2  sing N N 79  
GLN CB  HB3  sing N N 80  
GLN CG  CD   sing N N 81  
GLN CG  HG2  sing N N 82  
GLN CG  HG3  sing N N 83  
GLN CD  OE1  doub N N 84  
GLN CD  NE2  sing N N 85  
GLN NE2 HE21 sing N N 86  
GLN NE2 HE22 sing N N 87  
GLN OXT HXT  sing N N 88  
GLU N   CA   sing N N 89  
GLU N   H    sing N N 90  
GLU N   H2   sing N N 91  
GLU CA  C    sing N N 92  
GLU CA  CB   sing N N 93  
GLU CA  HA   sing N N 94  
GLU C   O    doub N N 95  
GLU C   OXT  sing N N 96  
GLU CB  CG   sing N N 97  
GLU CB  HB2  sing N N 98  
GLU CB  HB3  sing N N 99  
GLU CG  CD   sing N N 100 
GLU CG  HG2  sing N N 101 
GLU CG  HG3  sing N N 102 
GLU CD  OE1  doub N N 103 
GLU CD  OE2  sing N N 104 
GLU OE2 HE2  sing N N 105 
GLU OXT HXT  sing N N 106 
GLY N   CA   sing N N 107 
GLY N   H    sing N N 108 
GLY N   H2   sing N N 109 
GLY CA  C    sing N N 110 
GLY CA  HA2  sing N N 111 
GLY CA  HA3  sing N N 112 
GLY C   O    doub N N 113 
GLY C   OXT  sing N N 114 
GLY OXT HXT  sing N N 115 
HIS N   CA   sing N N 116 
HIS N   H    sing N N 117 
HIS N   H2   sing N N 118 
HIS CA  C    sing N N 119 
HIS CA  CB   sing N N 120 
HIS CA  HA   sing N N 121 
HIS C   O    doub N N 122 
HIS C   OXT  sing N N 123 
HIS CB  CG   sing N N 124 
HIS CB  HB2  sing N N 125 
HIS CB  HB3  sing N N 126 
HIS CG  ND1  sing Y N 127 
HIS CG  CD2  doub Y N 128 
HIS ND1 CE1  doub Y N 129 
HIS ND1 HD1  sing N N 130 
HIS CD2 NE2  sing Y N 131 
HIS CD2 HD2  sing N N 132 
HIS CE1 NE2  sing Y N 133 
HIS CE1 HE1  sing N N 134 
HIS NE2 HE2  sing N N 135 
HIS OXT HXT  sing N N 136 
HOH O   H1   sing N N 137 
HOH O   H2   sing N N 138 
ILE N   CA   sing N N 139 
ILE N   H    sing N N 140 
ILE N   H2   sing N N 141 
ILE CA  C    sing N N 142 
ILE CA  CB   sing N N 143 
ILE CA  HA   sing N N 144 
ILE C   O    doub N N 145 
ILE C   OXT  sing N N 146 
ILE CB  CG1  sing N N 147 
ILE CB  CG2  sing N N 148 
ILE CB  HB   sing N N 149 
ILE CG1 CD1  sing N N 150 
ILE CG1 HG12 sing N N 151 
ILE CG1 HG13 sing N N 152 
ILE CG2 HG21 sing N N 153 
ILE CG2 HG22 sing N N 154 
ILE CG2 HG23 sing N N 155 
ILE CD1 HD11 sing N N 156 
ILE CD1 HD12 sing N N 157 
ILE CD1 HD13 sing N N 158 
ILE OXT HXT  sing N N 159 
LEU N   CA   sing N N 160 
LEU N   H    sing N N 161 
LEU N   H2   sing N N 162 
LEU CA  C    sing N N 163 
LEU CA  CB   sing N N 164 
LEU CA  HA   sing N N 165 
LEU C   O    doub N N 166 
LEU C   OXT  sing N N 167 
LEU CB  CG   sing N N 168 
LEU CB  HB2  sing N N 169 
LEU CB  HB3  sing N N 170 
LEU CG  CD1  sing N N 171 
LEU CG  CD2  sing N N 172 
LEU CG  HG   sing N N 173 
LEU CD1 HD11 sing N N 174 
LEU CD1 HD12 sing N N 175 
LEU CD1 HD13 sing N N 176 
LEU CD2 HD21 sing N N 177 
LEU CD2 HD22 sing N N 178 
LEU CD2 HD23 sing N N 179 
LEU OXT HXT  sing N N 180 
LYS N   CA   sing N N 181 
LYS N   H    sing N N 182 
LYS N   H2   sing N N 183 
LYS CA  C    sing N N 184 
LYS CA  CB   sing N N 185 
LYS CA  HA   sing N N 186 
LYS C   O    doub N N 187 
LYS C   OXT  sing N N 188 
LYS CB  CG   sing N N 189 
LYS CB  HB2  sing N N 190 
LYS CB  HB3  sing N N 191 
LYS CG  CD   sing N N 192 
LYS CG  HG2  sing N N 193 
LYS CG  HG3  sing N N 194 
LYS CD  CE   sing N N 195 
LYS CD  HD2  sing N N 196 
LYS CD  HD3  sing N N 197 
LYS CE  NZ   sing N N 198 
LYS CE  HE2  sing N N 199 
LYS CE  HE3  sing N N 200 
LYS NZ  HZ1  sing N N 201 
LYS NZ  HZ2  sing N N 202 
LYS NZ  HZ3  sing N N 203 
LYS OXT HXT  sing N N 204 
MET N   CA   sing N N 205 
MET N   H    sing N N 206 
MET N   H2   sing N N 207 
MET CA  C    sing N N 208 
MET CA  CB   sing N N 209 
MET CA  HA   sing N N 210 
MET C   O    doub N N 211 
MET C   OXT  sing N N 212 
MET CB  CG   sing N N 213 
MET CB  HB2  sing N N 214 
MET CB  HB3  sing N N 215 
MET CG  SD   sing N N 216 
MET CG  HG2  sing N N 217 
MET CG  HG3  sing N N 218 
MET SD  CE   sing N N 219 
MET CE  HE1  sing N N 220 
MET CE  HE2  sing N N 221 
MET CE  HE3  sing N N 222 
MET OXT HXT  sing N N 223 
PHE N   CA   sing N N 224 
PHE N   H    sing N N 225 
PHE N   H2   sing N N 226 
PHE CA  C    sing N N 227 
PHE CA  CB   sing N N 228 
PHE CA  HA   sing N N 229 
PHE C   O    doub N N 230 
PHE C   OXT  sing N N 231 
PHE CB  CG   sing N N 232 
PHE CB  HB2  sing N N 233 
PHE CB  HB3  sing N N 234 
PHE CG  CD1  doub Y N 235 
PHE CG  CD2  sing Y N 236 
PHE CD1 CE1  sing Y N 237 
PHE CD1 HD1  sing N N 238 
PHE CD2 CE2  doub Y N 239 
PHE CD2 HD2  sing N N 240 
PHE CE1 CZ   doub Y N 241 
PHE CE1 HE1  sing N N 242 
PHE CE2 CZ   sing Y N 243 
PHE CE2 HE2  sing N N 244 
PHE CZ  HZ   sing N N 245 
PHE OXT HXT  sing N N 246 
PRO N   CA   sing N N 247 
PRO N   CD   sing N N 248 
PRO N   H    sing N N 249 
PRO CA  C    sing N N 250 
PRO CA  CB   sing N N 251 
PRO CA  HA   sing N N 252 
PRO C   O    doub N N 253 
PRO C   OXT  sing N N 254 
PRO CB  CG   sing N N 255 
PRO CB  HB2  sing N N 256 
PRO CB  HB3  sing N N 257 
PRO CG  CD   sing N N 258 
PRO CG  HG2  sing N N 259 
PRO CG  HG3  sing N N 260 
PRO CD  HD2  sing N N 261 
PRO CD  HD3  sing N N 262 
PRO OXT HXT  sing N N 263 
SER N   CA   sing N N 264 
SER N   H    sing N N 265 
SER N   H2   sing N N 266 
SER CA  C    sing N N 267 
SER CA  CB   sing N N 268 
SER CA  HA   sing N N 269 
SER C   O    doub N N 270 
SER C   OXT  sing N N 271 
SER CB  OG   sing N N 272 
SER CB  HB2  sing N N 273 
SER CB  HB3  sing N N 274 
SER OG  HG   sing N N 275 
SER OXT HXT  sing N N 276 
SO4 S   O1   doub N N 277 
SO4 S   O2   doub N N 278 
SO4 S   O3   sing N N 279 
SO4 S   O4   sing N N 280 
THR N   CA   sing N N 281 
THR N   H    sing N N 282 
THR N   H2   sing N N 283 
THR CA  C    sing N N 284 
THR CA  CB   sing N N 285 
THR CA  HA   sing N N 286 
THR C   O    doub N N 287 
THR C   OXT  sing N N 288 
THR CB  OG1  sing N N 289 
THR CB  CG2  sing N N 290 
THR CB  HB   sing N N 291 
THR OG1 HG1  sing N N 292 
THR CG2 HG21 sing N N 293 
THR CG2 HG22 sing N N 294 
THR CG2 HG23 sing N N 295 
THR OXT HXT  sing N N 296 
TRP N   CA   sing N N 297 
TRP N   H    sing N N 298 
TRP N   H2   sing N N 299 
TRP CA  C    sing N N 300 
TRP CA  CB   sing N N 301 
TRP CA  HA   sing N N 302 
TRP C   O    doub N N 303 
TRP C   OXT  sing N N 304 
TRP CB  CG   sing N N 305 
TRP CB  HB2  sing N N 306 
TRP CB  HB3  sing N N 307 
TRP CG  CD1  doub Y N 308 
TRP CG  CD2  sing Y N 309 
TRP CD1 NE1  sing Y N 310 
TRP CD1 HD1  sing N N 311 
TRP CD2 CE2  doub Y N 312 
TRP CD2 CE3  sing Y N 313 
TRP NE1 CE2  sing Y N 314 
TRP NE1 HE1  sing N N 315 
TRP CE2 CZ2  sing Y N 316 
TRP CE3 CZ3  doub Y N 317 
TRP CE3 HE3  sing N N 318 
TRP CZ2 CH2  doub Y N 319 
TRP CZ2 HZ2  sing N N 320 
TRP CZ3 CH2  sing Y N 321 
TRP CZ3 HZ3  sing N N 322 
TRP CH2 HH2  sing N N 323 
TRP OXT HXT  sing N N 324 
TYR N   CA   sing N N 325 
TYR N   H    sing N N 326 
TYR N   H2   sing N N 327 
TYR CA  C    sing N N 328 
TYR CA  CB   sing N N 329 
TYR CA  HA   sing N N 330 
TYR C   O    doub N N 331 
TYR C   OXT  sing N N 332 
TYR CB  CG   sing N N 333 
TYR CB  HB2  sing N N 334 
TYR CB  HB3  sing N N 335 
TYR CG  CD1  doub Y N 336 
TYR CG  CD2  sing Y N 337 
TYR CD1 CE1  sing Y N 338 
TYR CD1 HD1  sing N N 339 
TYR CD2 CE2  doub Y N 340 
TYR CD2 HD2  sing N N 341 
TYR CE1 CZ   doub Y N 342 
TYR CE1 HE1  sing N N 343 
TYR CE2 CZ   sing Y N 344 
TYR CE2 HE2  sing N N 345 
TYR CZ  OH   sing N N 346 
TYR OH  HH   sing N N 347 
TYR OXT HXT  sing N N 348 
VAL N   CA   sing N N 349 
VAL N   H    sing N N 350 
VAL N   H2   sing N N 351 
VAL CA  C    sing N N 352 
VAL CA  CB   sing N N 353 
VAL CA  HA   sing N N 354 
VAL C   O    doub N N 355 
VAL C   OXT  sing N N 356 
VAL CB  CG1  sing N N 357 
VAL CB  CG2  sing N N 358 
VAL CB  HB   sing N N 359 
VAL CG1 HG11 sing N N 360 
VAL CG1 HG12 sing N N 361 
VAL CG1 HG13 sing N N 362 
VAL CG2 HG21 sing N N 363 
VAL CG2 HG22 sing N N 364 
VAL CG2 HG23 sing N N 365 
VAL OXT HXT  sing N N 366 
# 
loop_
_pdbx_entity_nonpoly.entity_id 
_pdbx_entity_nonpoly.name 
_pdbx_entity_nonpoly.comp_id 
2 'SULFATE ION'   SO4 
3 'MAGNESIUM ION' MG  
4 water           HOH 
# 
_pdbx_initial_refinement_model.id               1 
_pdbx_initial_refinement_model.entity_id_list   ? 
_pdbx_initial_refinement_model.type             'experimental model' 
_pdbx_initial_refinement_model.source_name      PDB 
_pdbx_initial_refinement_model.accession_code   3GWG 
_pdbx_initial_refinement_model.details          ? 
# 
